data_8EBP
#
_entry.id   8EBP
#
_cell.length_a   1.00
_cell.length_b   1.00
_cell.length_c   1.00
_cell.angle_alpha   90.00
_cell.angle_beta   90.00
_cell.angle_gamma   90.00
#
_symmetry.space_group_name_H-M   'P 1'
#
loop_
_entity.id
_entity.type
_entity.pdbx_description
1 polymer 'Fusion glycoprotein F0'
2 polymer 'RSV-199 light chain protein'
3 polymer 'RSV-199 heavy chain protein'
#
loop_
_entity_poly.entity_id
_entity_poly.type
_entity_poly.pdbx_seq_one_letter_code
_entity_poly.pdbx_strand_id
1 'polypeptide(L)'
;LKESYLEESCSTITEGYLSVLRTGWYTNVFTLEVGDVENLTCADGPSLIKTELDLTKSALRELRTVSADQLAREEQIENP
RRRRFVLGAIALGVCTAAAVTAGVAIAKTIRLESEVTAIKNALKKTNEAVSTLGNGVRVLATAVRELKDFVSKNLTRAIN
KNKCDIPDLKMAVSFSQFNRRFLNVVRQFSDNAGITPAISLDLMTDAELARAVSNMPTSAGQIKLMLENRAMVRRKGFGI
LIGVYGSSVIYMVQLPIFGVIDTPCWIVKAAPSCSEKKGNYACLLREDQGWYCQNAGSTVYYPNEKDCETRGDHVFCDTA
CGINVAEQSKECNINISTTNYPCKVSTGRHPISMVALSPLGALVACYKGVSCSIGSNRVGIIKQLNKGCSYITNQDADTV
TIDNTVYQLSKVEGEQHVIKGRPVSSSFDPVKFPE
;
A,B
2 'polypeptide(L)'
;QAVVTQPPSVSGAPGQRVIISCTGSGSNLGADYGVHWYQQLPGTAPKLLIYGDRNRPSGVPDRFSGSKSGTSASLAITGL
QAEDEADYYCQSYDRSLNWVFGGGTKLTVLGQPKAAPSVTLFPPSSEELQANKATLVCLISDFYPGAVTVAWKADSSPVN
AGVETTKPSKQSNNKYAASSYLSLTPEQWKSHKSYSCQVTHEGSTVEKTVAPAECS
;
L,M
3 'polypeptide(L)'
;QVQLVESGGGVVKPGGSLRVSCVVSGFTFSSYRMHWVRQAPGKGLEWVSSITASSSYINYAESVKGRFTISRDNAKNSLY
LQMNSLRAEDTAVYYCARDENTGISHYWFDPWGQGTLVTVSSASTKGPSVFPLAPSSKSTSGGTAALGCLVKDYFPEPVT
VSWNSGALTSGVHTFPAVLQSSGLYSLSSVVTVPSSSLGTQTYICNVNHKPSNTKVDKKVEPKSC
;
H,I
#
# COMPACT_ATOMS: atom_id res chain seq x y z
N LEU A 1 -2.98 -29.70 22.67
CA LEU A 1 -3.91 -29.58 21.56
C LEU A 1 -4.74 -30.85 21.42
N LYS A 2 -6.05 -30.69 21.26
CA LYS A 2 -6.97 -31.80 21.09
C LYS A 2 -7.80 -31.57 19.83
N GLU A 3 -7.85 -32.58 18.97
CA GLU A 3 -8.64 -32.53 17.75
C GLU A 3 -9.66 -33.66 17.75
N SER A 4 -10.89 -33.35 17.39
CA SER A 4 -11.97 -34.32 17.35
C SER A 4 -12.54 -34.36 15.95
N TYR A 5 -12.60 -35.56 15.37
CA TYR A 5 -13.18 -35.73 14.05
C TYR A 5 -14.68 -35.88 14.14
N LEU A 6 -15.39 -35.06 13.36
CA LEU A 6 -16.85 -35.11 13.29
C LEU A 6 -17.22 -35.89 12.04
N GLU A 7 -17.20 -37.22 12.15
CA GLU A 7 -17.54 -38.08 11.02
C GLU A 7 -18.96 -37.87 10.54
N GLU A 8 -19.83 -37.31 11.39
CA GLU A 8 -21.21 -37.07 10.98
C GLU A 8 -21.27 -36.08 9.83
N SER A 9 -20.42 -35.04 9.86
CA SER A 9 -20.43 -34.00 8.85
C SER A 9 -19.08 -33.82 8.17
N CYS A 10 -18.12 -34.71 8.41
CA CYS A 10 -16.80 -34.65 7.79
C CYS A 10 -16.12 -33.31 8.09
N SER A 11 -16.00 -33.00 9.37
CA SER A 11 -15.39 -31.75 9.83
C SER A 11 -14.55 -32.02 11.07
N THR A 12 -13.71 -31.07 11.42
CA THR A 12 -12.76 -31.21 12.52
C THR A 12 -12.77 -29.96 13.39
N ILE A 13 -12.45 -30.14 14.66
CA ILE A 13 -12.29 -29.03 15.59
C ILE A 13 -11.05 -29.28 16.44
N THR A 14 -10.21 -28.25 16.57
CA THR A 14 -9.06 -28.27 17.47
C THR A 14 -9.30 -27.24 18.55
N GLU A 15 -9.26 -27.68 19.81
CA GLU A 15 -9.81 -26.91 20.93
C GLU A 15 -8.78 -26.71 22.02
N GLY A 16 -7.58 -26.25 21.64
CA GLY A 16 -6.56 -26.01 22.63
C GLY A 16 -5.78 -24.72 22.46
N TYR A 17 -6.44 -23.67 21.95
CA TYR A 17 -5.75 -22.44 21.56
C TYR A 17 -6.09 -21.30 22.50
N LEU A 18 -5.07 -20.76 23.15
CA LEU A 18 -5.17 -19.46 23.81
C LEU A 18 -5.03 -18.37 22.76
N SER A 19 -5.59 -17.19 23.04
CA SER A 19 -5.61 -16.15 22.03
C SER A 19 -5.32 -14.79 22.62
N VAL A 20 -4.89 -13.88 21.75
CA VAL A 20 -4.72 -12.46 22.05
C VAL A 20 -5.29 -11.67 20.89
N LEU A 21 -6.13 -10.68 21.19
CA LEU A 21 -6.75 -9.84 20.17
C LEU A 21 -6.40 -8.39 20.44
N ARG A 22 -6.10 -7.65 19.37
CA ARG A 22 -5.86 -6.22 19.52
C ARG A 22 -7.19 -5.50 19.55
N THR A 23 -7.24 -4.40 20.30
CA THR A 23 -8.44 -3.59 20.44
C THR A 23 -8.25 -2.17 19.94
N GLY A 24 -7.21 -1.49 20.42
CA GLY A 24 -6.95 -0.12 20.01
C GLY A 24 -5.50 0.10 19.63
N TRP A 25 -5.09 1.36 19.58
CA TRP A 25 -3.73 1.72 19.19
C TRP A 25 -3.18 2.75 20.16
N TYR A 26 -1.91 2.62 20.51
CA TYR A 26 -1.22 3.57 21.37
C TYR A 26 -0.17 4.29 20.56
N THR A 27 -0.22 5.61 20.58
CA THR A 27 0.69 6.45 19.82
C THR A 27 1.97 6.72 20.58
N ASN A 28 2.95 7.26 19.87
CA ASN A 28 4.25 7.58 20.44
C ASN A 28 4.97 8.51 19.48
N VAL A 29 5.42 9.66 19.96
CA VAL A 29 5.99 10.69 19.12
C VAL A 29 7.47 10.85 19.46
N PHE A 30 8.32 10.74 18.45
CA PHE A 30 9.76 10.85 18.60
C PHE A 30 10.24 12.20 18.06
N THR A 31 11.51 12.49 18.30
CA THR A 31 12.12 13.70 17.74
C THR A 31 13.64 13.52 17.73
N LEU A 32 14.22 13.45 16.54
CA LEU A 32 15.67 13.39 16.41
C LEU A 32 16.25 14.80 16.38
N GLU A 33 17.56 14.88 16.59
CA GLU A 33 18.28 16.14 16.54
C GLU A 33 19.54 15.95 15.70
N VAL A 34 19.82 16.91 14.83
CA VAL A 34 20.98 16.83 13.96
C VAL A 34 21.89 18.02 14.22
N GLY A 35 21.32 19.10 14.74
CA GLY A 35 22.10 20.29 15.03
C GLY A 35 22.46 21.04 13.77
N ASP A 36 23.24 22.11 13.96
CA ASP A 36 23.65 22.98 12.86
C ASP A 36 24.72 22.31 12.00
N VAL A 37 24.31 21.23 11.32
CA VAL A 37 25.22 20.51 10.45
C VAL A 37 25.32 21.17 9.09
N GLU A 38 24.37 22.04 8.74
CA GLU A 38 24.34 22.62 7.40
C GLU A 38 25.30 23.79 7.24
N ASN A 39 25.87 24.30 8.34
CA ASN A 39 26.71 25.50 8.23
C ASN A 39 28.16 25.12 7.96
N LEU A 40 28.75 24.25 8.78
CA LEU A 40 30.15 23.90 8.61
C LEU A 40 30.37 23.14 7.31
N THR A 41 31.57 23.30 6.74
CA THR A 41 31.92 22.70 5.48
C THR A 41 33.29 22.05 5.57
N CYS A 42 33.49 21.02 4.75
CA CYS A 42 34.73 20.25 4.69
C CYS A 42 35.20 20.23 3.24
N ALA A 43 36.16 21.10 2.91
CA ALA A 43 36.57 21.32 1.53
C ALA A 43 38.09 21.32 1.41
N ASP A 44 38.74 20.31 2.00
CA ASP A 44 40.20 20.20 1.90
C ASP A 44 40.55 18.73 1.80
N GLY A 45 40.68 18.25 0.56
CA GLY A 45 41.04 16.87 0.31
C GLY A 45 39.94 15.90 0.67
N PRO A 46 40.01 14.67 0.13
CA PRO A 46 39.01 13.65 0.47
C PRO A 46 39.41 12.91 1.74
N SER A 47 38.53 12.92 2.73
CA SER A 47 38.81 12.28 4.00
C SER A 47 37.53 11.63 4.52
N LEU A 48 37.67 10.86 5.61
CA LEU A 48 36.53 10.14 6.16
C LEU A 48 35.45 11.09 6.64
N ILE A 49 35.85 12.20 7.28
CA ILE A 49 34.86 13.19 7.69
C ILE A 49 34.14 13.77 6.49
N LYS A 50 34.85 13.98 5.38
CA LYS A 50 34.24 14.59 4.21
C LYS A 50 33.12 13.71 3.65
N THR A 51 33.36 12.41 3.53
CA THR A 51 32.37 11.54 2.90
C THR A 51 31.16 11.28 3.80
N GLU A 52 31.20 11.72 5.06
CA GLU A 52 30.06 11.55 5.95
C GLU A 52 29.22 12.81 6.04
N LEU A 53 29.85 13.98 6.09
CA LEU A 53 29.12 15.24 6.21
C LEU A 53 28.17 15.44 5.04
N ASP A 54 28.69 15.31 3.82
CA ASP A 54 27.84 15.46 2.64
C ASP A 54 26.75 14.39 2.61
N LEU A 55 27.04 13.20 3.14
CA LEU A 55 26.01 12.18 3.24
C LEU A 55 24.87 12.64 4.13
N THR A 56 25.20 13.25 5.27
CA THR A 56 24.17 13.77 6.17
C THR A 56 23.35 14.87 5.50
N LYS A 57 24.02 15.79 4.81
CA LYS A 57 23.30 16.88 4.17
C LYS A 57 22.41 16.35 3.03
N SER A 58 22.88 15.37 2.28
CA SER A 58 22.06 14.75 1.25
C SER A 58 20.85 14.06 1.86
N ALA A 59 21.04 13.40 3.01
CA ALA A 59 19.91 12.80 3.69
C ALA A 59 18.89 13.85 4.11
N LEU A 60 19.36 15.00 4.60
CA LEU A 60 18.45 16.08 4.95
C LEU A 60 17.65 16.55 3.74
N ARG A 61 18.33 16.72 2.61
CA ARG A 61 17.62 17.14 1.39
C ARG A 61 16.59 16.11 0.96
N GLU A 62 16.94 14.82 1.04
CA GLU A 62 16.00 13.77 0.69
C GLU A 62 14.77 13.79 1.60
N LEU A 63 15.00 14.00 2.89
CA LEU A 63 13.88 14.00 3.83
C LEU A 63 12.97 15.21 3.60
N ARG A 64 13.56 16.36 3.25
CA ARG A 64 12.73 17.48 2.86
C ARG A 64 11.93 17.15 1.61
N THR A 65 12.53 16.43 0.66
CA THR A 65 11.83 16.09 -0.57
C THR A 65 10.64 15.18 -0.33
N VAL A 66 10.79 14.20 0.55
CA VAL A 66 9.75 13.15 0.68
C VAL A 66 8.41 13.72 1.14
N SER A 67 8.40 14.87 1.80
CA SER A 67 7.16 15.42 2.34
C SER A 67 6.19 15.82 1.23
N ALA A 68 6.68 16.30 0.10
CA ALA A 68 5.82 16.69 -1.01
C ALA A 68 5.15 15.50 -1.67
N ASP A 69 5.63 14.28 -1.42
CA ASP A 69 5.02 13.07 -1.96
C ASP A 69 4.19 12.31 -0.95
N GLN A 70 4.54 12.39 0.34
CA GLN A 70 3.72 11.76 1.36
C GLN A 70 2.30 12.32 1.34
N LEU A 71 2.18 13.65 1.28
CA LEU A 71 0.88 14.30 1.34
C LEU A 71 -0.04 13.91 0.20
N ALA A 72 0.51 13.43 -0.92
CA ALA A 72 -0.32 13.02 -2.04
C ALA A 72 -1.04 11.71 -1.81
N ARG A 73 -0.52 10.84 -0.94
CA ARG A 73 -1.13 9.55 -0.68
C ARG A 73 -2.10 9.59 0.50
N GLU A 74 -2.20 10.70 1.21
CA GLU A 74 -3.10 10.77 2.35
C GLU A 74 -4.55 11.02 1.94
N GLU A 75 -4.81 11.41 0.71
CA GLU A 75 -6.17 11.52 0.21
C GLU A 75 -6.63 10.25 -0.49
N GLN A 76 -5.80 9.21 -0.52
CA GLN A 76 -6.15 7.95 -1.14
C GLN A 76 -6.10 6.78 -0.14
N ILE A 77 -6.05 7.09 1.15
CA ILE A 77 -6.02 6.03 2.15
C ILE A 77 -7.31 5.22 2.12
N GLU A 78 -8.46 5.90 2.00
CA GLU A 78 -9.73 5.17 1.98
C GLU A 78 -9.87 4.34 0.71
N ASN A 79 -9.24 4.75 -0.38
CA ASN A 79 -9.34 4.02 -1.65
C ASN A 79 -8.15 4.33 -2.55
N PRO A 80 -7.06 3.59 -2.42
CA PRO A 80 -5.88 3.88 -3.24
C PRO A 80 -6.08 3.41 -4.68
N ARG A 81 -5.54 4.19 -5.62
CA ARG A 81 -5.67 3.89 -7.04
C ARG A 81 -4.36 4.12 -7.77
N ARG A 82 -3.26 3.69 -7.17
CA ARG A 82 -1.95 3.80 -7.80
C ARG A 82 -1.12 2.58 -7.44
N ARG A 83 -0.12 2.28 -8.26
CA ARG A 83 0.69 1.10 -8.02
C ARG A 83 1.35 1.13 -6.65
N ARG A 84 1.97 2.27 -6.30
CA ARG A 84 2.64 2.39 -5.02
C ARG A 84 1.65 2.33 -3.87
N PHE A 85 0.54 3.07 -3.96
CA PHE A 85 -0.38 3.20 -2.85
C PHE A 85 -1.27 1.98 -2.67
N VAL A 86 -1.37 1.11 -3.68
CA VAL A 86 -2.05 -0.16 -3.49
C VAL A 86 -1.08 -1.22 -3.01
N LEU A 87 0.08 -1.34 -3.67
CA LEU A 87 1.09 -2.30 -3.26
C LEU A 87 1.76 -1.91 -1.95
N GLY A 88 1.62 -0.66 -1.51
CA GLY A 88 2.18 -0.23 -0.24
C GLY A 88 1.17 -0.30 0.88
N ALA A 89 -0.11 -0.49 0.51
CA ALA A 89 -1.16 -0.68 1.50
C ALA A 89 -1.48 -2.15 1.72
N ILE A 90 -1.13 -3.03 0.79
CA ILE A 90 -1.27 -4.46 1.00
C ILE A 90 -0.17 -5.02 1.88
N ALA A 91 0.93 -4.28 2.07
CA ALA A 91 1.99 -4.71 2.94
C ALA A 91 1.70 -4.46 4.41
N LEU A 92 0.72 -3.62 4.72
CA LEU A 92 0.32 -3.37 6.09
C LEU A 92 -0.67 -4.39 6.62
N GLY A 93 -1.20 -5.26 5.75
CA GLY A 93 -2.25 -6.18 6.16
C GLY A 93 -3.62 -5.59 5.87
N VAL A 94 -4.55 -6.42 5.41
CA VAL A 94 -5.88 -5.93 5.06
C VAL A 94 -6.62 -5.46 6.32
N CYS A 95 -6.42 -6.15 7.44
CA CYS A 95 -7.08 -5.76 8.69
C CYS A 95 -6.64 -4.40 9.19
N THR A 96 -5.47 -3.92 8.80
CA THR A 96 -4.96 -2.63 9.26
C THR A 96 -5.51 -1.47 8.44
N ALA A 97 -6.23 -1.75 7.34
CA ALA A 97 -6.69 -0.69 6.46
C ALA A 97 -7.66 0.26 7.16
N ALA A 98 -8.34 -0.20 8.21
CA ALA A 98 -9.26 0.63 8.96
C ALA A 98 -8.57 1.47 10.03
N ALA A 99 -7.30 1.20 10.32
CA ALA A 99 -6.57 1.94 11.33
C ALA A 99 -5.60 2.96 10.74
N VAL A 100 -5.15 2.75 9.50
CA VAL A 100 -4.24 3.70 8.87
C VAL A 100 -4.93 5.05 8.69
N THR A 101 -6.23 5.04 8.42
CA THR A 101 -6.97 6.29 8.30
C THR A 101 -6.94 7.08 9.61
N ALA A 102 -7.20 6.41 10.73
CA ALA A 102 -7.16 7.09 12.02
C ALA A 102 -5.75 7.57 12.35
N GLY A 103 -4.74 6.74 12.05
CA GLY A 103 -3.37 7.16 12.28
C GLY A 103 -3.00 8.40 11.50
N VAL A 104 -3.41 8.45 10.23
CA VAL A 104 -3.16 9.63 9.41
C VAL A 104 -3.89 10.84 9.97
N ALA A 105 -5.14 10.64 10.37
CA ALA A 105 -5.90 11.75 10.96
C ALA A 105 -5.22 12.28 12.22
N ILE A 106 -4.55 11.42 12.97
CA ILE A 106 -3.77 11.89 14.11
C ILE A 106 -2.60 12.75 13.64
N ALA A 107 -1.92 12.31 12.57
CA ALA A 107 -0.75 13.03 12.10
C ALA A 107 -1.09 14.44 11.63
N LYS A 108 -2.22 14.60 10.95
CA LYS A 108 -2.62 15.93 10.51
C LYS A 108 -2.85 16.85 11.69
N THR A 109 -3.37 16.32 12.79
CA THR A 109 -3.60 17.14 13.98
C THR A 109 -2.28 17.63 14.57
N ILE A 110 -1.27 16.78 14.61
CA ILE A 110 -0.04 17.12 15.31
C ILE A 110 0.90 17.98 14.47
N ARG A 111 0.77 17.97 13.15
CA ARG A 111 1.68 18.72 12.30
C ARG A 111 1.27 20.18 12.12
N LEU A 112 0.22 20.62 12.80
CA LEU A 112 -0.17 22.02 12.77
C LEU A 112 0.84 22.85 13.57
N GLU A 113 0.61 24.16 13.58
CA GLU A 113 1.39 25.03 14.44
C GLU A 113 0.86 24.94 15.87
N SER A 114 1.73 25.31 16.82
CA SER A 114 1.48 25.28 18.26
C SER A 114 1.34 23.86 18.81
N GLU A 115 1.40 22.84 17.96
CA GLU A 115 1.43 21.46 18.40
C GLU A 115 2.85 20.91 18.45
N VAL A 116 3.60 21.07 17.36
CA VAL A 116 5.02 20.73 17.38
C VAL A 116 5.78 21.61 18.36
N THR A 117 5.25 22.80 18.66
CA THR A 117 5.85 23.64 19.67
C THR A 117 5.69 23.03 21.06
N ALA A 118 4.47 22.60 21.38
CA ALA A 118 4.22 22.01 22.69
C ALA A 118 5.04 20.74 22.90
N ILE A 119 5.09 19.88 21.87
CA ILE A 119 5.86 18.65 21.98
C ILE A 119 7.33 18.97 22.20
N LYS A 120 7.86 19.91 21.44
CA LYS A 120 9.26 20.30 21.64
C LYS A 120 9.45 21.03 22.97
N ASN A 121 8.44 21.76 23.42
CA ASN A 121 8.59 22.51 24.67
C ASN A 121 8.53 21.59 25.89
N ALA A 122 7.69 20.57 25.87
CA ALA A 122 7.55 19.67 27.01
C ALA A 122 8.76 18.75 27.18
N LEU A 123 9.65 18.69 26.20
CA LEU A 123 10.83 17.85 26.26
C LEU A 123 12.11 18.66 26.40
N LYS A 124 12.02 19.87 26.95
CA LYS A 124 13.18 20.74 27.02
C LYS A 124 14.21 20.27 28.03
N LYS A 125 13.76 19.67 29.13
CA LYS A 125 14.66 19.33 30.23
C LYS A 125 14.95 17.85 30.37
N THR A 126 14.07 16.97 29.89
CA THR A 126 14.25 15.54 30.03
C THR A 126 14.18 14.88 28.65
N ASN A 127 14.25 13.56 28.65
CA ASN A 127 14.18 12.78 27.41
C ASN A 127 12.92 11.91 27.37
N GLU A 128 11.97 12.16 28.24
CA GLU A 128 10.75 11.34 28.31
C GLU A 128 9.69 12.15 29.03
N ALA A 129 8.61 12.48 28.35
CA ALA A 129 7.55 13.29 28.97
C ALA A 129 6.25 13.03 28.25
N VAL A 130 5.27 12.49 28.95
CA VAL A 130 3.94 12.29 28.40
C VAL A 130 3.23 13.63 28.29
N SER A 131 2.54 13.83 27.16
CA SER A 131 1.88 15.10 26.90
C SER A 131 0.53 14.85 26.23
N THR A 132 -0.37 15.80 26.38
CA THR A 132 -1.69 15.72 25.78
C THR A 132 -1.76 16.55 24.51
N LEU A 133 -2.74 16.24 23.68
CA LEU A 133 -2.97 16.96 22.44
C LEU A 133 -4.10 17.97 22.64
N GLY A 134 -4.51 18.61 21.54
CA GLY A 134 -5.59 19.59 21.63
C GLY A 134 -6.93 18.95 21.93
N ASN A 135 -7.13 17.71 21.49
CA ASN A 135 -8.42 17.03 21.61
C ASN A 135 -8.39 15.89 22.61
N GLY A 136 -7.68 16.09 23.72
CA GLY A 136 -7.72 15.16 24.85
C GLY A 136 -6.85 13.93 24.77
N VAL A 137 -6.53 13.47 23.56
CA VAL A 137 -5.72 12.27 23.43
C VAL A 137 -4.35 12.49 24.05
N ARG A 138 -3.87 11.50 24.79
CA ARG A 138 -2.57 11.58 25.46
C ARG A 138 -1.52 10.91 24.60
N VAL A 139 -0.37 11.57 24.47
CA VAL A 139 0.70 11.14 23.56
C VAL A 139 1.98 11.03 24.37
N LEU A 140 2.65 9.89 24.25
CA LEU A 140 3.94 9.68 24.91
C LEU A 140 5.04 10.18 23.97
N ALA A 141 5.75 11.22 24.39
CA ALA A 141 6.75 11.87 23.56
C ALA A 141 8.15 11.53 24.04
N THR A 142 9.02 11.16 23.10
CA THR A 142 10.38 10.76 23.39
C THR A 142 11.36 11.60 22.58
N ALA A 143 12.52 11.90 23.17
CA ALA A 143 13.55 12.70 22.51
C ALA A 143 14.85 11.92 22.47
N VAL A 144 15.58 12.06 21.36
CA VAL A 144 16.91 11.50 21.20
C VAL A 144 17.84 12.63 20.75
N ARG A 145 18.98 12.77 21.43
CA ARG A 145 19.85 13.91 21.25
C ARG A 145 21.30 13.46 21.12
N GLU A 146 21.56 12.50 20.25
CA GLU A 146 22.92 11.99 20.12
C GLU A 146 23.77 12.87 19.21
N LEU A 147 23.30 13.11 17.98
CA LEU A 147 24.11 13.90 17.04
C LEU A 147 24.33 15.31 17.56
N LYS A 148 23.27 15.98 18.02
CA LYS A 148 23.40 17.38 18.39
C LYS A 148 24.32 17.55 19.59
N ASP A 149 24.33 16.57 20.49
CA ASP A 149 25.29 16.58 21.59
C ASP A 149 26.70 16.18 21.14
N PHE A 150 26.87 15.81 19.88
CA PHE A 150 28.19 15.52 19.34
C PHE A 150 28.61 16.50 18.26
N VAL A 151 27.70 16.85 17.35
CA VAL A 151 28.04 17.82 16.32
C VAL A 151 28.38 19.17 16.93
N SER A 152 27.61 19.58 17.95
CA SER A 152 27.78 20.91 18.51
C SER A 152 29.05 21.03 19.33
N LYS A 153 29.16 20.24 20.40
CA LYS A 153 30.18 20.53 21.40
C LYS A 153 31.56 20.00 21.04
N ASN A 154 31.66 18.86 20.38
CA ASN A 154 32.99 18.28 20.12
C ASN A 154 33.13 17.84 18.67
N LEU A 155 32.53 18.57 17.75
CA LEU A 155 32.86 18.41 16.34
C LEU A 155 33.20 19.74 15.67
N THR A 156 32.52 20.82 16.03
CA THR A 156 32.81 22.12 15.43
C THR A 156 34.21 22.57 15.78
N ARG A 157 34.66 22.30 17.01
CA ARG A 157 36.01 22.70 17.40
C ARG A 157 37.06 22.00 16.55
N ALA A 158 36.88 20.71 16.28
CA ALA A 158 37.81 19.98 15.42
C ALA A 158 37.79 20.52 14.00
N ILE A 159 36.60 20.78 13.46
CA ILE A 159 36.48 21.27 12.08
C ILE A 159 36.48 22.80 12.16
N ASN A 160 37.68 23.35 12.20
CA ASN A 160 37.89 24.80 12.22
C ASN A 160 38.59 25.26 10.96
N LYS A 161 38.34 26.52 10.59
CA LYS A 161 38.84 27.14 9.36
C LYS A 161 38.69 26.24 8.14
N ASN A 162 37.66 25.39 8.16
CA ASN A 162 37.36 24.45 7.07
C ASN A 162 38.56 23.56 6.77
N LYS A 163 39.32 23.24 7.82
CA LYS A 163 40.45 22.31 7.73
C LYS A 163 39.97 21.00 8.35
N CYS A 164 39.58 20.06 7.49
CA CYS A 164 38.86 18.87 7.94
C CYS A 164 39.63 17.58 7.64
N ASP A 165 40.94 17.61 7.85
CA ASP A 165 41.75 16.41 7.76
C ASP A 165 42.70 16.42 8.96
N ILE A 166 42.45 15.53 9.92
CA ILE A 166 43.18 15.56 11.18
C ILE A 166 43.80 14.19 11.46
N PRO A 167 44.98 14.13 12.06
CA PRO A 167 45.56 12.83 12.43
C PRO A 167 44.71 12.05 13.43
N ASP A 168 43.87 12.73 14.21
CA ASP A 168 43.02 12.03 15.18
C ASP A 168 41.88 11.31 14.48
N LEU A 169 41.97 9.98 14.39
CA LEU A 169 40.93 9.20 13.74
C LEU A 169 39.83 8.74 14.69
N LYS A 170 40.05 8.82 16.01
CA LYS A 170 38.99 8.46 16.95
C LYS A 170 37.78 9.37 16.76
N MET A 171 38.02 10.62 16.36
CA MET A 171 36.92 11.51 16.03
C MET A 171 36.11 10.96 14.85
N ALA A 172 36.80 10.46 13.83
CA ALA A 172 36.12 9.93 12.66
C ALA A 172 35.29 8.71 12.99
N VAL A 173 35.83 7.82 13.83
CA VAL A 173 35.12 6.58 14.15
C VAL A 173 33.81 6.87 14.86
N SER A 174 33.85 7.78 15.83
CA SER A 174 32.64 8.06 16.61
C SER A 174 31.56 8.71 15.76
N PHE A 175 31.94 9.47 14.75
CA PHE A 175 30.94 10.13 13.91
C PHE A 175 30.09 9.12 13.15
N SER A 176 30.71 8.05 12.66
CA SER A 176 29.95 7.06 11.89
C SER A 176 28.91 6.37 12.77
N GLN A 177 29.26 6.05 14.01
CA GLN A 177 28.33 5.34 14.88
C GLN A 177 27.09 6.18 15.17
N PHE A 178 27.28 7.46 15.49
CA PHE A 178 26.16 8.33 15.80
C PHE A 178 25.32 8.65 14.58
N ASN A 179 25.89 8.55 13.39
CA ASN A 179 25.20 8.94 12.16
C ASN A 179 24.33 7.83 11.59
N ARG A 180 24.49 6.60 12.08
CA ARG A 180 23.83 5.46 11.44
C ARG A 180 22.31 5.56 11.53
N ARG A 181 21.79 5.92 12.71
CA ARG A 181 20.35 5.89 12.91
C ARG A 181 19.63 6.88 12.01
N PHE A 182 20.15 8.10 11.91
CA PHE A 182 19.48 9.13 11.12
C PHE A 182 19.40 8.72 9.65
N LEU A 183 20.49 8.18 9.11
CA LEU A 183 20.50 7.79 7.70
C LEU A 183 19.51 6.67 7.42
N ASN A 184 19.47 5.67 8.28
CA ASN A 184 18.51 4.59 8.08
C ASN A 184 17.07 5.06 8.18
N VAL A 185 16.78 5.93 9.16
CA VAL A 185 15.42 6.44 9.30
C VAL A 185 15.01 7.24 8.06
N VAL A 186 15.88 8.13 7.59
CA VAL A 186 15.52 8.95 6.44
C VAL A 186 15.38 8.08 5.20
N ARG A 187 16.22 7.06 5.06
CA ARG A 187 16.09 6.17 3.91
C ARG A 187 14.77 5.43 3.93
N GLN A 188 14.38 4.90 5.09
CA GLN A 188 13.11 4.17 5.17
C GLN A 188 11.92 5.08 4.87
N PHE A 189 11.92 6.29 5.44
CA PHE A 189 10.79 7.19 5.21
C PHE A 189 10.75 7.69 3.76
N SER A 190 11.91 7.89 3.13
CA SER A 190 11.91 8.29 1.74
C SER A 190 11.44 7.15 0.85
N ASP A 191 11.82 5.92 1.16
CA ASP A 191 11.44 4.77 0.36
C ASP A 191 9.96 4.46 0.44
N ASN A 192 9.39 4.37 1.64
CA ASN A 192 8.01 3.93 1.79
C ASN A 192 7.01 5.07 1.70
N ALA A 193 7.42 6.23 1.18
CA ALA A 193 6.52 7.36 0.91
C ALA A 193 5.87 7.89 2.18
N GLY A 194 6.53 7.71 3.33
CA GLY A 194 6.10 8.29 4.58
C GLY A 194 5.39 7.34 5.52
N ILE A 195 4.83 6.24 5.02
CA ILE A 195 4.11 5.30 5.88
C ILE A 195 4.86 3.97 5.87
N THR A 196 5.76 3.78 6.83
CA THR A 196 6.51 2.54 6.89
C THR A 196 5.58 1.39 7.29
N PRO A 197 5.81 0.18 6.75
CA PRO A 197 4.91 -0.93 7.04
C PRO A 197 5.19 -1.64 8.36
N ALA A 198 6.36 -1.45 8.95
CA ALA A 198 6.68 -2.12 10.21
C ALA A 198 7.76 -1.36 10.94
N ILE A 199 7.68 -1.37 12.27
CA ILE A 199 8.72 -0.75 13.08
C ILE A 199 10.03 -1.51 12.90
N SER A 200 11.13 -0.77 12.96
CA SER A 200 12.46 -1.34 12.80
C SER A 200 13.35 -0.88 13.95
N LEU A 201 14.50 -1.52 14.07
CA LEU A 201 15.43 -1.20 15.16
C LEU A 201 16.01 0.18 15.05
N ASP A 202 15.61 0.95 14.04
CA ASP A 202 16.04 2.33 13.89
C ASP A 202 14.99 3.33 14.32
N LEU A 203 13.71 3.01 14.14
CA LEU A 203 12.65 3.87 14.67
C LEU A 203 12.53 3.73 16.18
N MET A 204 12.64 2.51 16.70
CA MET A 204 12.56 2.28 18.14
C MET A 204 13.57 1.19 18.50
N THR A 205 14.63 1.56 19.20
CA THR A 205 15.57 0.57 19.70
C THR A 205 14.89 -0.31 20.73
N ASP A 206 15.48 -1.49 20.97
CA ASP A 206 14.90 -2.41 21.94
C ASP A 206 14.90 -1.84 23.35
N ALA A 207 15.78 -0.88 23.64
CA ALA A 207 15.75 -0.23 24.94
C ALA A 207 14.59 0.76 25.07
N GLU A 208 14.17 1.36 23.95
CA GLU A 208 13.09 2.32 23.95
C GLU A 208 11.72 1.68 23.70
N LEU A 209 11.68 0.38 23.43
CA LEU A 209 10.40 -0.31 23.30
C LEU A 209 9.91 -0.85 24.63
N ALA A 210 10.83 -1.38 25.44
CA ALA A 210 10.45 -1.86 26.76
C ALA A 210 9.97 -0.71 27.65
N ARG A 211 10.61 0.44 27.55
CA ARG A 211 10.15 1.60 28.31
C ARG A 211 8.79 2.08 27.82
N ALA A 212 8.57 2.06 26.51
CA ALA A 212 7.33 2.54 25.95
C ALA A 212 6.18 1.55 26.08
N VAL A 213 6.45 0.32 26.51
CA VAL A 213 5.39 -0.66 26.71
C VAL A 213 5.01 -0.80 28.18
N SER A 214 5.93 -0.54 29.11
CA SER A 214 5.63 -0.59 30.52
C SER A 214 5.14 0.74 31.06
N ASN A 215 5.01 1.75 30.19
CA ASN A 215 4.43 3.03 30.57
C ASN A 215 3.03 3.22 30.02
N MET A 216 2.45 2.20 29.42
CA MET A 216 1.08 2.30 28.95
C MET A 216 0.11 2.02 30.10
N PRO A 217 -1.07 2.60 30.07
CA PRO A 217 -2.09 2.24 31.06
C PRO A 217 -2.75 0.92 30.66
N THR A 218 -2.36 -0.17 31.32
CA THR A 218 -2.89 -1.49 31.02
C THR A 218 -2.87 -2.33 32.30
N SER A 219 -3.32 -3.57 32.18
CA SER A 219 -3.26 -4.52 33.28
C SER A 219 -1.81 -4.93 33.53
N ALA A 220 -1.64 -5.84 34.49
CA ALA A 220 -0.31 -6.35 34.81
C ALA A 220 0.03 -7.63 34.05
N GLY A 221 -0.89 -8.14 33.25
CA GLY A 221 -0.61 -9.31 32.43
C GLY A 221 -0.40 -8.94 30.99
N GLN A 222 -1.13 -7.92 30.52
CA GLN A 222 -0.94 -7.44 29.16
C GLN A 222 0.45 -6.88 28.94
N ILE A 223 1.06 -6.31 29.97
CA ILE A 223 2.43 -5.83 29.84
C ILE A 223 3.40 -6.99 29.74
N LYS A 224 3.21 -8.01 30.58
CA LYS A 224 4.12 -9.16 30.58
C LYS A 224 4.01 -9.94 29.29
N LEU A 225 2.84 -9.96 28.67
CA LEU A 225 2.68 -10.69 27.42
C LEU A 225 3.34 -9.96 26.25
N MET A 226 3.21 -8.63 26.20
CA MET A 226 3.84 -7.89 25.11
C MET A 226 5.36 -7.85 25.28
N LEU A 227 5.85 -7.82 26.52
CA LEU A 227 7.28 -7.91 26.74
C LEU A 227 7.86 -9.23 26.27
N GLU A 228 7.02 -10.25 26.07
CA GLU A 228 7.47 -11.52 25.53
C GLU A 228 7.19 -11.69 24.05
N ASN A 229 6.21 -10.95 23.52
CA ASN A 229 5.93 -11.02 22.08
C ASN A 229 6.31 -9.72 21.37
N ARG A 230 7.35 -9.06 21.89
CA ARG A 230 7.96 -7.91 21.21
C ARG A 230 8.00 -8.07 19.69
N ALA A 231 8.38 -9.24 19.19
CA ALA A 231 8.54 -9.41 17.75
C ALA A 231 7.23 -9.20 17.02
N MET A 232 6.18 -9.91 17.46
CA MET A 232 4.88 -9.74 16.83
C MET A 232 4.33 -8.34 17.04
N VAL A 233 4.68 -7.69 18.16
CA VAL A 233 4.31 -6.29 18.35
C VAL A 233 4.95 -5.43 17.28
N ARG A 234 6.23 -5.67 17.02
CA ARG A 234 6.95 -4.90 16.01
C ARG A 234 6.37 -5.08 14.63
N ARG A 235 6.03 -6.31 14.26
CA ARG A 235 5.56 -6.55 12.90
C ARG A 235 4.21 -5.92 12.63
N LYS A 236 3.36 -5.76 13.64
CA LYS A 236 1.99 -5.29 13.45
C LYS A 236 1.82 -3.82 13.83
N GLY A 237 2.91 -3.05 13.80
CA GLY A 237 2.83 -1.63 14.08
C GLY A 237 3.52 -0.79 13.03
N PHE A 238 2.92 0.33 12.65
CA PHE A 238 3.45 1.18 11.60
C PHE A 238 3.86 2.52 12.16
N GLY A 239 4.63 3.27 11.38
CA GLY A 239 5.06 4.60 11.74
C GLY A 239 4.69 5.60 10.67
N ILE A 240 4.43 6.83 11.07
CA ILE A 240 4.04 7.90 10.15
C ILE A 240 5.14 8.96 10.21
N LEU A 241 5.14 9.90 9.27
CA LEU A 241 6.09 10.99 9.25
C LEU A 241 5.37 12.32 9.42
N ILE A 242 5.92 13.18 10.26
CA ILE A 242 5.28 14.45 10.59
C ILE A 242 5.88 15.61 9.81
N GLY A 243 7.21 15.68 9.73
CA GLY A 243 7.85 16.75 8.99
C GLY A 243 9.23 17.11 9.50
N VAL A 244 9.85 18.11 8.89
CA VAL A 244 11.19 18.56 9.26
C VAL A 244 11.07 20.00 9.71
N TYR A 245 11.07 20.22 11.02
CA TYR A 245 10.89 21.56 11.57
C TYR A 245 12.24 22.13 12.00
N GLY A 246 13.00 22.58 11.00
CA GLY A 246 14.30 23.15 11.25
C GLY A 246 15.43 22.18 11.03
N SER A 247 16.15 21.84 12.09
CA SER A 247 17.24 20.87 12.04
C SER A 247 16.90 19.62 12.86
N SER A 248 15.61 19.33 13.00
CA SER A 248 15.17 18.18 13.77
C SER A 248 14.12 17.43 12.97
N VAL A 249 14.00 16.13 13.27
CA VAL A 249 13.09 15.23 12.57
C VAL A 249 12.05 14.75 13.57
N ILE A 250 10.78 14.89 13.22
CA ILE A 250 9.67 14.52 14.09
C ILE A 250 8.82 13.48 13.36
N TYR A 251 8.55 12.36 14.03
CA TYR A 251 7.69 11.33 13.46
C TYR A 251 6.99 10.59 14.59
N MET A 252 5.93 9.89 14.24
CA MET A 252 5.12 9.16 15.20
C MET A 252 5.09 7.68 14.81
N VAL A 253 4.85 6.84 15.81
CA VAL A 253 4.80 5.39 15.63
C VAL A 253 3.63 4.85 16.44
N GLN A 254 2.86 3.94 15.83
CA GLN A 254 1.65 3.40 16.44
C GLN A 254 1.92 1.99 16.93
N LEU A 255 1.54 1.71 18.18
CA LEU A 255 1.70 0.40 18.78
C LEU A 255 0.34 -0.25 19.01
N PRO A 256 0.27 -1.58 19.01
CA PRO A 256 -1.00 -2.26 19.25
C PRO A 256 -1.26 -2.50 20.72
N ILE A 257 -2.55 -2.55 21.06
CA ILE A 257 -3.01 -2.81 22.42
C ILE A 257 -3.73 -4.15 22.43
N PHE A 258 -3.23 -5.09 23.25
CA PHE A 258 -3.81 -6.42 23.33
C PHE A 258 -4.92 -6.40 24.38
N GLY A 259 -6.16 -6.21 23.93
CA GLY A 259 -7.26 -6.03 24.86
C GLY A 259 -7.75 -7.31 25.52
N VAL A 260 -7.49 -8.45 24.90
CA VAL A 260 -7.88 -9.75 25.44
C VAL A 260 -6.65 -10.64 25.43
N ILE A 261 -6.39 -11.32 26.54
CA ILE A 261 -5.11 -12.02 26.69
C ILE A 261 -5.29 -13.52 26.87
N ASP A 262 -6.41 -13.96 27.43
CA ASP A 262 -6.63 -15.37 27.63
C ASP A 262 -8.10 -15.70 27.49
N THR A 263 -8.39 -16.66 26.62
CA THR A 263 -9.73 -17.16 26.36
C THR A 263 -9.65 -18.36 25.43
N PRO A 264 -10.50 -19.36 25.60
CA PRO A 264 -10.45 -20.52 24.70
C PRO A 264 -10.80 -20.14 23.27
N CYS A 265 -10.14 -20.78 22.32
CA CYS A 265 -10.39 -20.56 20.90
C CYS A 265 -10.19 -21.88 20.16
N TRP A 266 -10.91 -22.03 19.05
CA TRP A 266 -10.87 -23.29 18.32
C TRP A 266 -10.97 -23.04 16.82
N ILE A 267 -10.50 -24.02 16.05
CA ILE A 267 -10.53 -24.01 14.60
C ILE A 267 -11.53 -25.06 14.13
N VAL A 268 -12.33 -24.71 13.12
CA VAL A 268 -13.24 -25.66 12.49
C VAL A 268 -12.87 -25.76 11.03
N LYS A 269 -12.64 -26.98 10.55
CA LYS A 269 -12.29 -27.24 9.17
C LYS A 269 -13.10 -28.42 8.66
N ALA A 270 -13.74 -28.25 7.51
CA ALA A 270 -14.63 -29.26 6.95
C ALA A 270 -14.25 -29.56 5.51
N ALA A 271 -14.81 -30.67 5.02
CA ALA A 271 -14.64 -31.08 3.63
C ALA A 271 -15.92 -31.76 3.19
N PRO A 272 -16.26 -31.71 1.89
CA PRO A 272 -17.52 -32.29 1.43
C PRO A 272 -17.58 -33.78 1.71
N SER A 273 -18.77 -34.25 2.09
CA SER A 273 -19.03 -35.66 2.34
C SER A 273 -20.35 -36.01 1.69
N CYS A 274 -20.33 -36.96 0.75
CA CYS A 274 -21.55 -37.33 0.05
C CYS A 274 -22.15 -38.64 0.59
N SER A 275 -21.40 -39.74 0.50
CA SER A 275 -21.94 -41.07 0.83
C SER A 275 -23.24 -41.32 0.09
N GLU A 276 -23.32 -40.81 -1.14
CA GLU A 276 -24.54 -40.84 -1.93
C GLU A 276 -24.49 -42.00 -2.92
N LYS A 277 -25.53 -42.08 -3.75
CA LYS A 277 -25.59 -43.01 -4.86
C LYS A 277 -25.32 -42.28 -6.17
N LYS A 278 -25.27 -43.05 -7.26
CA LYS A 278 -25.12 -42.44 -8.57
C LYS A 278 -26.29 -41.52 -8.89
N GLY A 279 -27.51 -41.96 -8.58
CA GLY A 279 -28.65 -41.07 -8.62
C GLY A 279 -28.64 -40.13 -7.43
N ASN A 280 -29.11 -38.90 -7.66
CA ASN A 280 -29.06 -37.84 -6.67
C ASN A 280 -27.63 -37.67 -6.14
N TYR A 281 -26.68 -37.59 -7.07
CA TYR A 281 -25.26 -37.48 -6.73
C TYR A 281 -24.92 -36.05 -6.29
N ALA A 282 -25.62 -35.62 -5.24
CA ALA A 282 -25.40 -34.32 -4.62
C ALA A 282 -25.43 -34.49 -3.11
N CYS A 283 -24.72 -33.61 -2.41
CA CYS A 283 -24.64 -33.72 -0.96
C CYS A 283 -24.27 -32.37 -0.38
N LEU A 284 -24.00 -32.35 0.92
CA LEU A 284 -23.87 -31.13 1.70
C LEU A 284 -22.40 -30.74 1.88
N LEU A 285 -22.20 -29.56 2.46
CA LEU A 285 -20.86 -29.07 2.77
C LEU A 285 -21.01 -27.94 3.79
N ARG A 286 -20.24 -28.01 4.87
CA ARG A 286 -20.25 -26.94 5.87
C ARG A 286 -19.46 -25.75 5.35
N GLU A 287 -20.07 -24.57 5.39
CA GLU A 287 -19.41 -23.32 5.03
C GLU A 287 -19.07 -22.48 6.26
N ASP A 288 -18.99 -23.12 7.42
CA ASP A 288 -18.76 -22.44 8.68
C ASP A 288 -17.28 -22.49 9.07
N GLN A 289 -16.41 -22.72 8.09
CA GLN A 289 -14.99 -22.88 8.37
C GLN A 289 -14.37 -21.56 8.81
N GLY A 290 -13.39 -21.65 9.70
CA GLY A 290 -12.68 -20.48 10.17
C GLY A 290 -12.25 -20.55 11.61
N TRP A 291 -12.07 -19.38 12.23
CA TRP A 291 -11.63 -19.27 13.60
C TRP A 291 -12.79 -18.86 14.50
N TYR A 292 -12.64 -19.17 15.79
CA TYR A 292 -13.62 -18.80 16.80
C TYR A 292 -12.90 -18.38 18.07
N CYS A 293 -13.41 -17.35 18.74
CA CYS A 293 -12.80 -16.86 19.96
C CYS A 293 -13.87 -16.19 20.82
N GLN A 294 -13.75 -16.36 22.14
CA GLN A 294 -14.68 -15.77 23.10
C GLN A 294 -14.04 -14.56 23.77
N ASN A 295 -14.78 -13.47 23.88
CA ASN A 295 -14.26 -12.32 24.62
C ASN A 295 -15.16 -11.91 25.78
N ALA A 296 -16.46 -11.74 25.56
CA ALA A 296 -17.37 -11.26 26.59
C ALA A 296 -18.69 -12.01 26.54
N GLY A 297 -18.60 -13.33 26.40
CA GLY A 297 -19.81 -14.13 26.26
C GLY A 297 -20.45 -14.02 24.90
N SER A 298 -19.67 -13.69 23.88
CA SER A 298 -20.18 -13.62 22.52
C SER A 298 -19.02 -13.92 21.58
N THR A 299 -19.02 -15.11 20.99
CA THR A 299 -17.89 -15.54 20.19
C THR A 299 -17.74 -14.71 18.93
N VAL A 300 -16.50 -14.47 18.53
CA VAL A 300 -16.18 -13.78 17.29
C VAL A 300 -15.74 -14.80 16.26
N TYR A 301 -16.27 -14.67 15.04
CA TYR A 301 -16.05 -15.64 13.98
C TYR A 301 -15.19 -15.01 12.89
N TYR A 302 -14.09 -15.68 12.54
CA TYR A 302 -13.24 -15.25 11.45
C TYR A 302 -13.43 -16.18 10.26
N PRO A 303 -14.05 -15.73 9.17
CA PRO A 303 -14.35 -16.67 8.09
C PRO A 303 -13.12 -17.17 7.36
N ASN A 304 -12.06 -16.38 7.27
CA ASN A 304 -10.85 -16.75 6.54
C ASN A 304 -9.66 -16.88 7.48
N GLU A 305 -8.83 -17.89 7.22
CA GLU A 305 -7.71 -18.17 8.11
C GLU A 305 -6.62 -17.10 8.02
N LYS A 306 -6.50 -16.43 6.88
CA LYS A 306 -5.39 -15.51 6.67
C LYS A 306 -5.44 -14.30 7.58
N ASP A 307 -6.57 -14.04 8.24
CA ASP A 307 -6.67 -12.89 9.13
C ASP A 307 -6.05 -13.14 10.51
N CYS A 308 -5.58 -14.35 10.79
CA CYS A 308 -5.03 -14.68 12.09
C CYS A 308 -3.74 -15.47 11.91
N GLU A 309 -2.88 -15.40 12.93
CA GLU A 309 -1.58 -16.06 12.92
C GLU A 309 -1.52 -17.12 14.03
N THR A 310 -0.34 -17.67 14.24
CA THR A 310 -0.14 -18.67 15.27
C THR A 310 1.31 -18.62 15.72
N ARG A 311 1.54 -18.71 17.03
CA ARG A 311 2.86 -18.70 17.61
C ARG A 311 2.78 -19.81 18.66
N GLY A 312 2.67 -21.02 18.25
CA GLY A 312 2.46 -22.13 19.18
C GLY A 312 1.04 -22.35 19.66
N ASP A 313 0.75 -21.89 20.88
CA ASP A 313 -0.61 -21.97 21.41
C ASP A 313 -1.36 -20.66 21.25
N HIS A 314 -0.67 -19.53 21.27
CA HIS A 314 -1.33 -18.24 21.16
C HIS A 314 -1.81 -17.98 19.74
N VAL A 315 -2.84 -17.16 19.62
CA VAL A 315 -3.44 -16.82 18.34
C VAL A 315 -3.59 -15.30 18.28
N PHE A 316 -3.02 -14.68 17.25
CA PHE A 316 -2.97 -13.23 17.15
C PHE A 316 -3.97 -12.76 16.09
N CYS A 317 -5.21 -12.57 16.53
CA CYS A 317 -6.28 -12.15 15.63
C CYS A 317 -6.47 -10.63 15.76
N ASP A 318 -7.55 -10.11 15.17
CA ASP A 318 -7.95 -8.73 15.32
C ASP A 318 -9.44 -8.68 15.57
N THR A 319 -9.88 -7.65 16.30
CA THR A 319 -11.29 -7.52 16.64
C THR A 319 -12.06 -6.66 15.64
N ALA A 320 -11.41 -6.18 14.59
CA ALA A 320 -12.08 -5.37 13.58
C ALA A 320 -12.44 -6.14 12.33
N CYS A 321 -11.78 -7.26 12.07
CA CYS A 321 -12.08 -8.11 10.92
C CYS A 321 -13.05 -9.24 11.26
N GLY A 322 -13.52 -9.30 12.49
CA GLY A 322 -14.37 -10.39 12.94
C GLY A 322 -15.85 -10.04 12.90
N ILE A 323 -16.67 -11.08 12.81
CA ILE A 323 -18.11 -10.95 12.83
C ILE A 323 -18.63 -11.59 14.11
N ASN A 324 -19.62 -10.95 14.73
CA ASN A 324 -20.12 -11.41 16.01
C ASN A 324 -21.18 -12.50 15.81
N VAL A 325 -21.02 -13.60 16.54
CA VAL A 325 -21.93 -14.74 16.45
C VAL A 325 -22.34 -15.14 17.87
N ALA A 326 -23.62 -15.47 18.03
CA ALA A 326 -24.12 -15.90 19.33
C ALA A 326 -23.47 -17.22 19.75
N GLU A 327 -23.35 -17.41 21.07
CA GLU A 327 -22.64 -18.55 21.61
C GLU A 327 -23.32 -19.88 21.33
N GLN A 328 -24.59 -19.88 20.95
CA GLN A 328 -25.28 -21.13 20.65
C GLN A 328 -24.78 -21.79 19.37
N SER A 329 -23.98 -21.08 18.57
CA SER A 329 -23.48 -21.62 17.31
C SER A 329 -22.57 -22.83 17.52
N LYS A 330 -22.04 -23.03 18.72
CA LYS A 330 -21.20 -24.19 19.00
C LYS A 330 -21.97 -25.50 18.94
N GLU A 331 -23.31 -25.45 18.91
CA GLU A 331 -24.09 -26.67 18.84
C GLU A 331 -23.86 -27.42 17.53
N CYS A 332 -23.47 -26.71 16.47
CA CYS A 332 -23.24 -27.36 15.18
C CYS A 332 -22.14 -28.40 15.29
N ASN A 333 -21.05 -28.07 15.96
CA ASN A 333 -19.97 -29.03 16.14
C ASN A 333 -20.40 -30.20 17.01
N ILE A 334 -21.27 -29.95 17.99
CA ILE A 334 -21.75 -31.04 18.84
C ILE A 334 -22.59 -32.02 18.03
N ASN A 335 -23.56 -31.50 17.28
CA ASN A 335 -24.44 -32.33 16.47
C ASN A 335 -25.26 -31.43 15.56
N ILE A 336 -25.54 -31.94 14.36
CA ILE A 336 -26.44 -31.25 13.43
C ILE A 336 -27.90 -31.62 13.68
N SER A 337 -28.16 -32.75 14.35
CA SER A 337 -29.54 -33.13 14.65
C SER A 337 -30.25 -32.10 15.50
N THR A 338 -29.52 -31.33 16.30
CA THR A 338 -30.13 -30.27 17.08
C THR A 338 -30.66 -29.18 16.15
N THR A 339 -31.86 -28.68 16.45
CA THR A 339 -32.52 -27.69 15.62
C THR A 339 -32.66 -26.34 16.31
N ASN A 340 -32.08 -26.19 17.50
CA ASN A 340 -32.20 -24.92 18.22
C ASN A 340 -31.55 -23.79 17.45
N TYR A 341 -30.36 -24.02 16.90
CA TYR A 341 -29.73 -22.95 16.15
C TYR A 341 -29.78 -23.23 14.65
N PRO A 342 -30.02 -22.22 13.82
CA PRO A 342 -29.99 -22.44 12.37
C PRO A 342 -28.58 -22.70 11.89
N CYS A 343 -28.28 -23.95 11.58
CA CYS A 343 -26.91 -24.36 11.30
C CYS A 343 -26.63 -24.23 9.81
N LYS A 344 -25.52 -23.58 9.49
CA LYS A 344 -25.19 -23.23 8.10
C LYS A 344 -24.76 -24.49 7.35
N VAL A 345 -25.34 -24.70 6.17
CA VAL A 345 -24.98 -25.82 5.31
C VAL A 345 -25.19 -25.43 3.87
N SER A 346 -24.35 -25.95 2.99
CA SER A 346 -24.43 -25.69 1.55
C SER A 346 -24.31 -27.01 0.80
N THR A 347 -24.94 -27.07 -0.37
CA THR A 347 -25.03 -28.28 -1.16
C THR A 347 -24.36 -28.09 -2.52
N GLY A 348 -24.47 -29.10 -3.37
CA GLY A 348 -23.89 -29.06 -4.70
C GLY A 348 -23.96 -30.39 -5.43
N ARG A 349 -24.25 -30.34 -6.73
CA ARG A 349 -24.41 -31.54 -7.55
C ARG A 349 -23.10 -32.08 -8.11
N HIS A 350 -21.98 -31.38 -7.86
CA HIS A 350 -20.69 -31.73 -8.48
C HIS A 350 -19.64 -31.89 -7.39
N PRO A 351 -19.58 -33.07 -6.77
CA PRO A 351 -18.58 -33.29 -5.71
C PRO A 351 -17.17 -33.43 -6.25
N ILE A 352 -16.33 -32.43 -5.99
CA ILE A 352 -14.93 -32.48 -6.40
C ILE A 352 -14.10 -33.03 -5.25
N SER A 353 -12.97 -33.63 -5.59
CA SER A 353 -12.06 -34.18 -4.60
C SER A 353 -11.18 -33.09 -4.02
N MET A 354 -10.97 -33.13 -2.71
CA MET A 354 -10.20 -32.10 -2.02
C MET A 354 -9.54 -32.72 -0.79
N VAL A 355 -8.46 -32.09 -0.36
CA VAL A 355 -7.73 -32.48 0.84
C VAL A 355 -7.78 -31.33 1.82
N ALA A 356 -8.04 -31.64 3.10
CA ALA A 356 -8.16 -30.63 4.15
C ALA A 356 -6.99 -30.80 5.10
N LEU A 357 -6.22 -29.73 5.30
CA LEU A 357 -5.07 -29.75 6.19
C LEU A 357 -5.50 -29.31 7.58
N SER A 358 -5.60 -30.25 8.49
CA SER A 358 -5.88 -29.87 9.86
C SER A 358 -4.59 -29.50 10.57
N PRO A 359 -4.65 -28.61 11.56
CA PRO A 359 -3.43 -28.27 12.30
C PRO A 359 -2.75 -29.46 12.93
N LEU A 360 -3.53 -30.44 13.39
CA LEU A 360 -2.96 -31.67 13.95
C LEU A 360 -3.07 -32.85 12.99
N GLY A 361 -4.28 -33.13 12.50
CA GLY A 361 -4.51 -34.25 11.61
C GLY A 361 -4.58 -33.81 10.15
N ALA A 362 -5.30 -34.60 9.36
CA ALA A 362 -5.49 -34.30 7.95
C ALA A 362 -6.76 -35.00 7.47
N LEU A 363 -7.53 -34.29 6.65
CA LEU A 363 -8.80 -34.81 6.15
C LEU A 363 -8.74 -34.86 4.63
N VAL A 364 -9.09 -36.01 4.06
CA VAL A 364 -8.96 -36.27 2.64
C VAL A 364 -10.23 -36.92 2.12
N ALA A 365 -10.62 -36.55 0.91
CA ALA A 365 -11.78 -37.14 0.25
C ALA A 365 -11.45 -37.42 -1.20
N CYS A 366 -11.84 -38.61 -1.67
CA CYS A 366 -11.63 -39.03 -3.05
C CYS A 366 -12.94 -39.60 -3.58
N TYR A 367 -13.35 -39.16 -4.76
CA TYR A 367 -14.68 -39.48 -5.27
C TYR A 367 -14.68 -40.24 -6.58
N LYS A 368 -13.92 -39.77 -7.59
CA LYS A 368 -13.98 -40.34 -8.92
C LYS A 368 -13.04 -41.52 -9.10
N GLY A 369 -12.67 -42.21 -8.01
CA GLY A 369 -11.82 -43.37 -8.11
C GLY A 369 -10.36 -43.08 -8.35
N VAL A 370 -9.95 -41.82 -8.23
CA VAL A 370 -8.55 -41.47 -8.46
C VAL A 370 -7.67 -42.13 -7.41
N SER A 371 -6.49 -42.57 -7.84
CA SER A 371 -5.55 -43.22 -6.93
C SER A 371 -4.97 -42.18 -5.97
N CYS A 372 -5.48 -42.17 -4.74
CA CYS A 372 -4.98 -41.31 -3.69
C CYS A 372 -4.50 -42.18 -2.54
N SER A 373 -3.20 -42.14 -2.26
CA SER A 373 -2.55 -43.11 -1.40
C SER A 373 -1.85 -42.42 -0.23
N ILE A 374 -1.59 -43.21 0.81
CA ILE A 374 -0.86 -42.75 1.97
C ILE A 374 0.64 -42.83 1.70
N GLY A 375 1.34 -41.73 1.94
CA GLY A 375 2.77 -41.70 1.71
C GLY A 375 3.58 -41.39 2.97
N SER A 376 4.86 -41.75 2.95
CA SER A 376 5.74 -41.48 4.08
C SER A 376 7.17 -41.37 3.57
N ASN A 377 8.10 -41.13 4.50
CA ASN A 377 9.50 -40.98 4.14
C ASN A 377 10.18 -42.32 3.95
N ARG A 378 10.22 -43.14 5.02
CA ARG A 378 10.89 -44.43 4.92
C ARG A 378 10.09 -45.41 4.05
N VAL A 379 8.76 -45.33 4.08
CA VAL A 379 7.92 -46.17 3.24
C VAL A 379 7.28 -45.28 2.18
N GLY A 380 7.48 -45.66 0.92
CA GLY A 380 6.98 -44.88 -0.19
C GLY A 380 5.47 -44.90 -0.33
N ILE A 381 4.88 -46.10 -0.32
CA ILE A 381 3.44 -46.27 -0.41
C ILE A 381 3.01 -47.16 0.76
N ILE A 382 2.14 -46.64 1.61
CA ILE A 382 1.69 -47.40 2.78
C ILE A 382 0.38 -48.13 2.49
N LYS A 383 -0.62 -47.42 1.98
CA LYS A 383 -1.94 -48.01 1.79
C LYS A 383 -2.71 -47.18 0.79
N GLN A 384 -3.74 -47.79 0.20
CA GLN A 384 -4.70 -47.12 -0.66
C GLN A 384 -6.02 -47.02 0.07
N LEU A 385 -6.47 -45.79 0.35
CA LEU A 385 -7.71 -45.58 1.06
C LEU A 385 -8.91 -45.74 0.13
N ASN A 386 -10.09 -45.81 0.72
CA ASN A 386 -11.33 -46.03 -0.02
C ASN A 386 -12.26 -44.84 0.17
N LYS A 387 -12.91 -44.44 -0.93
CA LYS A 387 -13.90 -43.36 -0.93
C LYS A 387 -13.25 -42.08 -0.38
N GLY A 388 -13.82 -41.50 0.68
CA GLY A 388 -13.35 -40.23 1.16
C GLY A 388 -13.75 -39.97 2.60
N CYS A 389 -13.41 -38.77 3.07
CA CYS A 389 -13.56 -38.40 4.48
C CYS A 389 -12.93 -39.44 5.40
N SER A 390 -11.74 -39.90 5.02
CA SER A 390 -10.93 -40.74 5.89
C SER A 390 -9.94 -39.83 6.60
N TYR A 391 -10.34 -39.32 7.76
CA TYR A 391 -9.49 -38.43 8.51
C TYR A 391 -8.27 -39.18 9.03
N ILE A 392 -7.09 -38.78 8.55
CA ILE A 392 -5.85 -39.47 8.86
C ILE A 392 -4.91 -38.50 9.57
N THR A 393 -4.36 -38.95 10.68
CA THR A 393 -3.46 -38.13 11.48
C THR A 393 -2.05 -38.14 10.90
N ASN A 394 -1.28 -37.12 11.25
CA ASN A 394 0.15 -37.12 10.94
C ASN A 394 0.92 -38.14 11.77
N GLN A 395 0.33 -38.63 12.86
CA GLN A 395 0.97 -39.69 13.64
C GLN A 395 1.10 -40.97 12.83
N ASP A 396 0.08 -41.32 12.06
CA ASP A 396 0.10 -42.55 11.28
C ASP A 396 0.69 -42.37 9.89
N ALA A 397 0.51 -41.20 9.28
CA ALA A 397 0.97 -40.94 7.93
C ALA A 397 1.83 -39.69 7.91
N ASP A 398 2.73 -39.62 6.93
CA ASP A 398 3.61 -38.47 6.76
C ASP A 398 3.20 -37.57 5.61
N THR A 399 2.81 -38.15 4.47
CA THR A 399 2.40 -37.39 3.31
C THR A 399 1.22 -38.07 2.65
N VAL A 400 0.47 -37.31 1.86
CA VAL A 400 -0.66 -37.83 1.11
C VAL A 400 -0.52 -37.40 -0.34
N THR A 401 -0.85 -38.30 -1.26
CA THR A 401 -0.71 -38.06 -2.69
C THR A 401 -2.08 -38.06 -3.34
N ILE A 402 -2.33 -37.04 -4.17
CA ILE A 402 -3.58 -36.92 -4.92
C ILE A 402 -3.28 -36.25 -6.25
N ASP A 403 -3.55 -36.96 -7.35
CA ASP A 403 -3.22 -36.50 -8.69
C ASP A 403 -1.76 -36.03 -8.76
N ASN A 404 -0.86 -36.97 -8.44
CA ASN A 404 0.59 -36.75 -8.36
C ASN A 404 0.96 -35.42 -7.71
N THR A 405 0.18 -35.02 -6.71
CA THR A 405 0.43 -33.79 -5.96
C THR A 405 0.47 -34.17 -4.48
N VAL A 406 1.66 -34.09 -3.88
CA VAL A 406 1.83 -34.51 -2.50
C VAL A 406 1.45 -33.37 -1.56
N TYR A 407 1.10 -33.75 -0.32
CA TYR A 407 0.85 -32.80 0.75
C TYR A 407 1.52 -33.30 2.01
N GLN A 408 2.32 -32.43 2.62
CA GLN A 408 3.05 -32.82 3.83
C GLN A 408 2.17 -32.63 5.06
N LEU A 409 2.60 -33.24 6.16
CA LEU A 409 1.89 -33.18 7.43
C LEU A 409 2.83 -32.69 8.52
N SER A 410 2.26 -31.97 9.48
CA SER A 410 3.03 -31.36 10.55
C SER A 410 3.50 -32.42 11.54
N LYS A 411 4.50 -32.03 12.35
CA LYS A 411 5.05 -32.90 13.37
C LYS A 411 4.42 -32.67 14.74
N VAL A 412 3.51 -31.69 14.85
CA VAL A 412 2.91 -31.38 16.14
C VAL A 412 2.15 -32.60 16.67
N GLU A 413 2.33 -32.86 17.96
CA GLU A 413 1.74 -34.02 18.63
C GLU A 413 0.75 -33.55 19.67
N GLY A 414 -0.42 -34.19 19.71
CA GLY A 414 -1.44 -33.86 20.69
C GLY A 414 -2.48 -34.94 20.73
N GLU A 415 -3.34 -34.85 21.75
CA GLU A 415 -4.40 -35.83 21.93
C GLU A 415 -5.35 -35.81 20.74
N GLN A 416 -5.71 -36.99 20.26
CA GLN A 416 -6.54 -37.15 19.09
C GLN A 416 -7.80 -37.91 19.45
N HIS A 417 -8.92 -37.56 18.82
CA HIS A 417 -10.18 -38.23 19.07
C HIS A 417 -11.03 -38.22 17.80
N VAL A 418 -11.92 -39.20 17.71
CA VAL A 418 -12.86 -39.33 16.60
C VAL A 418 -14.24 -39.58 17.17
N ILE A 419 -15.25 -38.90 16.62
CA ILE A 419 -16.62 -39.00 17.08
C ILE A 419 -17.41 -39.83 16.08
N LYS A 420 -17.91 -40.98 16.54
CA LYS A 420 -18.72 -41.82 15.69
C LYS A 420 -20.08 -41.16 15.41
N GLY A 421 -20.52 -41.27 14.17
CA GLY A 421 -21.81 -40.71 13.79
C GLY A 421 -22.22 -41.17 12.42
N ARG A 422 -23.52 -41.09 12.17
CA ARG A 422 -24.08 -41.48 10.89
C ARG A 422 -24.06 -40.29 9.94
N PRO A 423 -23.35 -40.37 8.81
CA PRO A 423 -23.32 -39.25 7.88
C PRO A 423 -24.68 -39.04 7.22
N VAL A 424 -24.75 -37.99 6.40
CA VAL A 424 -25.98 -37.69 5.67
C VAL A 424 -26.14 -38.70 4.56
N SER A 425 -27.06 -39.66 4.75
CA SER A 425 -27.21 -40.77 3.81
C SER A 425 -27.66 -40.27 2.44
N SER A 426 -28.84 -39.66 2.38
CA SER A 426 -29.36 -39.06 1.16
C SER A 426 -29.56 -37.56 1.39
N SER A 427 -29.89 -36.86 0.31
CA SER A 427 -30.09 -35.42 0.41
C SER A 427 -31.22 -35.10 1.37
N PHE A 428 -30.93 -34.28 2.38
CA PHE A 428 -31.87 -33.89 3.40
C PHE A 428 -32.07 -32.39 3.37
N ASP A 429 -33.28 -31.94 3.73
CA ASP A 429 -33.60 -30.52 3.81
C ASP A 429 -34.28 -30.18 5.13
N PRO A 430 -33.63 -30.44 6.28
CA PRO A 430 -34.16 -29.90 7.54
C PRO A 430 -33.56 -28.55 7.90
N VAL A 431 -32.35 -28.27 7.39
CA VAL A 431 -31.55 -27.15 7.88
C VAL A 431 -30.98 -26.32 6.74
N LYS A 432 -31.26 -26.72 5.50
CA LYS A 432 -30.63 -26.09 4.34
C LYS A 432 -31.22 -24.71 4.11
N PHE A 433 -30.94 -23.80 5.04
CA PHE A 433 -31.30 -22.40 4.88
C PHE A 433 -30.32 -21.62 4.01
N PRO A 434 -29.01 -21.68 4.25
CA PRO A 434 -28.09 -20.86 3.48
C PRO A 434 -27.58 -21.55 2.23
N GLU A 435 -26.78 -20.80 1.45
CA GLU A 435 -26.18 -21.32 0.23
C GLU A 435 -24.90 -20.57 -0.10
N GLN B 1 4.34 2.82 47.96
CA GLN B 1 4.70 3.81 46.95
C GLN B 1 3.60 4.84 46.76
N ALA B 2 2.37 4.36 46.61
CA ALA B 2 1.23 5.25 46.40
C ALA B 2 0.00 4.63 47.04
N VAL B 3 -0.98 5.49 47.33
CA VAL B 3 -2.21 5.06 47.97
C VAL B 3 -3.27 6.12 47.69
N VAL B 4 -4.53 5.71 47.70
CA VAL B 4 -5.65 6.60 47.41
C VAL B 4 -6.23 7.08 48.73
N THR B 5 -6.45 8.39 48.85
CA THR B 5 -6.95 9.01 50.07
C THR B 5 -8.38 9.45 49.87
N GLN B 6 -9.21 9.24 50.90
CA GLN B 6 -10.61 9.59 50.88
C GLN B 6 -11.04 10.08 52.25
N PRO B 7 -11.86 11.14 52.32
CA PRO B 7 -12.22 11.70 53.62
C PRO B 7 -12.97 10.69 54.46
N PRO B 8 -12.86 10.77 55.79
CA PRO B 8 -13.48 9.76 56.66
C PRO B 8 -15.00 9.76 56.60
N SER B 9 -15.61 10.92 56.83
CA SER B 9 -17.06 11.01 56.87
C SER B 9 -17.53 12.36 56.34
N VAL B 10 -18.72 12.37 55.75
CA VAL B 10 -19.33 13.58 55.23
C VAL B 10 -20.79 13.62 55.67
N SER B 11 -21.20 14.74 56.26
CA SER B 11 -22.56 14.92 56.74
C SER B 11 -23.36 15.79 55.78
N GLY B 12 -24.67 15.53 55.71
CA GLY B 12 -25.54 16.26 54.84
C GLY B 12 -26.96 16.28 55.38
N ALA B 13 -27.82 16.99 54.67
CA ALA B 13 -29.24 17.12 54.99
C ALA B 13 -30.06 16.75 53.77
N PRO B 14 -31.31 16.33 53.96
CA PRO B 14 -32.13 15.97 52.81
C PRO B 14 -32.31 17.15 51.86
N GLY B 15 -32.23 16.85 50.56
CA GLY B 15 -32.51 17.82 49.52
C GLY B 15 -31.34 18.67 49.07
N GLN B 16 -30.20 18.59 49.74
CA GLN B 16 -29.04 19.40 49.37
C GLN B 16 -28.09 18.57 48.50
N ARG B 17 -26.91 19.14 48.22
CA ARG B 17 -25.90 18.50 47.38
C ARG B 17 -24.68 18.15 48.22
N VAL B 18 -24.15 16.95 48.01
CA VAL B 18 -23.02 16.42 48.77
C VAL B 18 -21.92 16.02 47.80
N ILE B 19 -20.69 16.43 48.10
CA ILE B 19 -19.53 16.14 47.26
C ILE B 19 -18.55 15.28 48.06
N ILE B 20 -18.14 14.16 47.49
CA ILE B 20 -17.15 13.27 48.08
C ILE B 20 -15.93 13.24 47.17
N SER B 21 -14.76 13.51 47.74
CA SER B 21 -13.53 13.62 46.99
C SER B 21 -12.73 12.33 47.10
N CYS B 22 -11.97 12.04 46.05
CA CYS B 22 -11.11 10.85 46.00
C CYS B 22 -9.78 11.28 45.39
N THR B 23 -8.83 11.66 46.24
CA THR B 23 -7.55 12.18 45.79
C THR B 23 -6.58 11.04 45.53
N GLY B 24 -6.01 11.01 44.33
CA GLY B 24 -5.06 10.00 43.92
C GLY B 24 -3.63 10.45 44.08
N SER B 25 -2.77 9.98 43.18
CA SER B 25 -1.36 10.34 43.19
C SER B 25 -0.85 10.34 41.77
N GLY B 26 0.46 10.39 41.61
CA GLY B 26 1.07 10.42 40.30
C GLY B 26 1.29 9.08 39.64
N SER B 27 1.11 7.98 40.38
CA SER B 27 1.34 6.65 39.87
C SER B 27 0.07 5.86 39.59
N ASN B 28 -1.06 6.27 40.17
CA ASN B 28 -2.32 5.57 39.97
C ASN B 28 -3.27 6.35 39.06
N LEU B 29 -3.59 7.60 39.40
CA LEU B 29 -4.41 8.43 38.53
C LEU B 29 -3.59 9.35 37.64
N GLY B 30 -2.31 9.52 37.92
CA GLY B 30 -1.46 10.32 37.06
C GLY B 30 -1.04 9.63 35.79
N ALA B 31 -1.32 8.32 35.66
CA ALA B 31 -1.04 7.57 34.45
C ALA B 31 -2.30 7.29 33.64
N ASP B 32 -3.35 8.08 33.86
CA ASP B 32 -4.63 7.94 33.15
C ASP B 32 -5.24 6.55 33.38
N TYR B 33 -5.55 6.26 34.63
CA TYR B 33 -6.33 5.10 35.00
C TYR B 33 -7.71 5.54 35.47
N GLY B 34 -8.65 4.61 35.45
CA GLY B 34 -10.02 4.93 35.79
C GLY B 34 -10.24 5.04 37.28
N VAL B 35 -11.38 5.65 37.62
CA VAL B 35 -11.85 5.74 38.99
C VAL B 35 -13.29 5.28 39.02
N HIS B 36 -13.61 4.35 39.92
CA HIS B 36 -14.95 3.78 39.97
C HIS B 36 -15.44 3.78 41.42
N TRP B 37 -16.75 3.90 41.57
CA TRP B 37 -17.38 4.09 42.87
C TRP B 37 -18.30 2.92 43.19
N TYR B 38 -18.22 2.45 44.43
CA TYR B 38 -19.07 1.38 44.92
C TYR B 38 -19.82 1.85 46.16
N GLN B 39 -21.08 1.43 46.27
CA GLN B 39 -21.91 1.73 47.44
C GLN B 39 -22.17 0.45 48.19
N GLN B 40 -21.84 0.43 49.48
CA GLN B 40 -22.00 -0.74 50.32
C GLN B 40 -23.05 -0.43 51.38
N LEU B 41 -24.22 -1.06 51.25
CA LEU B 41 -25.24 -0.94 52.28
C LEU B 41 -24.76 -1.62 53.55
N PRO B 42 -25.32 -1.26 54.70
CA PRO B 42 -24.77 -1.76 55.98
C PRO B 42 -24.81 -3.28 56.13
N GLY B 43 -25.63 -3.98 55.36
CA GLY B 43 -25.75 -5.41 55.55
C GLY B 43 -25.44 -6.30 54.36
N THR B 44 -25.26 -5.70 53.18
CA THR B 44 -25.10 -6.46 51.95
C THR B 44 -23.77 -6.16 51.28
N ALA B 45 -23.54 -6.81 50.15
CA ALA B 45 -22.32 -6.67 49.38
C ALA B 45 -22.32 -5.36 48.59
N PRO B 46 -21.15 -4.84 48.27
CA PRO B 46 -21.09 -3.60 47.48
C PRO B 46 -21.63 -3.82 46.08
N LYS B 47 -22.11 -2.73 45.47
CA LYS B 47 -22.61 -2.78 44.11
C LYS B 47 -22.06 -1.59 43.33
N LEU B 48 -21.95 -1.75 42.02
CA LEU B 48 -21.34 -0.73 41.18
C LEU B 48 -22.24 0.49 41.06
N LEU B 49 -21.66 1.68 41.25
CA LEU B 49 -22.36 2.93 41.06
C LEU B 49 -21.91 3.66 39.80
N ILE B 50 -20.61 3.94 39.67
CA ILE B 50 -20.06 4.69 38.55
C ILE B 50 -18.84 3.94 38.03
N TYR B 51 -18.74 3.78 36.72
CA TYR B 51 -17.57 3.19 36.08
C TYR B 51 -17.16 4.04 34.89
N GLY B 52 -15.86 4.12 34.65
CA GLY B 52 -15.37 4.98 33.59
C GLY B 52 -15.42 6.45 33.91
N ASP B 53 -15.55 6.80 35.19
CA ASP B 53 -15.49 8.15 35.74
C ASP B 53 -16.74 8.97 35.45
N ARG B 54 -17.58 8.52 34.51
CA ARG B 54 -18.81 9.25 34.23
C ARG B 54 -20.01 8.39 33.90
N ASN B 55 -19.84 7.10 33.60
CA ASN B 55 -20.96 6.31 33.12
C ASN B 55 -21.85 5.87 34.29
N ARG B 56 -23.03 5.36 33.94
CA ARG B 56 -23.98 4.88 34.93
C ARG B 56 -24.59 3.57 34.45
N PRO B 57 -24.36 2.48 35.16
CA PRO B 57 -25.05 1.23 34.83
C PRO B 57 -26.54 1.34 35.11
N SER B 58 -27.31 0.52 34.40
CA SER B 58 -28.76 0.54 34.57
C SER B 58 -29.13 0.19 36.00
N GLY B 59 -30.01 0.99 36.58
CA GLY B 59 -30.48 0.81 37.95
C GLY B 59 -30.24 1.99 38.86
N VAL B 60 -29.21 2.78 38.61
CA VAL B 60 -28.93 3.96 39.43
C VAL B 60 -29.94 5.04 39.09
N PRO B 61 -30.44 5.80 40.07
CA PRO B 61 -31.51 6.76 39.77
C PRO B 61 -31.00 8.11 39.28
N ASP B 62 -30.00 8.10 38.39
CA ASP B 62 -29.62 9.26 37.58
C ASP B 62 -29.17 10.46 38.42
N ARG B 63 -29.16 10.33 39.74
CA ARG B 63 -28.79 11.43 40.62
C ARG B 63 -27.35 11.34 41.10
N PHE B 64 -26.57 10.39 40.60
CA PHE B 64 -25.16 10.26 40.94
C PHE B 64 -24.32 10.64 39.73
N SER B 65 -23.34 11.53 39.95
CA SER B 65 -22.46 11.98 38.89
C SER B 65 -21.02 11.97 39.39
N GLY B 66 -20.09 11.66 38.48
CA GLY B 66 -18.69 11.64 38.80
C GLY B 66 -17.88 12.39 37.77
N SER B 67 -16.71 12.86 38.21
CA SER B 67 -15.82 13.60 37.33
C SER B 67 -14.38 13.35 37.76
N LYS B 68 -13.49 13.27 36.77
CA LYS B 68 -12.07 13.06 37.02
C LYS B 68 -11.28 14.14 36.29
N SER B 69 -10.23 14.64 36.95
CA SER B 69 -9.37 15.66 36.36
C SER B 69 -8.04 15.63 37.07
N GLY B 70 -6.97 15.42 36.32
CA GLY B 70 -5.65 15.35 36.92
C GLY B 70 -5.55 14.18 37.87
N THR B 71 -5.10 14.46 39.09
CA THR B 71 -4.93 13.44 40.12
C THR B 71 -6.00 13.56 41.20
N SER B 72 -7.22 13.92 40.80
CA SER B 72 -8.31 14.08 41.75
C SER B 72 -9.63 13.76 41.06
N ALA B 73 -10.55 13.19 41.83
CA ALA B 73 -11.87 12.84 41.32
C ALA B 73 -12.89 13.10 42.41
N SER B 74 -14.15 13.26 42.00
CA SER B 74 -15.21 13.56 42.94
C SER B 74 -16.49 12.87 42.51
N LEU B 75 -17.34 12.57 43.50
CA LEU B 75 -18.64 11.96 43.29
C LEU B 75 -19.71 12.91 43.79
N ALA B 76 -20.72 13.14 42.96
CA ALA B 76 -21.76 14.13 43.23
C ALA B 76 -23.11 13.46 43.39
N ILE B 77 -23.80 13.76 44.48
CA ILE B 77 -25.16 13.30 44.71
C ILE B 77 -26.06 14.53 44.82
N THR B 78 -27.08 14.58 43.98
CA THR B 78 -28.04 15.69 43.98
C THR B 78 -29.38 15.18 44.49
N GLY B 79 -30.00 15.95 45.37
CA GLY B 79 -31.26 15.53 45.97
C GLY B 79 -31.07 14.39 46.94
N LEU B 80 -30.28 14.62 47.99
CA LEU B 80 -30.01 13.59 48.97
C LEU B 80 -31.29 13.21 49.71
N GLN B 81 -31.49 11.92 49.90
CA GLN B 81 -32.66 11.39 50.58
C GLN B 81 -32.22 10.55 51.78
N ALA B 82 -33.20 9.91 52.41
CA ALA B 82 -32.93 9.16 53.64
C ALA B 82 -32.32 7.79 53.39
N GLU B 83 -32.58 7.18 52.24
CA GLU B 83 -32.13 5.81 51.98
C GLU B 83 -30.68 5.75 51.54
N ASP B 84 -30.04 6.88 51.31
CA ASP B 84 -28.63 6.92 50.92
C ASP B 84 -27.72 6.99 52.13
N GLU B 85 -27.93 6.06 53.07
CA GLU B 85 -27.17 5.97 54.31
C GLU B 85 -26.34 4.70 54.25
N ALA B 86 -25.13 4.82 53.71
CA ALA B 86 -24.28 3.65 53.50
C ALA B 86 -22.84 4.13 53.32
N ASP B 87 -21.94 3.19 53.11
CA ASP B 87 -20.52 3.48 52.90
C ASP B 87 -20.24 3.58 51.40
N TYR B 88 -19.29 4.45 51.04
CA TYR B 88 -18.94 4.68 49.66
C TYR B 88 -17.43 4.54 49.49
N TYR B 89 -17.01 3.94 48.37
CA TYR B 89 -15.61 3.69 48.10
C TYR B 89 -15.26 4.14 46.69
N CYS B 90 -14.01 4.51 46.48
CA CYS B 90 -13.49 4.86 45.16
C CYS B 90 -12.33 3.93 44.83
N GLN B 91 -12.36 3.36 43.64
CA GLN B 91 -11.38 2.37 43.20
C GLN B 91 -10.50 2.96 42.10
N SER B 92 -9.37 2.29 41.85
CA SER B 92 -8.45 2.67 40.79
C SER B 92 -7.49 1.51 40.54
N TYR B 93 -6.49 1.75 39.72
CA TYR B 93 -5.42 0.80 39.44
C TYR B 93 -4.08 1.50 39.66
N ASP B 94 -3.07 0.73 40.07
CA ASP B 94 -1.77 1.30 40.40
C ASP B 94 -0.69 0.54 39.67
N ARG B 95 0.41 1.25 39.36
CA ARG B 95 1.49 0.66 38.58
C ARG B 95 2.09 -0.56 39.25
N SER B 96 2.37 -0.47 40.55
CA SER B 96 3.08 -1.53 41.25
C SER B 96 2.28 -2.17 42.37
N LEU B 97 1.08 -1.68 42.67
CA LEU B 97 0.24 -2.25 43.70
C LEU B 97 -1.03 -2.89 43.17
N ASN B 98 -1.21 -2.90 41.85
CA ASN B 98 -2.38 -3.51 41.20
C ASN B 98 -3.63 -2.81 41.72
N TRP B 99 -4.75 -3.52 41.87
CA TRP B 99 -6.01 -2.88 42.23
C TRP B 99 -5.91 -2.26 43.63
N VAL B 100 -6.37 -1.02 43.75
CA VAL B 100 -6.32 -0.30 45.02
C VAL B 100 -7.71 0.22 45.34
N PHE B 101 -8.04 0.20 46.63
CA PHE B 101 -9.34 0.68 47.11
C PHE B 101 -9.12 1.87 48.03
N GLY B 102 -10.03 2.84 47.94
CA GLY B 102 -9.92 4.02 48.76
C GLY B 102 -10.19 3.73 50.22
N GLY B 103 -9.98 4.76 51.05
CA GLY B 103 -10.23 4.61 52.47
C GLY B 103 -11.68 4.31 52.78
N GLY B 104 -12.60 4.94 52.05
CA GLY B 104 -14.01 4.70 52.26
C GLY B 104 -14.63 5.71 53.21
N THR B 105 -15.76 6.28 52.82
CA THR B 105 -16.46 7.25 53.64
C THR B 105 -17.89 6.78 53.90
N LYS B 106 -18.44 7.20 55.03
CA LYS B 106 -19.83 6.92 55.38
C LYS B 106 -20.62 8.22 55.38
N LEU B 107 -21.69 8.26 54.60
CA LEU B 107 -22.51 9.44 54.46
C LEU B 107 -23.59 9.44 55.54
N THR B 108 -23.69 10.54 56.27
CA THR B 108 -24.67 10.70 57.34
C THR B 108 -25.65 11.81 56.96
N VAL B 109 -26.93 11.51 57.05
CA VAL B 109 -27.99 12.47 56.74
C VAL B 109 -28.51 13.06 58.04
N LEU B 110 -28.67 14.38 58.06
CA LEU B 110 -29.10 15.09 59.26
C LEU B 110 -30.58 15.40 59.14
N GLY B 111 -31.40 14.42 59.52
CA GLY B 111 -32.84 14.58 59.46
C GLY B 111 -33.59 13.95 60.63
N GLN B 112 -32.91 13.79 61.77
CA GLN B 112 -33.55 13.15 62.90
C GLN B 112 -33.20 13.91 64.18
N PRO B 113 -34.19 14.26 65.00
CA PRO B 113 -33.90 15.03 66.21
C PRO B 113 -33.09 14.21 67.22
N LYS B 114 -32.28 14.92 68.01
CA LYS B 114 -31.47 14.27 69.02
C LYS B 114 -32.36 13.63 70.08
N ALA B 115 -31.98 12.42 70.51
CA ALA B 115 -32.73 11.66 71.50
C ALA B 115 -31.85 11.42 72.72
N ALA B 116 -32.39 11.71 73.90
CA ALA B 116 -31.66 11.48 75.13
C ALA B 116 -31.49 9.99 75.38
N PRO B 117 -30.30 9.55 75.78
CA PRO B 117 -30.09 8.12 76.03
C PRO B 117 -30.71 7.67 77.34
N SER B 118 -30.99 6.37 77.40
CA SER B 118 -31.52 5.72 78.60
C SER B 118 -30.52 4.69 79.09
N VAL B 119 -30.20 4.73 80.37
CA VAL B 119 -29.24 3.82 80.99
C VAL B 119 -29.95 2.99 82.03
N THR B 120 -29.64 1.71 82.08
CA THR B 120 -30.20 0.79 83.07
C THR B 120 -29.05 0.05 83.76
N LEU B 121 -29.02 0.13 85.08
CA LEU B 121 -28.00 -0.53 85.89
C LEU B 121 -28.63 -1.70 86.64
N PHE B 122 -28.02 -2.87 86.51
CA PHE B 122 -28.52 -4.07 87.17
C PHE B 122 -27.61 -4.42 88.34
N PRO B 123 -28.13 -4.48 89.56
CA PRO B 123 -27.33 -4.93 90.68
C PRO B 123 -26.84 -6.35 90.44
N PRO B 124 -25.64 -6.68 90.91
CA PRO B 124 -25.16 -8.06 90.79
C PRO B 124 -26.12 -9.03 91.46
N SER B 125 -26.33 -10.17 90.80
CA SER B 125 -27.31 -11.13 91.28
C SER B 125 -26.77 -11.91 92.48
N SER B 126 -27.69 -12.55 93.21
CA SER B 126 -27.29 -13.41 94.31
C SER B 126 -26.57 -14.66 93.81
N GLU B 127 -27.07 -15.24 92.72
CA GLU B 127 -26.49 -16.49 92.21
C GLU B 127 -25.07 -16.28 91.68
N GLU B 128 -24.82 -15.15 91.00
CA GLU B 128 -23.51 -14.94 90.41
C GLU B 128 -22.42 -14.78 91.46
N LEU B 129 -22.78 -14.29 92.65
CA LEU B 129 -21.80 -14.16 93.73
C LEU B 129 -21.35 -15.51 94.27
N GLN B 130 -22.12 -16.57 94.02
CA GLN B 130 -21.75 -17.89 94.51
C GLN B 130 -20.45 -18.37 93.88
N ALA B 131 -20.29 -18.16 92.58
CA ALA B 131 -19.11 -18.64 91.86
C ALA B 131 -17.96 -17.62 91.93
N ASN B 132 -17.64 -17.19 93.16
CA ASN B 132 -16.51 -16.32 93.50
C ASN B 132 -16.26 -15.22 92.46
N LYS B 133 -17.33 -14.61 91.96
CA LYS B 133 -17.21 -13.57 90.94
C LYS B 133 -18.29 -12.53 91.17
N ALA B 134 -17.97 -11.28 90.83
CA ALA B 134 -18.93 -10.19 90.92
C ALA B 134 -18.94 -9.42 89.60
N THR B 135 -20.13 -9.26 89.03
CA THR B 135 -20.29 -8.57 87.76
C THR B 135 -21.40 -7.56 87.86
N LEU B 136 -21.25 -6.46 87.12
CA LEU B 136 -22.25 -5.40 87.06
C LEU B 136 -22.63 -5.18 85.61
N VAL B 137 -23.94 -5.14 85.34
CA VAL B 137 -24.47 -5.00 83.99
C VAL B 137 -25.03 -3.60 83.84
N CYS B 138 -24.52 -2.85 82.87
CA CYS B 138 -24.94 -1.48 82.60
C CYS B 138 -25.23 -1.34 81.12
N LEU B 139 -26.48 -1.03 80.78
CA LEU B 139 -26.93 -0.98 79.40
C LEU B 139 -27.43 0.42 79.05
N ILE B 140 -27.02 0.90 77.89
CA ILE B 140 -27.40 2.22 77.40
C ILE B 140 -28.04 2.05 76.03
N SER B 141 -29.17 2.71 75.80
CA SER B 141 -29.89 2.55 74.55
C SER B 141 -30.70 3.79 74.26
N ASP B 142 -31.30 3.81 73.06
CA ASP B 142 -32.25 4.85 72.65
C ASP B 142 -31.59 6.24 72.64
N PHE B 143 -30.59 6.38 71.78
CA PHE B 143 -29.96 7.67 71.54
C PHE B 143 -29.52 7.75 70.09
N TYR B 144 -29.78 8.88 69.45
CA TYR B 144 -29.43 9.06 68.04
C TYR B 144 -27.95 9.38 67.85
N PRO B 145 -27.37 10.35 68.58
CA PRO B 145 -25.92 10.56 68.45
C PRO B 145 -25.11 9.47 69.13
N GLY B 146 -24.35 8.70 68.35
CA GLY B 146 -23.59 7.60 68.91
C GLY B 146 -22.23 8.01 69.44
N ALA B 147 -22.21 8.96 70.37
CA ALA B 147 -20.97 9.40 71.02
C ALA B 147 -21.19 9.29 72.52
N VAL B 148 -20.93 8.11 73.07
CA VAL B 148 -21.14 7.84 74.48
C VAL B 148 -19.86 7.26 75.08
N THR B 149 -19.47 7.78 76.23
CA THR B 149 -18.33 7.29 76.98
C THR B 149 -18.80 6.82 78.34
N VAL B 150 -18.39 5.62 78.74
CA VAL B 150 -18.81 4.99 79.99
C VAL B 150 -17.63 5.04 80.95
N ALA B 151 -17.82 5.69 82.10
CA ALA B 151 -16.82 5.75 83.15
C ALA B 151 -17.40 5.13 84.41
N TRP B 152 -16.66 4.17 84.97
CA TRP B 152 -17.09 3.45 86.16
C TRP B 152 -16.37 4.03 87.37
N LYS B 153 -17.07 4.87 88.15
CA LYS B 153 -16.51 5.47 89.34
C LYS B 153 -17.09 4.79 90.57
N ALA B 154 -16.21 4.25 91.41
CA ALA B 154 -16.61 3.61 92.66
C ALA B 154 -16.49 4.63 93.78
N ASP B 155 -17.62 4.93 94.43
CA ASP B 155 -17.69 5.97 95.43
C ASP B 155 -17.03 7.15 94.75
N SER B 156 -16.07 7.79 95.38
CA SER B 156 -15.33 8.90 94.81
C SER B 156 -14.11 8.59 93.95
N SER B 157 -13.85 7.32 93.68
CA SER B 157 -12.65 6.92 92.93
C SER B 157 -13.04 6.33 91.58
N PRO B 158 -12.73 7.00 90.47
CA PRO B 158 -13.01 6.41 89.15
C PRO B 158 -12.12 5.21 88.87
N VAL B 159 -12.71 4.03 88.79
CA VAL B 159 -11.96 2.79 88.54
C VAL B 159 -12.01 2.48 87.05
N ASN B 160 -10.84 2.29 86.46
CA ASN B 160 -10.71 1.99 85.04
C ASN B 160 -10.10 0.60 84.84
N ALA B 161 -10.49 -0.35 85.68
CA ALA B 161 -9.99 -1.72 85.61
C ALA B 161 -11.16 -2.65 85.29
N GLY B 162 -11.17 -3.19 84.09
CA GLY B 162 -12.22 -4.12 83.68
C GLY B 162 -13.33 -3.51 82.85
N VAL B 163 -13.23 -2.23 82.46
CA VAL B 163 -14.27 -1.61 81.65
C VAL B 163 -14.26 -2.23 80.26
N GLU B 164 -15.43 -2.62 79.79
CA GLU B 164 -15.59 -3.34 78.52
C GLU B 164 -16.69 -2.71 77.69
N THR B 165 -16.66 -1.39 77.55
CA THR B 165 -17.65 -0.69 76.73
C THR B 165 -17.55 -1.12 75.28
N THR B 166 -18.70 -1.38 74.67
CA THR B 166 -18.75 -1.81 73.27
C THR B 166 -18.88 -0.59 72.36
N LYS B 167 -19.14 -0.85 71.08
CA LYS B 167 -19.29 0.21 70.08
C LYS B 167 -20.76 0.37 69.73
N PRO B 168 -21.28 1.61 69.72
CA PRO B 168 -22.72 1.79 69.51
C PRO B 168 -23.18 1.26 68.16
N SER B 169 -24.36 0.65 68.17
CA SER B 169 -24.93 0.04 66.97
C SER B 169 -26.38 0.49 66.81
N LYS B 170 -26.83 0.54 65.56
CA LYS B 170 -28.19 0.96 65.26
C LYS B 170 -29.17 -0.20 65.45
N GLN B 171 -30.38 0.15 65.84
CA GLN B 171 -31.46 -0.82 66.04
C GLN B 171 -32.60 -0.53 65.06
N SER B 172 -33.71 -1.25 65.23
CA SER B 172 -34.84 -1.12 64.32
C SER B 172 -35.42 0.28 64.34
N ASN B 173 -35.58 0.86 65.53
CA ASN B 173 -36.16 2.19 65.67
C ASN B 173 -35.11 3.29 65.60
N ASN B 174 -34.30 3.24 64.52
CA ASN B 174 -33.30 4.23 64.11
C ASN B 174 -32.62 4.91 65.29
N LYS B 175 -32.26 4.12 66.31
CA LYS B 175 -31.55 4.61 67.48
C LYS B 175 -30.33 3.74 67.72
N TYR B 176 -29.48 4.18 68.64
CA TYR B 176 -28.24 3.48 68.94
C TYR B 176 -28.27 2.93 70.36
N ALA B 177 -27.47 1.91 70.60
CA ALA B 177 -27.36 1.30 71.92
C ALA B 177 -25.95 0.76 72.11
N ALA B 178 -25.54 0.67 73.36
CA ALA B 178 -24.23 0.14 73.71
C ALA B 178 -24.28 -0.40 75.13
N SER B 179 -23.32 -1.26 75.44
CA SER B 179 -23.25 -1.87 76.77
C SER B 179 -21.80 -1.86 77.25
N SER B 180 -21.64 -1.84 78.57
CA SER B 180 -20.32 -1.86 79.18
C SER B 180 -20.33 -2.87 80.33
N TYR B 181 -19.35 -3.76 80.33
CA TYR B 181 -19.22 -4.79 81.35
C TYR B 181 -17.99 -4.52 82.20
N LEU B 182 -18.09 -4.80 83.49
CA LEU B 182 -16.97 -4.66 84.41
C LEU B 182 -17.04 -5.78 85.44
N SER B 183 -15.89 -6.42 85.69
CA SER B 183 -15.81 -7.54 86.61
C SER B 183 -15.21 -7.09 87.94
N LEU B 184 -15.64 -7.74 89.03
CA LEU B 184 -15.15 -7.44 90.35
C LEU B 184 -15.01 -8.75 91.12
N THR B 185 -14.16 -8.73 92.16
CA THR B 185 -14.24 -9.89 93.01
C THR B 185 -15.32 -9.69 94.07
N PRO B 186 -15.89 -10.76 94.62
CA PRO B 186 -16.92 -10.58 95.66
C PRO B 186 -16.44 -9.78 96.85
N GLU B 187 -15.15 -9.83 97.16
CA GLU B 187 -14.63 -9.07 98.29
C GLU B 187 -14.80 -7.57 98.07
N GLN B 188 -14.33 -7.06 96.93
CA GLN B 188 -14.42 -5.63 96.64
C GLN B 188 -15.80 -5.20 96.17
N TRP B 189 -16.66 -6.14 95.78
CA TRP B 189 -18.05 -5.81 95.50
C TRP B 189 -18.76 -5.29 96.75
N LYS B 190 -18.53 -5.95 97.88
CA LYS B 190 -19.12 -5.53 99.14
C LYS B 190 -18.23 -4.57 99.92
N SER B 191 -16.93 -4.52 99.61
CA SER B 191 -16.03 -3.62 100.32
C SER B 191 -16.38 -2.17 100.06
N HIS B 192 -16.68 -1.84 98.80
CA HIS B 192 -17.04 -0.47 98.45
C HIS B 192 -18.46 -0.16 98.90
N LYS B 193 -18.76 1.13 99.05
CA LYS B 193 -20.07 1.59 99.51
C LYS B 193 -21.09 1.67 98.38
N SER B 194 -20.69 2.16 97.21
CA SER B 194 -21.60 2.29 96.10
C SER B 194 -20.84 2.13 94.79
N TYR B 195 -21.58 1.77 93.74
CA TYR B 195 -21.04 1.62 92.40
C TYR B 195 -21.97 2.32 91.42
N SER B 196 -21.37 2.97 90.41
CA SER B 196 -22.14 3.73 89.44
C SER B 196 -21.58 3.51 88.05
N CYS B 197 -22.45 3.71 87.05
CA CYS B 197 -22.11 3.59 85.64
C CYS B 197 -22.59 4.86 84.93
N GLN B 198 -21.72 5.86 84.86
CA GLN B 198 -22.06 7.10 84.20
C GLN B 198 -21.97 6.94 82.68
N VAL B 199 -22.72 7.80 81.98
CA VAL B 199 -22.70 7.86 80.53
C VAL B 199 -22.71 9.31 80.09
N THR B 200 -21.92 9.62 79.06
CA THR B 200 -21.83 10.97 78.51
C THR B 200 -22.51 11.00 77.15
N HIS B 201 -23.31 12.04 76.91
CA HIS B 201 -24.01 12.19 75.63
C HIS B 201 -23.99 13.67 75.27
N GLU B 202 -22.99 14.06 74.47
CA GLU B 202 -22.75 15.44 74.03
C GLU B 202 -22.97 16.45 75.16
N GLY B 203 -22.52 16.10 76.37
CA GLY B 203 -22.69 16.96 77.52
C GLY B 203 -23.64 16.38 78.55
N SER B 204 -24.71 15.74 78.08
CA SER B 204 -25.68 15.15 78.99
C SER B 204 -25.08 13.95 79.70
N THR B 205 -25.31 13.87 81.02
CA THR B 205 -24.80 12.78 81.83
C THR B 205 -25.91 12.26 82.73
N VAL B 206 -26.10 10.95 82.75
CA VAL B 206 -27.10 10.29 83.58
C VAL B 206 -26.39 9.30 84.50
N GLU B 207 -26.74 9.35 85.78
CA GLU B 207 -26.07 8.54 86.80
C GLU B 207 -27.05 7.56 87.42
N LYS B 208 -26.59 6.33 87.63
CA LYS B 208 -27.32 5.32 88.37
C LYS B 208 -26.39 4.71 89.41
N THR B 209 -26.89 4.52 90.62
CA THR B 209 -26.09 4.07 91.74
C THR B 209 -26.65 2.77 92.31
N VAL B 210 -25.73 1.86 92.66
CA VAL B 210 -26.10 0.57 93.24
C VAL B 210 -25.27 0.35 94.50
N ALA B 211 -25.84 -0.39 95.44
CA ALA B 211 -25.20 -0.66 96.72
C ALA B 211 -25.15 -2.17 96.97
N PRO B 212 -24.19 -2.64 97.77
CA PRO B 212 -24.12 -4.08 98.05
C PRO B 212 -25.38 -4.64 98.68
N ALA B 213 -26.03 -3.88 99.56
CA ALA B 213 -27.28 -4.33 100.18
C ALA B 213 -28.45 -3.45 99.77
N GLU B 214 -28.36 -2.13 99.99
CA GLU B 214 -29.42 -1.19 99.62
C GLU B 214 -30.78 -1.61 100.18
N CYS B 215 -30.78 -2.04 101.45
CA CYS B 215 -31.99 -2.47 102.14
C CYS B 215 -32.32 -1.45 103.23
N SER B 216 -33.56 -0.96 103.20
CA SER B 216 -34.01 0.01 104.19
C SER B 216 -35.54 -0.01 104.31
N GLN C 1 -29.29 -12.35 36.05
CA GLN C 1 -29.42 -13.75 36.43
C GLN C 1 -28.09 -14.27 36.96
N VAL C 2 -27.03 -13.50 36.72
CA VAL C 2 -25.71 -13.86 37.22
C VAL C 2 -25.76 -13.96 38.74
N GLN C 3 -25.17 -15.02 39.27
CA GLN C 3 -25.21 -15.27 40.71
C GLN C 3 -23.97 -16.03 41.11
N LEU C 4 -23.22 -15.48 42.06
CA LEU C 4 -22.02 -16.11 42.58
C LEU C 4 -22.25 -16.56 44.01
N VAL C 5 -21.99 -17.83 44.30
CA VAL C 5 -22.19 -18.40 45.61
C VAL C 5 -20.85 -18.90 46.13
N GLU C 6 -20.49 -18.48 47.34
CA GLU C 6 -19.24 -18.85 47.96
C GLU C 6 -19.52 -19.59 49.26
N SER C 7 -18.64 -20.54 49.59
CA SER C 7 -18.81 -21.35 50.78
C SER C 7 -17.44 -21.87 51.22
N GLY C 8 -17.39 -22.36 52.44
CA GLY C 8 -16.16 -22.90 53.01
C GLY C 8 -15.61 -22.14 54.18
N GLY C 9 -16.31 -21.12 54.67
CA GLY C 9 -15.83 -20.36 55.81
C GLY C 9 -15.94 -21.15 57.11
N GLY C 10 -15.14 -20.75 58.08
CA GLY C 10 -15.15 -21.40 59.38
C GLY C 10 -14.12 -20.77 60.29
N VAL C 11 -14.04 -21.34 61.50
CA VAL C 11 -13.11 -20.87 62.53
C VAL C 11 -11.88 -21.77 62.52
N VAL C 12 -10.70 -21.18 62.60
CA VAL C 12 -9.45 -21.91 62.55
C VAL C 12 -8.41 -21.17 63.38
N LYS C 13 -7.56 -21.92 64.07
CA LYS C 13 -6.50 -21.35 64.87
C LYS C 13 -5.38 -20.83 63.98
N PRO C 14 -4.59 -19.87 64.47
CA PRO C 14 -3.49 -19.33 63.66
C PRO C 14 -2.48 -20.42 63.32
N GLY C 15 -1.85 -20.27 62.15
CA GLY C 15 -0.89 -21.25 61.68
C GLY C 15 -1.54 -22.52 61.17
N GLY C 16 -2.73 -22.39 60.60
CA GLY C 16 -3.46 -23.52 60.06
C GLY C 16 -3.62 -23.38 58.56
N SER C 17 -4.78 -23.83 58.07
CA SER C 17 -5.06 -23.76 56.64
C SER C 17 -6.57 -23.83 56.45
N LEU C 18 -7.01 -23.43 55.26
CA LEU C 18 -8.42 -23.42 54.93
C LEU C 18 -8.58 -23.32 53.42
N ARG C 19 -9.71 -23.81 52.91
CA ARG C 19 -10.02 -23.79 51.48
C ARG C 19 -11.39 -23.17 51.30
N VAL C 20 -11.45 -22.06 50.57
CA VAL C 20 -12.71 -21.38 50.29
C VAL C 20 -13.02 -21.50 48.80
N SER C 21 -14.25 -21.85 48.48
CA SER C 21 -14.69 -22.04 47.11
C SER C 21 -15.79 -21.05 46.76
N CYS C 22 -15.93 -20.79 45.46
CA CYS C 22 -16.98 -19.92 44.95
C CYS C 22 -17.46 -20.50 43.63
N VAL C 23 -18.78 -20.66 43.49
CA VAL C 23 -19.38 -21.32 42.34
C VAL C 23 -20.26 -20.30 41.62
N VAL C 24 -20.07 -20.19 40.31
CA VAL C 24 -20.79 -19.23 39.51
C VAL C 24 -21.90 -19.95 38.76
N SER C 25 -22.83 -19.17 38.19
CA SER C 25 -23.92 -19.72 37.40
C SER C 25 -24.57 -18.61 36.60
N GLY C 26 -24.94 -18.92 35.36
CA GLY C 26 -25.65 -17.97 34.53
C GLY C 26 -24.83 -17.25 33.49
N PHE C 27 -23.56 -17.59 33.33
CA PHE C 27 -22.74 -16.94 32.31
C PHE C 27 -21.57 -17.86 31.97
N THR C 28 -20.92 -17.57 30.83
CA THR C 28 -19.77 -18.35 30.39
C THR C 28 -18.60 -18.09 31.32
N PHE C 29 -18.27 -19.09 32.14
CA PHE C 29 -17.26 -18.88 33.17
C PHE C 29 -15.86 -18.77 32.59
N SER C 30 -15.59 -19.45 31.48
CA SER C 30 -14.23 -19.56 30.96
C SER C 30 -13.83 -18.36 30.11
N SER C 31 -14.49 -17.23 30.26
CA SER C 31 -14.14 -16.05 29.48
C SER C 31 -13.85 -14.82 30.32
N TYR C 32 -13.92 -14.91 31.65
CA TYR C 32 -13.74 -13.77 32.52
C TYR C 32 -12.63 -14.02 33.53
N ARG C 33 -11.80 -13.00 33.74
CA ARG C 33 -10.87 -13.00 34.85
C ARG C 33 -11.65 -12.89 36.16
N MET C 34 -11.14 -13.54 37.21
CA MET C 34 -11.84 -13.57 38.49
C MET C 34 -10.89 -13.16 39.61
N HIS C 35 -11.44 -12.48 40.61
CA HIS C 35 -10.68 -11.94 41.73
C HIS C 35 -11.22 -12.47 43.05
N TRP C 36 -10.44 -12.24 44.09
CA TRP C 36 -10.85 -12.47 45.48
C TRP C 36 -10.65 -11.16 46.23
N VAL C 37 -11.71 -10.67 46.88
CA VAL C 37 -11.66 -9.42 47.61
C VAL C 37 -12.13 -9.68 49.04
N ARG C 38 -11.44 -9.07 50.00
CA ARG C 38 -11.73 -9.28 51.42
C ARG C 38 -11.95 -7.94 52.10
N GLN C 39 -12.71 -7.97 53.19
CA GLN C 39 -13.01 -6.77 53.96
C GLN C 39 -12.97 -7.12 55.44
N ALA C 40 -12.06 -6.48 56.17
CA ALA C 40 -11.97 -6.70 57.60
C ALA C 40 -13.21 -6.15 58.29
N PRO C 41 -13.59 -6.71 59.44
CA PRO C 41 -14.80 -6.22 60.14
C PRO C 41 -14.65 -4.76 60.52
N GLY C 42 -15.52 -3.93 59.96
CA GLY C 42 -15.50 -2.50 60.24
C GLY C 42 -14.42 -1.72 59.54
N LYS C 43 -13.71 -2.33 58.60
CA LYS C 43 -12.64 -1.67 57.86
C LYS C 43 -13.01 -1.57 56.39
N GLY C 44 -12.12 -0.96 55.60
CA GLY C 44 -12.34 -0.82 54.19
C GLY C 44 -11.98 -2.07 53.41
N LEU C 45 -12.33 -2.05 52.12
CA LEU C 45 -12.07 -3.18 51.25
C LEU C 45 -10.57 -3.29 50.95
N GLU C 46 -10.18 -4.45 50.43
CA GLU C 46 -8.80 -4.68 50.05
C GLU C 46 -8.76 -5.83 49.05
N TRP C 47 -7.97 -5.65 47.98
CA TRP C 47 -7.82 -6.66 46.96
C TRP C 47 -6.82 -7.72 47.44
N VAL C 48 -7.10 -8.98 47.09
CA VAL C 48 -6.34 -10.12 47.60
C VAL C 48 -5.61 -10.86 46.50
N SER C 49 -6.33 -11.25 45.44
CA SER C 49 -5.73 -12.06 44.39
C SER C 49 -6.52 -11.89 43.10
N SER C 50 -5.97 -12.43 42.02
CA SER C 50 -6.60 -12.35 40.71
C SER C 50 -6.00 -13.40 39.80
N ILE C 51 -6.85 -14.06 39.01
CA ILE C 51 -6.42 -15.10 38.08
C ILE C 51 -7.11 -14.87 36.74
N THR C 52 -6.36 -15.06 35.66
CA THR C 52 -6.89 -14.83 34.32
C THR C 52 -7.83 -15.96 33.93
N ALA C 53 -8.28 -15.94 32.68
CA ALA C 53 -9.30 -16.88 32.21
C ALA C 53 -8.76 -18.27 31.94
N SER C 54 -7.44 -18.46 31.98
CA SER C 54 -6.89 -19.78 31.70
C SER C 54 -5.75 -20.15 32.63
N SER C 55 -5.70 -19.56 33.83
CA SER C 55 -4.69 -19.89 34.83
C SER C 55 -3.28 -19.68 34.31
N SER C 56 -3.08 -18.61 33.54
CA SER C 56 -1.78 -18.28 32.98
C SER C 56 -1.05 -17.21 33.78
N TYR C 57 -1.71 -16.09 34.06
CA TYR C 57 -1.12 -14.99 34.81
C TYR C 57 -1.84 -14.85 36.15
N ILE C 58 -1.07 -14.85 37.24
CA ILE C 58 -1.62 -14.79 38.58
C ILE C 58 -0.94 -13.65 39.32
N ASN C 59 -1.74 -12.76 39.90
CA ASN C 59 -1.24 -11.63 40.68
C ASN C 59 -1.75 -11.74 42.11
N TYR C 60 -0.85 -11.48 43.06
CA TYR C 60 -1.17 -11.58 44.48
C TYR C 60 -0.96 -10.24 45.16
N ALA C 61 -1.69 -10.03 46.24
CA ALA C 61 -1.48 -8.83 47.04
C ALA C 61 -0.13 -8.92 47.76
N GLU C 62 0.42 -7.75 48.07
CA GLU C 62 1.72 -7.70 48.71
C GLU C 62 1.68 -8.32 50.11
N SER C 63 0.60 -8.07 50.85
CA SER C 63 0.52 -8.54 52.23
C SER C 63 0.30 -10.05 52.34
N VAL C 64 -0.16 -10.70 51.28
CA VAL C 64 -0.49 -12.12 51.33
C VAL C 64 0.37 -12.95 50.39
N LYS C 65 1.44 -12.37 49.85
CA LYS C 65 2.31 -13.11 48.95
C LYS C 65 3.04 -14.21 49.70
N GLY C 66 3.18 -15.36 49.05
CA GLY C 66 3.89 -16.48 49.63
C GLY C 66 3.09 -17.35 50.57
N ARG C 67 1.81 -17.03 50.81
CA ARG C 67 0.97 -17.83 51.68
C ARG C 67 -0.34 -18.27 51.06
N PHE C 68 -0.87 -17.54 50.08
CA PHE C 68 -2.14 -17.88 49.46
C PHE C 68 -1.90 -18.54 48.11
N THR C 69 -2.95 -19.14 47.56
CA THR C 69 -2.87 -19.79 46.27
C THR C 69 -4.25 -19.80 45.63
N ILE C 70 -4.34 -19.33 44.40
CA ILE C 70 -5.60 -19.27 43.67
C ILE C 70 -5.63 -20.38 42.64
N SER C 71 -6.83 -20.77 42.23
CA SER C 71 -6.98 -21.87 41.29
C SER C 71 -8.30 -21.72 40.54
N ARG C 72 -8.43 -22.45 39.44
CA ARG C 72 -9.62 -22.42 38.62
C ARG C 72 -9.95 -23.81 38.12
N ASP C 73 -11.22 -23.99 37.73
CA ASP C 73 -11.67 -25.25 37.12
C ASP C 73 -12.77 -24.88 36.13
N ASN C 74 -12.38 -24.74 34.85
CA ASN C 74 -13.30 -24.23 33.83
C ASN C 74 -14.45 -25.18 33.56
N ALA C 75 -14.36 -26.44 33.98
CA ALA C 75 -15.42 -27.40 33.73
C ALA C 75 -16.45 -27.44 34.85
N LYS C 76 -16.03 -27.28 36.09
CA LYS C 76 -16.93 -27.35 37.24
C LYS C 76 -17.49 -25.99 37.65
N ASN C 77 -17.11 -24.92 36.95
CA ASN C 77 -17.58 -23.57 37.24
C ASN C 77 -17.31 -23.20 38.70
N SER C 78 -16.04 -23.24 39.07
CA SER C 78 -15.67 -22.92 40.44
C SER C 78 -14.21 -22.49 40.48
N LEU C 79 -13.87 -21.74 41.53
CA LEU C 79 -12.50 -21.34 41.79
C LEU C 79 -12.24 -21.46 43.29
N TYR C 80 -10.97 -21.60 43.63
CA TYR C 80 -10.56 -21.89 45.00
C TYR C 80 -9.44 -20.95 45.42
N LEU C 81 -9.33 -20.76 46.74
CA LEU C 81 -8.31 -19.88 47.33
C LEU C 81 -7.72 -20.59 48.54
N GLN C 82 -6.62 -21.29 48.33
CA GLN C 82 -5.97 -22.01 49.41
C GLN C 82 -5.22 -21.05 50.32
N MET C 83 -5.46 -21.17 51.63
CA MET C 83 -4.82 -20.31 52.63
C MET C 83 -3.91 -21.15 53.50
N ASN C 84 -2.75 -20.59 53.84
CA ASN C 84 -1.79 -21.27 54.69
C ASN C 84 -1.14 -20.26 55.62
N SER C 85 -0.76 -20.73 56.81
CA SER C 85 -0.13 -19.90 57.82
C SER C 85 -0.99 -18.68 58.16
N LEU C 86 -2.27 -18.93 58.40
CA LEU C 86 -3.19 -17.86 58.73
C LEU C 86 -2.79 -17.18 60.03
N ARG C 87 -3.02 -15.88 60.10
CA ARG C 87 -2.69 -15.08 61.28
C ARG C 87 -3.95 -14.37 61.77
N ALA C 88 -3.82 -13.75 62.95
CA ALA C 88 -4.97 -13.15 63.61
C ALA C 88 -5.54 -11.98 62.81
N GLU C 89 -4.70 -11.28 62.05
CA GLU C 89 -5.14 -10.12 61.30
C GLU C 89 -5.69 -10.49 59.93
N ASP C 90 -5.75 -11.77 59.60
CA ASP C 90 -6.29 -12.22 58.32
C ASP C 90 -7.80 -12.39 58.34
N THR C 91 -8.45 -12.26 59.50
CA THR C 91 -9.89 -12.41 59.56
C THR C 91 -10.58 -11.28 58.81
N ALA C 92 -11.58 -11.65 58.01
CA ALA C 92 -12.30 -10.71 57.16
C ALA C 92 -13.49 -11.44 56.54
N VAL C 93 -14.21 -10.77 55.66
CA VAL C 93 -15.25 -11.36 54.84
C VAL C 93 -14.74 -11.41 53.42
N TYR C 94 -14.72 -12.59 52.82
CA TYR C 94 -14.10 -12.80 51.53
C TYR C 94 -15.15 -12.84 50.43
N TYR C 95 -14.90 -12.13 49.34
CA TYR C 95 -15.80 -12.04 48.20
C TYR C 95 -15.12 -12.59 46.96
N CYS C 96 -15.93 -13.17 46.07
CA CYS C 96 -15.49 -13.51 44.72
C CYS C 96 -16.22 -12.61 43.74
N ALA C 97 -15.47 -11.88 42.93
CA ALA C 97 -16.03 -10.88 42.04
C ALA C 97 -15.48 -11.05 40.64
N ARG C 98 -16.39 -11.05 39.66
CA ARG C 98 -16.01 -11.12 38.26
C ARG C 98 -15.38 -9.81 37.82
N ASP C 99 -14.59 -9.88 36.75
CA ASP C 99 -13.83 -8.74 36.25
C ASP C 99 -14.52 -8.16 35.02
N GLU C 100 -14.47 -6.84 34.90
CA GLU C 100 -14.97 -6.14 33.72
C GLU C 100 -13.99 -5.04 33.36
N ASN C 101 -13.45 -5.09 32.15
CA ASN C 101 -12.51 -4.08 31.68
C ASN C 101 -12.91 -3.60 30.30
N THR C 102 -12.59 -2.35 30.01
CA THR C 102 -12.87 -1.77 28.71
C THR C 102 -11.75 -2.01 27.71
N GLY C 103 -10.64 -2.61 28.14
CA GLY C 103 -9.57 -2.93 27.22
C GLY C 103 -8.25 -2.26 27.55
N ILE C 104 -8.28 -1.00 27.98
CA ILE C 104 -7.03 -0.29 28.19
C ILE C 104 -6.87 0.24 29.62
N SER C 105 -7.74 1.14 30.05
CA SER C 105 -7.50 1.87 31.30
C SER C 105 -8.72 1.98 32.19
N HIS C 106 -9.59 0.97 32.23
CA HIS C 106 -10.71 0.92 33.16
C HIS C 106 -10.86 -0.50 33.66
N TYR C 107 -10.87 -0.68 34.98
CA TYR C 107 -10.92 -2.01 35.57
C TYR C 107 -11.78 -1.97 36.82
N TRP C 108 -12.82 -2.80 36.86
CA TRP C 108 -13.76 -2.78 37.98
C TRP C 108 -14.38 -4.16 38.14
N PHE C 109 -14.93 -4.40 39.33
CA PHE C 109 -15.56 -5.67 39.70
C PHE C 109 -17.06 -5.45 39.70
N ASP C 110 -17.74 -5.81 38.62
CA ASP C 110 -19.15 -5.48 38.57
C ASP C 110 -20.02 -6.42 39.40
N PRO C 111 -20.11 -7.74 39.10
CA PRO C 111 -21.08 -8.58 39.83
C PRO C 111 -20.56 -9.26 41.10
N TRP C 112 -20.50 -8.49 42.19
CA TRP C 112 -20.01 -9.04 43.44
C TRP C 112 -20.93 -10.15 43.95
N GLY C 113 -20.32 -11.11 44.65
CA GLY C 113 -21.03 -12.24 45.20
C GLY C 113 -21.77 -11.89 46.47
N GLN C 114 -21.79 -12.85 47.40
CA GLN C 114 -22.45 -12.66 48.70
C GLN C 114 -21.47 -12.60 49.86
N GLY C 115 -20.57 -13.55 49.96
CA GLY C 115 -19.52 -13.43 50.95
C GLY C 115 -19.60 -14.51 52.02
N THR C 116 -18.43 -14.88 52.53
CA THR C 116 -18.31 -15.83 53.64
C THR C 116 -17.36 -15.25 54.67
N LEU C 117 -17.61 -15.57 55.93
CA LEU C 117 -16.87 -15.00 57.04
C LEU C 117 -15.85 -16.00 57.56
N VAL C 118 -14.63 -15.52 57.79
CA VAL C 118 -13.52 -16.35 58.26
C VAL C 118 -12.97 -15.70 59.52
N THR C 119 -12.94 -16.46 60.62
CA THR C 119 -12.40 -15.99 61.88
C THR C 119 -11.14 -16.78 62.23
N VAL C 120 -10.07 -16.08 62.55
CA VAL C 120 -8.80 -16.70 62.91
C VAL C 120 -8.44 -16.21 64.31
N SER C 121 -8.64 -17.07 65.30
CA SER C 121 -8.29 -16.77 66.68
C SER C 121 -7.67 -17.99 67.33
N SER C 122 -6.83 -17.75 68.33
CA SER C 122 -6.14 -18.82 69.04
C SER C 122 -6.97 -19.43 70.15
N ALA C 123 -8.09 -18.81 70.53
CA ALA C 123 -8.93 -19.34 71.59
C ALA C 123 -9.66 -20.60 71.13
N SER C 124 -10.24 -21.30 72.10
CA SER C 124 -10.99 -22.51 71.85
C SER C 124 -12.45 -22.31 72.22
N THR C 125 -13.32 -23.07 71.56
CA THR C 125 -14.75 -22.99 71.83
C THR C 125 -15.06 -23.47 73.24
N LYS C 126 -16.10 -22.89 73.83
CA LYS C 126 -16.46 -23.19 75.21
C LYS C 126 -17.94 -22.89 75.41
N GLY C 127 -18.62 -23.77 76.14
CA GLY C 127 -20.04 -23.64 76.38
C GLY C 127 -20.38 -22.43 77.20
N PRO C 128 -21.54 -21.83 76.92
CA PRO C 128 -21.95 -20.62 77.65
C PRO C 128 -22.40 -20.92 79.07
N SER C 129 -22.24 -19.92 79.93
CA SER C 129 -22.74 -19.97 81.30
C SER C 129 -23.75 -18.85 81.47
N VAL C 130 -24.99 -19.20 81.83
CA VAL C 130 -26.08 -18.26 81.96
C VAL C 130 -26.27 -17.94 83.44
N PHE C 131 -26.31 -16.64 83.76
CA PHE C 131 -26.54 -16.16 85.11
C PHE C 131 -27.73 -15.21 85.14
N PRO C 132 -28.52 -15.22 86.21
CA PRO C 132 -29.74 -14.40 86.24
C PRO C 132 -29.43 -12.96 86.61
N LEU C 133 -30.42 -12.10 86.38
CA LEU C 133 -30.36 -10.69 86.76
C LEU C 133 -31.72 -10.36 87.37
N ALA C 134 -31.83 -10.56 88.69
CA ALA C 134 -33.10 -10.38 89.37
C ALA C 134 -33.44 -8.88 89.47
N PRO C 135 -34.73 -8.54 89.38
CA PRO C 135 -35.14 -7.16 89.61
C PRO C 135 -34.85 -6.73 91.04
N SER C 136 -34.56 -5.45 91.21
CA SER C 136 -34.22 -4.90 92.51
C SER C 136 -34.76 -3.48 92.61
N SER C 137 -34.38 -2.80 93.69
CA SER C 137 -34.82 -1.42 93.90
C SER C 137 -34.23 -0.50 92.85
N LYS C 138 -34.99 0.55 92.51
CA LYS C 138 -34.62 1.56 91.53
C LYS C 138 -34.67 0.99 90.12
N SER C 139 -34.88 -0.32 90.02
CA SER C 139 -35.05 -1.00 88.73
C SER C 139 -36.46 -1.54 88.55
N THR C 140 -37.40 -1.12 89.40
CA THR C 140 -38.78 -1.57 89.32
C THR C 140 -39.69 -0.37 89.58
N SER C 141 -40.97 -0.65 89.82
CA SER C 141 -41.99 0.38 90.04
C SER C 141 -42.04 1.25 88.78
N GLY C 142 -42.34 2.54 88.90
CA GLY C 142 -42.43 3.39 87.72
C GLY C 142 -43.53 2.90 86.80
N GLY C 143 -43.17 2.69 85.54
CA GLY C 143 -44.12 2.14 84.57
C GLY C 143 -43.89 0.67 84.30
N THR C 144 -42.62 0.29 84.13
CA THR C 144 -42.26 -1.09 83.85
C THR C 144 -41.03 -1.46 84.67
N ALA C 145 -40.79 -2.77 84.77
CA ALA C 145 -39.62 -3.31 85.44
C ALA C 145 -38.82 -4.16 84.46
N ALA C 146 -37.50 -4.03 84.50
CA ALA C 146 -36.61 -4.73 83.60
C ALA C 146 -35.97 -5.92 84.29
N LEU C 147 -35.93 -7.04 83.60
CA LEU C 147 -35.34 -8.26 84.14
C LEU C 147 -34.83 -9.12 82.99
N GLY C 148 -33.90 -10.01 83.32
CA GLY C 148 -33.31 -10.87 82.30
C GLY C 148 -32.24 -11.74 82.89
N CYS C 149 -31.51 -12.42 82.00
CA CYS C 149 -30.40 -13.28 82.38
C CYS C 149 -29.17 -12.92 81.55
N LEU C 150 -28.00 -13.17 82.14
CA LEU C 150 -26.72 -12.82 81.53
C LEU C 150 -26.07 -14.07 80.97
N VAL C 151 -25.61 -14.00 79.72
CA VAL C 151 -24.97 -15.11 79.02
C VAL C 151 -23.50 -14.77 78.83
N LYS C 152 -22.63 -15.72 79.17
CA LYS C 152 -21.18 -15.48 79.16
C LYS C 152 -20.48 -16.70 78.58
N ASP C 153 -19.30 -16.47 78.01
CA ASP C 153 -18.37 -17.52 77.57
C ASP C 153 -18.95 -18.39 76.45
N TYR C 154 -19.22 -17.74 75.32
CA TYR C 154 -19.59 -18.44 74.09
C TYR C 154 -18.72 -17.91 72.96
N PHE C 155 -17.88 -18.79 72.39
CA PHE C 155 -16.85 -18.35 71.46
C PHE C 155 -17.40 -17.95 70.09
N PRO C 156 -17.99 -18.88 69.28
CA PRO C 156 -18.25 -18.58 67.87
C PRO C 156 -19.58 -17.89 67.61
N GLU C 157 -19.91 -16.91 68.46
CA GLU C 157 -21.11 -16.08 68.39
C GLU C 157 -22.42 -16.82 68.08
N PRO C 158 -22.73 -17.98 68.70
CA PRO C 158 -24.09 -18.49 68.60
C PRO C 158 -24.94 -18.05 69.79
N VAL C 159 -26.10 -17.47 69.53
CA VAL C 159 -26.95 -16.97 70.61
C VAL C 159 -28.41 -17.03 70.17
N THR C 160 -29.25 -17.59 71.04
CA THR C 160 -30.69 -17.67 70.82
C THR C 160 -31.37 -17.45 72.17
N VAL C 161 -31.95 -16.26 72.36
CA VAL C 161 -32.60 -15.93 73.63
C VAL C 161 -34.10 -15.89 73.44
N SER C 162 -34.77 -17.00 73.74
CA SER C 162 -36.22 -17.10 73.66
C SER C 162 -36.78 -17.23 75.08
N TRP C 163 -37.67 -16.31 75.44
CA TRP C 163 -38.22 -16.32 76.79
C TRP C 163 -39.39 -17.29 76.92
N ASN C 164 -40.48 -17.03 76.20
CA ASN C 164 -41.62 -17.96 76.16
C ASN C 164 -41.50 -18.91 74.97
N SER C 165 -40.32 -19.53 74.85
CA SER C 165 -40.01 -20.40 73.72
C SER C 165 -40.27 -19.70 72.39
N GLY C 166 -39.94 -18.42 72.31
CA GLY C 166 -40.19 -17.63 71.13
C GLY C 166 -41.53 -16.93 71.08
N ALA C 167 -42.41 -17.16 72.06
CA ALA C 167 -43.72 -16.52 72.08
C ALA C 167 -43.73 -15.20 72.82
N LEU C 168 -42.62 -14.81 73.46
CA LEU C 168 -42.53 -13.54 74.17
C LEU C 168 -41.70 -12.58 73.32
N THR C 169 -42.39 -11.77 72.52
CA THR C 169 -41.76 -10.81 71.62
C THR C 169 -42.45 -9.46 71.75
N SER C 170 -42.64 -9.00 72.98
CA SER C 170 -43.32 -7.74 73.25
C SER C 170 -42.36 -6.67 73.75
N GLY C 171 -41.61 -6.95 74.81
CA GLY C 171 -40.67 -5.98 75.35
C GLY C 171 -39.29 -6.54 75.57
N VAL C 172 -38.85 -7.44 74.69
CA VAL C 172 -37.57 -8.11 74.80
C VAL C 172 -36.61 -7.53 73.77
N HIS C 173 -35.39 -7.21 74.21
CA HIS C 173 -34.36 -6.74 73.32
C HIS C 173 -33.03 -7.32 73.78
N THR C 174 -32.22 -7.75 72.81
CA THR C 174 -30.95 -8.41 73.07
C THR C 174 -29.81 -7.49 72.66
N PHE C 175 -28.88 -7.26 73.58
CA PHE C 175 -27.73 -6.41 73.30
C PHE C 175 -26.64 -7.19 72.57
N PRO C 176 -25.85 -6.53 71.74
CA PRO C 176 -24.77 -7.22 71.03
C PRO C 176 -23.69 -7.69 71.99
N ALA C 177 -22.83 -8.57 71.47
CA ALA C 177 -21.77 -9.17 72.27
C ALA C 177 -20.75 -8.12 72.69
N VAL C 178 -19.78 -8.55 73.49
CA VAL C 178 -18.73 -7.69 74.02
C VAL C 178 -17.39 -8.39 73.83
N LEU C 179 -16.37 -7.62 73.44
CA LEU C 179 -15.03 -8.15 73.21
C LEU C 179 -14.22 -7.99 74.48
N GLN C 180 -13.96 -9.08 75.18
CA GLN C 180 -13.11 -9.06 76.36
C GLN C 180 -11.65 -9.09 75.93
N SER C 181 -10.74 -9.15 76.91
CA SER C 181 -9.31 -9.16 76.60
C SER C 181 -8.91 -10.44 75.88
N SER C 182 -9.28 -11.59 76.43
CA SER C 182 -8.96 -12.88 75.85
C SER C 182 -10.14 -13.38 75.01
N GLY C 183 -10.09 -14.64 74.61
CA GLY C 183 -11.12 -15.19 73.76
C GLY C 183 -12.34 -15.69 74.51
N LEU C 184 -13.36 -14.84 74.58
CA LEU C 184 -14.62 -15.14 75.25
C LEU C 184 -15.63 -14.04 74.95
N TYR C 185 -16.91 -14.37 74.93
CA TYR C 185 -17.95 -13.42 74.58
C TYR C 185 -19.05 -13.43 75.62
N SER C 186 -19.74 -12.29 75.74
CA SER C 186 -20.81 -12.15 76.71
C SER C 186 -21.86 -11.20 76.15
N LEU C 187 -23.10 -11.38 76.59
CA LEU C 187 -24.19 -10.49 76.21
C LEU C 187 -25.33 -10.68 77.19
N SER C 188 -26.23 -9.70 77.23
CA SER C 188 -27.37 -9.71 78.12
C SER C 188 -28.62 -9.30 77.36
N SER C 189 -29.72 -10.02 77.61
CA SER C 189 -31.02 -9.70 77.06
C SER C 189 -32.00 -9.51 78.20
N VAL C 190 -32.78 -8.42 78.14
CA VAL C 190 -33.67 -8.06 79.23
C VAL C 190 -35.06 -7.80 78.67
N VAL C 191 -36.06 -7.92 79.55
CA VAL C 191 -37.46 -7.72 79.20
C VAL C 191 -38.06 -6.71 80.15
N THR C 192 -38.73 -5.70 79.60
CA THR C 192 -39.41 -4.69 80.39
C THR C 192 -40.87 -5.09 80.58
N VAL C 193 -41.26 -5.33 81.83
CA VAL C 193 -42.62 -5.74 82.15
C VAL C 193 -43.16 -4.83 83.25
N PRO C 194 -44.47 -4.58 83.29
CA PRO C 194 -45.03 -3.70 84.33
C PRO C 194 -44.78 -4.29 85.72
N SER C 195 -44.53 -3.41 86.68
CA SER C 195 -44.29 -3.82 88.06
C SER C 195 -45.58 -4.20 88.78
N SER C 196 -46.74 -3.85 88.22
CA SER C 196 -48.01 -4.22 88.84
C SER C 196 -48.19 -5.73 88.84
N SER C 197 -47.84 -6.39 87.74
CA SER C 197 -47.98 -7.83 87.58
C SER C 197 -46.59 -8.42 87.32
N LEU C 198 -45.94 -8.88 88.38
CA LEU C 198 -44.63 -9.52 88.29
C LEU C 198 -44.64 -10.80 89.09
N GLY C 199 -43.87 -11.78 88.64
CA GLY C 199 -43.78 -13.06 89.31
C GLY C 199 -43.17 -14.16 88.46
N THR C 200 -43.82 -15.31 88.43
CA THR C 200 -43.33 -16.48 87.69
C THR C 200 -44.11 -16.69 86.39
N GLN C 201 -44.50 -15.60 85.73
CA GLN C 201 -45.29 -15.69 84.50
C GLN C 201 -44.39 -16.09 83.32
N THR C 202 -43.94 -17.35 83.38
CA THR C 202 -43.09 -17.93 82.34
C THR C 202 -41.84 -17.08 82.09
N TYR C 203 -41.23 -16.63 83.17
CA TYR C 203 -40.05 -15.77 83.09
C TYR C 203 -38.77 -16.62 83.16
N ILE C 204 -38.64 -17.50 82.17
CA ILE C 204 -37.49 -18.39 82.05
C ILE C 204 -36.87 -18.17 80.68
N CYS C 205 -35.59 -17.78 80.66
CA CYS C 205 -34.89 -17.49 79.41
C CYS C 205 -34.24 -18.77 78.90
N ASN C 206 -34.45 -19.06 77.61
CA ASN C 206 -33.91 -20.25 76.98
C ASN C 206 -32.68 -19.84 76.16
N VAL C 207 -31.54 -20.46 76.46
CA VAL C 207 -30.29 -20.18 75.77
C VAL C 207 -29.76 -21.47 75.18
N ASN C 208 -29.47 -21.46 73.88
CA ASN C 208 -28.98 -22.63 73.16
C ASN C 208 -27.67 -22.30 72.47
N HIS C 209 -26.75 -23.26 72.48
CA HIS C 209 -25.42 -23.12 71.90
C HIS C 209 -25.26 -24.14 70.79
N LYS C 210 -24.77 -23.71 69.63
CA LYS C 210 -24.71 -24.57 68.45
C LYS C 210 -23.56 -25.58 68.48
N PRO C 211 -22.27 -25.14 68.63
CA PRO C 211 -21.17 -26.12 68.49
C PRO C 211 -21.22 -27.18 69.57
N SER C 212 -21.17 -26.75 70.81
CA SER C 212 -21.47 -27.61 71.95
C SER C 212 -22.87 -27.25 72.42
N ASN C 213 -23.72 -28.28 72.61
CA ASN C 213 -25.13 -28.04 72.88
C ASN C 213 -25.32 -27.13 74.08
N THR C 214 -24.91 -27.60 75.26
CA THR C 214 -24.92 -26.81 76.50
C THR C 214 -26.27 -26.11 76.68
N LYS C 215 -27.34 -26.89 76.54
CA LYS C 215 -28.67 -26.35 76.72
C LYS C 215 -28.95 -26.14 78.21
N VAL C 216 -29.35 -24.93 78.56
CA VAL C 216 -29.60 -24.58 79.96
C VAL C 216 -30.71 -23.56 80.01
N ASP C 217 -31.61 -23.72 80.99
CA ASP C 217 -32.72 -22.82 81.21
C ASP C 217 -32.67 -22.33 82.65
N LYS C 218 -32.92 -21.03 82.84
CA LYS C 218 -32.84 -20.42 84.15
C LYS C 218 -34.08 -19.58 84.40
N LYS C 219 -34.65 -19.70 85.60
CA LYS C 219 -35.79 -18.92 86.01
C LYS C 219 -35.33 -17.72 86.83
N VAL C 220 -35.81 -16.53 86.47
CA VAL C 220 -35.48 -15.31 87.18
C VAL C 220 -36.65 -14.89 88.03
N GLU C 221 -36.38 -14.58 89.30
CA GLU C 221 -37.40 -14.18 90.25
C GLU C 221 -36.94 -12.92 90.98
N PRO C 222 -37.88 -12.07 91.40
CA PRO C 222 -37.49 -10.82 92.08
C PRO C 222 -37.23 -11.02 93.56
N LYS C 223 -36.01 -10.69 94.00
CA LYS C 223 -35.62 -10.78 95.39
C LYS C 223 -35.62 -9.39 96.02
N SER C 224 -35.71 -9.37 97.35
CA SER C 224 -35.70 -8.11 98.09
C SER C 224 -34.38 -7.39 97.86
N CYS C 225 -34.47 -6.08 97.67
CA CYS C 225 -33.30 -5.23 97.39
C CYS C 225 -32.56 -5.70 96.14
N LEU D 1 -1.75 26.27 -21.57
CA LEU D 1 -3.00 25.64 -21.23
C LEU D 1 -4.18 26.53 -21.60
N LYS D 2 -5.28 25.92 -22.03
CA LYS D 2 -6.48 26.63 -22.40
C LYS D 2 -7.69 25.91 -21.80
N GLU D 3 -8.56 26.66 -21.15
CA GLU D 3 -9.80 26.12 -20.59
C GLU D 3 -10.99 26.82 -21.21
N SER D 4 -12.00 26.04 -21.59
CA SER D 4 -13.20 26.56 -22.23
C SER D 4 -14.41 26.12 -21.42
N TYR D 5 -15.21 27.09 -20.97
CA TYR D 5 -16.41 26.79 -20.23
C TYR D 5 -17.59 26.54 -21.16
N LEU D 6 -18.37 25.51 -20.84
CA LEU D 6 -19.50 25.11 -21.66
C LEU D 6 -20.77 25.26 -20.83
N GLU D 7 -21.35 26.48 -20.89
CA GLU D 7 -22.58 26.74 -20.16
C GLU D 7 -23.76 25.95 -20.72
N GLU D 8 -23.63 25.41 -21.93
CA GLU D 8 -24.69 24.60 -22.50
C GLU D 8 -24.94 23.35 -21.65
N SER D 9 -23.88 22.77 -21.10
CA SER D 9 -23.99 21.58 -20.26
C SER D 9 -23.29 21.75 -18.92
N CYS D 10 -22.81 22.96 -18.61
CA CYS D 10 -22.14 23.23 -17.33
C CYS D 10 -20.95 22.30 -17.11
N SER D 11 -19.99 22.37 -18.01
CA SER D 11 -18.78 21.56 -17.95
C SER D 11 -17.62 22.34 -18.54
N THR D 12 -16.41 21.89 -18.26
CA THR D 12 -15.20 22.56 -18.72
C THR D 12 -14.21 21.53 -19.25
N ILE D 13 -13.34 21.98 -20.15
CA ILE D 13 -12.27 21.14 -20.68
C ILE D 13 -10.99 21.97 -20.75
N THR D 14 -9.88 21.37 -20.32
CA THR D 14 -8.55 21.95 -20.49
C THR D 14 -7.82 21.15 -21.55
N GLU D 15 -7.34 21.83 -22.59
CA GLU D 15 -6.97 21.18 -23.84
C GLU D 15 -5.54 21.55 -24.24
N GLY D 16 -4.62 21.47 -23.29
CA GLY D 16 -3.24 21.80 -23.60
C GLY D 16 -2.20 20.86 -23.02
N TYR D 17 -2.55 19.58 -22.87
CA TYR D 17 -1.69 18.60 -22.21
C TYR D 17 -1.00 17.72 -23.25
N LEU D 18 0.33 17.66 -23.17
CA LEU D 18 1.08 16.58 -23.78
C LEU D 18 0.95 15.35 -22.88
N SER D 19 1.33 14.19 -23.41
CA SER D 19 1.15 12.97 -22.63
C SER D 19 2.22 11.94 -22.93
N VAL D 20 2.39 11.02 -21.98
CA VAL D 20 3.19 9.83 -22.16
C VAL D 20 2.38 8.65 -21.62
N LEU D 21 2.39 7.54 -22.35
CA LEU D 21 1.68 6.34 -21.93
C LEU D 21 2.67 5.19 -21.78
N ARG D 22 2.44 4.35 -20.78
CA ARG D 22 3.24 3.16 -20.60
C ARG D 22 2.67 2.04 -21.44
N THR D 23 3.53 1.34 -22.18
CA THR D 23 3.11 0.28 -23.07
C THR D 23 3.57 -1.10 -22.60
N GLY D 24 4.87 -1.27 -22.35
CA GLY D 24 5.38 -2.56 -21.92
C GLY D 24 6.34 -2.45 -20.76
N TRP D 25 7.02 -3.55 -20.45
CA TRP D 25 7.97 -3.59 -19.35
C TRP D 25 9.33 -4.02 -19.86
N TYR D 26 10.37 -3.28 -19.45
CA TYR D 26 11.75 -3.67 -19.71
C TYR D 26 12.36 -4.18 -18.41
N THR D 27 12.74 -5.44 -18.40
CA THR D 27 13.24 -6.10 -17.20
C THR D 27 14.75 -6.00 -17.09
N ASN D 28 15.23 -6.01 -15.86
CA ASN D 28 16.65 -5.88 -15.57
C ASN D 28 16.96 -6.74 -14.36
N VAL D 29 18.06 -7.50 -14.45
CA VAL D 29 18.43 -8.46 -13.41
C VAL D 29 19.74 -8.02 -12.80
N PHE D 30 19.73 -7.76 -11.50
CA PHE D 30 20.92 -7.38 -10.74
C PHE D 30 21.47 -8.59 -10.00
N THR D 31 22.71 -8.47 -9.55
CA THR D 31 23.33 -9.53 -8.75
C THR D 31 24.40 -8.92 -7.85
N LEU D 32 24.08 -8.79 -6.57
CA LEU D 32 25.07 -8.30 -5.61
C LEU D 32 26.09 -9.39 -5.31
N GLU D 33 27.15 -9.00 -4.61
CA GLU D 33 28.17 -9.92 -4.16
C GLU D 33 28.51 -9.60 -2.72
N VAL D 34 28.67 -10.65 -1.91
CA VAL D 34 29.00 -10.46 -0.50
C VAL D 34 30.30 -11.20 -0.21
N GLY D 35 30.65 -12.14 -1.08
CA GLY D 35 31.88 -12.89 -0.91
C GLY D 35 31.76 -13.91 0.21
N ASP D 36 32.91 -14.47 0.58
CA ASP D 36 32.98 -15.51 1.60
C ASP D 36 32.96 -14.89 3.01
N VAL D 37 31.90 -14.12 3.27
CA VAL D 37 31.75 -13.49 4.58
C VAL D 37 31.36 -14.51 5.63
N GLU D 38 30.88 -15.69 5.23
CA GLU D 38 30.39 -16.67 6.19
C GLU D 38 31.49 -17.52 6.78
N ASN D 39 32.71 -17.47 6.23
CA ASN D 39 33.76 -18.36 6.70
C ASN D 39 34.62 -17.72 7.78
N LEU D 40 35.13 -16.52 7.53
CA LEU D 40 36.01 -15.86 8.49
C LEU D 40 35.26 -15.55 9.78
N THR D 41 35.98 -15.66 10.90
CA THR D 41 35.38 -15.54 12.22
C THR D 41 36.15 -14.54 13.07
N CYS D 42 35.40 -13.78 13.87
CA CYS D 42 35.95 -12.82 14.82
C CYS D 42 35.62 -13.32 16.22
N ALA D 43 36.65 -13.65 16.98
CA ALA D 43 36.46 -14.35 18.26
C ALA D 43 37.37 -13.77 19.33
N ASP D 44 37.43 -12.45 19.44
CA ASP D 44 38.23 -11.82 20.51
C ASP D 44 37.55 -10.50 20.89
N GLY D 45 36.72 -10.56 21.92
CA GLY D 45 36.12 -9.37 22.50
C GLY D 45 35.22 -8.63 21.55
N PRO D 46 34.62 -7.53 22.03
CA PRO D 46 33.79 -6.68 21.17
C PRO D 46 34.66 -5.64 20.48
N SER D 47 34.61 -5.61 19.15
CA SER D 47 35.38 -4.66 18.36
C SER D 47 34.48 -4.10 17.28
N LEU D 48 35.01 -3.12 16.54
CA LEU D 48 34.26 -2.55 15.43
C LEU D 48 34.01 -3.60 14.35
N ILE D 49 35.02 -4.42 14.05
CA ILE D 49 34.83 -5.51 13.10
C ILE D 49 33.88 -6.55 13.65
N LYS D 50 33.93 -6.80 14.96
CA LYS D 50 32.97 -7.71 15.59
C LYS D 50 31.54 -7.31 15.33
N THR D 51 31.19 -6.06 15.60
CA THR D 51 29.79 -5.66 15.53
C THR D 51 29.29 -5.49 14.11
N GLU D 52 30.17 -5.35 13.12
CA GLU D 52 29.72 -5.26 11.74
C GLU D 52 29.67 -6.62 11.05
N LEU D 53 30.66 -7.46 11.32
CA LEU D 53 30.65 -8.80 10.73
C LEU D 53 29.42 -9.58 11.17
N ASP D 54 29.07 -9.48 12.45
CA ASP D 54 27.85 -10.12 12.94
C ASP D 54 26.61 -9.48 12.35
N LEU D 55 26.67 -8.17 12.09
CA LEU D 55 25.54 -7.49 11.46
C LEU D 55 25.33 -7.96 10.04
N THR D 56 26.41 -8.12 9.28
CA THR D 56 26.29 -8.57 7.90
C THR D 56 25.77 -10.00 7.82
N LYS D 57 26.34 -10.90 8.62
CA LYS D 57 25.94 -12.31 8.56
C LYS D 57 24.47 -12.47 8.94
N SER D 58 23.98 -11.67 9.89
CA SER D 58 22.58 -11.77 10.29
C SER D 58 21.65 -11.42 9.14
N ALA D 59 22.07 -10.50 8.28
CA ALA D 59 21.25 -10.13 7.12
C ALA D 59 21.07 -11.32 6.19
N LEU D 60 22.13 -12.09 5.97
CA LEU D 60 22.04 -13.25 5.07
C LEU D 60 21.05 -14.27 5.59
N ARG D 61 21.06 -14.53 6.90
CA ARG D 61 20.11 -15.48 7.46
C ARG D 61 18.68 -15.00 7.28
N GLU D 62 18.43 -13.71 7.53
CA GLU D 62 17.08 -13.18 7.39
C GLU D 62 16.59 -13.25 5.95
N LEU D 63 17.47 -12.94 5.00
CA LEU D 63 17.05 -12.89 3.60
C LEU D 63 16.66 -14.26 3.10
N ARG D 64 17.33 -15.32 3.58
CA ARG D 64 16.92 -16.67 3.20
C ARG D 64 15.52 -16.99 3.72
N THR D 65 15.13 -16.38 4.84
CA THR D 65 13.84 -16.68 5.44
C THR D 65 12.70 -16.04 4.63
N VAL D 66 12.88 -14.81 4.17
CA VAL D 66 11.81 -14.13 3.46
C VAL D 66 11.49 -14.82 2.14
N SER D 67 12.45 -15.57 1.58
CA SER D 67 12.18 -16.33 0.37
C SER D 67 11.12 -17.40 0.59
N ALA D 68 10.96 -17.90 1.81
CA ALA D 68 9.93 -18.86 2.13
C ALA D 68 8.57 -18.22 2.37
N ASP D 69 8.52 -16.89 2.44
CA ASP D 69 7.26 -16.17 2.57
C ASP D 69 6.76 -15.58 1.27
N GLN D 70 7.67 -15.18 0.38
CA GLN D 70 7.28 -14.75 -0.96
C GLN D 70 6.59 -15.88 -1.71
N LEU D 71 7.15 -17.10 -1.60
CA LEU D 71 6.56 -18.27 -2.24
C LEU D 71 5.15 -18.56 -1.76
N ALA D 72 4.77 -18.09 -0.57
CA ALA D 72 3.42 -18.29 -0.07
C ALA D 72 2.46 -17.19 -0.47
N ARG D 73 2.94 -15.97 -0.67
CA ARG D 73 2.08 -14.86 -1.04
C ARG D 73 1.94 -14.69 -2.54
N GLU D 74 2.70 -15.42 -3.34
CA GLU D 74 2.54 -15.37 -4.79
C GLU D 74 1.33 -16.15 -5.28
N GLU D 75 0.83 -17.10 -4.49
CA GLU D 75 -0.38 -17.83 -4.82
C GLU D 75 -1.65 -17.01 -4.61
N GLN D 76 -1.58 -15.96 -3.79
CA GLN D 76 -2.72 -15.10 -3.50
C GLN D 76 -2.78 -13.90 -4.43
N ILE D 77 -1.71 -13.67 -5.19
CA ILE D 77 -1.62 -12.48 -6.02
C ILE D 77 -1.88 -12.84 -7.47
N GLU D 78 -1.81 -14.14 -7.78
CA GLU D 78 -2.01 -14.60 -9.15
C GLU D 78 -3.40 -15.17 -9.40
N ASN D 79 -4.14 -15.51 -8.35
CA ASN D 79 -5.50 -16.03 -8.51
C ASN D 79 -6.27 -15.78 -7.23
N PRO D 80 -7.58 -15.53 -7.32
CA PRO D 80 -8.41 -15.37 -6.11
C PRO D 80 -8.61 -16.68 -5.36
N ARG D 81 -7.54 -17.15 -4.72
CA ARG D 81 -7.61 -18.42 -4.02
C ARG D 81 -8.50 -18.31 -2.77
N ARG D 82 -8.11 -17.44 -1.83
CA ARG D 82 -8.86 -17.25 -0.59
C ARG D 82 -8.92 -15.76 -0.26
N ARG D 83 -9.08 -14.93 -1.30
CA ARG D 83 -9.08 -13.48 -1.10
C ARG D 83 -10.27 -13.00 -0.29
N ARG D 84 -11.45 -13.55 -0.55
CA ARG D 84 -12.70 -13.20 0.15
C ARG D 84 -13.00 -11.71 -0.13
N PHE D 85 -14.09 -11.18 0.40
CA PHE D 85 -14.43 -9.78 0.19
C PHE D 85 -14.35 -9.09 1.56
N VAL D 86 -15.22 -9.50 2.48
CA VAL D 86 -15.37 -8.95 3.84
C VAL D 86 -15.59 -7.44 3.75
N LEU D 87 -14.78 -6.66 4.46
CA LEU D 87 -14.89 -5.20 4.42
C LEU D 87 -13.47 -4.65 4.61
N GLY D 88 -13.33 -3.33 4.54
CA GLY D 88 -12.03 -2.72 4.59
C GLY D 88 -11.17 -3.15 3.42
N ALA D 89 -11.75 -3.14 2.22
CA ALA D 89 -11.10 -3.67 1.03
C ALA D 89 -9.88 -2.86 0.62
N ILE D 90 -8.80 -3.57 0.25
CA ILE D 90 -7.64 -2.90 -0.32
C ILE D 90 -7.86 -2.59 -1.80
N ALA D 91 -8.95 -3.10 -2.38
CA ALA D 91 -9.33 -2.83 -3.77
C ALA D 91 -8.25 -3.26 -4.75
N LEU D 92 -7.58 -4.38 -4.47
CA LEU D 92 -6.60 -4.93 -5.40
C LEU D 92 -7.30 -5.42 -6.67
N GLY D 93 -6.67 -5.21 -7.81
CA GLY D 93 -7.27 -5.61 -9.07
C GLY D 93 -7.63 -4.42 -9.93
N VAL D 94 -7.28 -3.23 -9.47
CA VAL D 94 -7.64 -2.01 -10.19
C VAL D 94 -6.76 -1.84 -11.43
N CYS D 95 -5.45 -1.76 -11.25
CA CYS D 95 -4.52 -1.69 -12.37
C CYS D 95 -3.39 -2.68 -12.17
N THR D 96 -2.96 -2.86 -10.93
CA THR D 96 -1.74 -3.60 -10.61
C THR D 96 -1.88 -5.11 -10.85
N ALA D 97 -3.11 -5.62 -10.80
CA ALA D 97 -3.30 -7.06 -10.92
C ALA D 97 -2.76 -7.59 -12.25
N ALA D 98 -2.92 -6.83 -13.33
CA ALA D 98 -2.40 -7.22 -14.62
C ALA D 98 -0.93 -6.88 -14.79
N ALA D 99 -0.33 -6.18 -13.82
CA ALA D 99 1.08 -5.81 -13.90
C ALA D 99 1.97 -6.65 -13.00
N VAL D 100 1.55 -6.89 -11.76
CA VAL D 100 2.36 -7.71 -10.85
C VAL D 100 2.39 -9.15 -11.33
N THR D 101 1.26 -9.65 -11.83
CA THR D 101 1.20 -11.04 -12.29
C THR D 101 2.18 -11.28 -13.43
N ALA D 102 2.26 -10.35 -14.37
CA ALA D 102 3.21 -10.49 -15.47
C ALA D 102 4.64 -10.48 -14.96
N GLY D 103 4.93 -9.61 -13.99
CA GLY D 103 6.28 -9.55 -13.44
C GLY D 103 6.65 -10.82 -12.69
N VAL D 104 5.73 -11.37 -11.92
CA VAL D 104 6.01 -12.57 -11.14
C VAL D 104 6.32 -13.74 -12.07
N ALA D 105 5.54 -13.88 -13.15
CA ALA D 105 5.74 -14.99 -14.07
C ALA D 105 7.14 -14.99 -14.67
N ILE D 106 7.71 -13.81 -14.88
CA ILE D 106 9.10 -13.73 -15.35
C ILE D 106 10.05 -14.24 -14.27
N ALA D 107 9.77 -13.92 -13.01
CA ALA D 107 10.63 -14.35 -11.92
C ALA D 107 10.70 -15.86 -11.82
N LYS D 108 9.54 -16.53 -11.97
CA LYS D 108 9.53 -17.99 -11.92
C LYS D 108 10.42 -18.59 -13.00
N THR D 109 10.38 -18.00 -14.20
CA THR D 109 11.26 -18.49 -15.27
C THR D 109 12.73 -18.28 -14.90
N ILE D 110 13.06 -17.15 -14.28
CA ILE D 110 14.44 -16.88 -13.92
C ILE D 110 14.94 -17.77 -12.79
N ARG D 111 14.12 -18.00 -11.76
CA ARG D 111 14.59 -18.66 -10.55
C ARG D 111 14.70 -20.17 -10.70
N LEU D 112 14.47 -20.70 -11.89
CA LEU D 112 14.73 -22.12 -12.13
C LEU D 112 16.23 -22.37 -12.18
N GLU D 113 16.61 -23.64 -12.22
CA GLU D 113 18.01 -23.98 -12.40
C GLU D 113 18.40 -23.80 -13.86
N SER D 114 19.70 -23.70 -14.10
CA SER D 114 20.33 -23.49 -15.40
C SER D 114 19.98 -22.14 -16.00
N GLU D 115 19.17 -21.33 -15.34
CA GLU D 115 18.90 -19.95 -15.75
C GLU D 115 19.76 -18.96 -14.98
N VAL D 116 19.74 -19.03 -13.66
CA VAL D 116 20.68 -18.26 -12.85
C VAL D 116 22.12 -18.67 -13.17
N THR D 117 22.32 -19.91 -13.59
CA THR D 117 23.64 -20.33 -14.05
C THR D 117 24.07 -19.53 -15.27
N ALA D 118 23.17 -19.34 -16.22
CA ALA D 118 23.49 -18.56 -17.41
C ALA D 118 23.73 -17.10 -17.07
N ILE D 119 22.88 -16.52 -16.21
CA ILE D 119 23.03 -15.11 -15.86
C ILE D 119 24.37 -14.87 -15.19
N LYS D 120 24.72 -15.70 -14.21
CA LYS D 120 26.02 -15.54 -13.54
C LYS D 120 27.17 -15.83 -14.49
N ASN D 121 27.01 -16.81 -15.38
CA ASN D 121 28.11 -17.15 -16.28
C ASN D 121 28.36 -16.06 -17.32
N ALA D 122 27.31 -15.33 -17.71
CA ALA D 122 27.46 -14.27 -18.69
C ALA D 122 28.16 -13.03 -18.14
N LEU D 123 28.27 -12.91 -16.82
CA LEU D 123 28.87 -11.75 -16.18
C LEU D 123 30.21 -12.07 -15.54
N LYS D 124 30.89 -13.10 -16.01
CA LYS D 124 32.13 -13.53 -15.40
C LYS D 124 33.25 -12.51 -15.57
N LYS D 125 33.23 -11.74 -16.66
CA LYS D 125 34.34 -10.86 -16.99
C LYS D 125 34.00 -9.37 -16.94
N THR D 126 32.74 -8.99 -17.12
CA THR D 126 32.34 -7.60 -17.17
C THR D 126 31.17 -7.37 -16.24
N ASN D 127 30.90 -6.10 -15.93
CA ASN D 127 29.80 -5.72 -15.05
C ASN D 127 28.57 -5.25 -15.82
N GLU D 128 28.44 -5.66 -17.08
CA GLU D 128 27.27 -5.30 -17.89
C GLU D 128 27.25 -6.21 -19.10
N ALA D 129 26.13 -6.91 -19.31
CA ALA D 129 26.01 -7.81 -20.45
C ALA D 129 24.54 -8.15 -20.65
N VAL D 130 24.03 -7.95 -21.85
CA VAL D 130 22.66 -8.34 -22.16
C VAL D 130 22.62 -9.83 -22.45
N SER D 131 21.59 -10.51 -21.93
CA SER D 131 21.47 -11.95 -22.11
C SER D 131 20.02 -12.31 -22.35
N THR D 132 19.81 -13.42 -23.04
CA THR D 132 18.48 -13.92 -23.35
C THR D 132 18.05 -14.99 -22.34
N LEU D 133 16.75 -15.20 -22.27
CA LEU D 133 16.18 -16.22 -21.40
C LEU D 133 15.82 -17.45 -22.20
N GLY D 134 15.18 -18.42 -21.55
CA GLY D 134 14.81 -19.65 -22.24
C GLY D 134 13.77 -19.44 -23.31
N ASN D 135 12.82 -18.54 -23.09
CA ASN D 135 11.69 -18.35 -23.99
C ASN D 135 11.86 -17.12 -24.87
N GLY D 136 13.10 -16.84 -25.29
CA GLY D 136 13.38 -15.77 -26.24
C GLY D 136 13.47 -14.37 -25.68
N VAL D 137 12.84 -14.13 -24.51
CA VAL D 137 12.87 -12.80 -23.92
C VAL D 137 14.30 -12.44 -23.53
N ARG D 138 14.69 -11.22 -23.86
CA ARG D 138 16.04 -10.73 -23.58
C ARG D 138 16.01 -9.78 -22.39
N VAL D 139 16.97 -9.96 -21.49
CA VAL D 139 17.04 -9.21 -20.24
C VAL D 139 18.40 -8.54 -20.17
N LEU D 140 18.50 -7.48 -19.38
CA LEU D 140 19.76 -6.81 -19.13
C LEU D 140 20.26 -7.20 -17.75
N ALA D 141 21.52 -7.64 -17.67
CA ALA D 141 22.08 -8.16 -16.44
C ALA D 141 23.22 -7.27 -15.95
N THR D 142 23.17 -6.91 -14.68
CA THR D 142 24.15 -6.02 -14.07
C THR D 142 24.74 -6.66 -12.83
N ALA D 143 26.05 -6.53 -12.67
CA ALA D 143 26.75 -7.03 -11.49
C ALA D 143 27.39 -5.87 -10.74
N VAL D 144 27.22 -5.86 -9.42
CA VAL D 144 27.78 -4.82 -8.57
C VAL D 144 28.71 -5.50 -7.56
N ARG D 145 29.96 -5.04 -7.50
CA ARG D 145 31.04 -5.82 -6.89
C ARG D 145 31.89 -4.95 -5.98
N GLU D 146 31.29 -4.20 -5.06
CA GLU D 146 32.12 -3.39 -4.16
C GLU D 146 32.54 -4.20 -2.94
N LEU D 147 31.59 -4.92 -2.33
CA LEU D 147 31.90 -5.69 -1.12
C LEU D 147 32.82 -6.85 -1.42
N LYS D 148 32.51 -7.63 -2.46
CA LYS D 148 33.38 -8.75 -2.82
C LYS D 148 34.78 -8.27 -3.17
N ASP D 149 34.89 -7.10 -3.77
CA ASP D 149 36.18 -6.50 -4.04
C ASP D 149 36.89 -6.03 -2.79
N PHE D 150 36.17 -5.90 -1.67
CA PHE D 150 36.75 -5.44 -0.42
C PHE D 150 36.90 -6.55 0.61
N VAL D 151 35.88 -7.41 0.73
CA VAL D 151 35.97 -8.49 1.71
C VAL D 151 37.05 -9.48 1.32
N SER D 152 37.18 -9.75 0.02
CA SER D 152 38.07 -10.81 -0.43
C SER D 152 39.54 -10.45 -0.24
N LYS D 153 39.95 -9.28 -0.74
CA LYS D 153 41.39 -9.04 -0.87
C LYS D 153 41.98 -8.23 0.27
N ASN D 154 41.28 -7.20 0.77
CA ASN D 154 41.88 -6.37 1.80
C ASN D 154 41.02 -6.36 3.06
N LEU D 155 40.38 -7.48 3.37
CA LEU D 155 39.84 -7.70 4.70
C LEU D 155 40.32 -9.00 5.32
N THR D 156 40.41 -10.07 4.52
CA THR D 156 40.84 -11.36 5.05
C THR D 156 42.27 -11.30 5.55
N ARG D 157 43.14 -10.59 4.83
CA ARG D 157 44.54 -10.50 5.25
C ARG D 157 44.68 -9.85 6.61
N ALA D 158 43.84 -8.84 6.89
CA ALA D 158 43.85 -8.24 8.23
C ALA D 158 43.36 -9.21 9.29
N ILE D 159 42.31 -9.97 8.98
CA ILE D 159 41.70 -10.87 9.97
C ILE D 159 42.37 -12.23 9.79
N ASN D 160 43.46 -12.42 10.52
CA ASN D 160 44.16 -13.71 10.57
C ASN D 160 44.08 -14.28 11.97
N LYS D 161 44.15 -15.61 12.05
CA LYS D 161 44.10 -16.36 13.32
C LYS D 161 42.99 -15.88 14.25
N ASN D 162 41.90 -15.38 13.66
CA ASN D 162 40.75 -14.88 14.40
C ASN D 162 41.16 -13.78 15.38
N LYS D 163 42.16 -13.00 15.00
CA LYS D 163 42.59 -11.83 15.75
C LYS D 163 41.95 -10.63 15.05
N CYS D 164 40.80 -10.21 15.57
CA CYS D 164 39.95 -9.24 14.87
C CYS D 164 39.85 -7.94 15.64
N ASP D 165 40.96 -7.45 16.17
CA ASP D 165 41.02 -6.14 16.79
C ASP D 165 42.41 -5.57 16.50
N ILE D 166 42.47 -4.55 15.64
CA ILE D 166 43.73 -4.06 15.11
C ILE D 166 43.82 -2.57 15.38
N PRO D 167 45.02 -2.00 15.56
CA PRO D 167 45.12 -0.55 15.67
C PRO D 167 44.60 0.20 14.47
N ASP D 168 44.68 -0.39 13.27
CA ASP D 168 44.20 0.27 12.07
C ASP D 168 42.68 0.47 12.11
N LEU D 169 42.25 1.71 12.32
CA LEU D 169 40.84 2.03 12.40
C LEU D 169 40.25 2.49 11.07
N LYS D 170 41.09 2.74 10.06
CA LYS D 170 40.57 3.09 8.75
C LYS D 170 39.75 1.96 8.18
N MET D 171 40.20 0.72 8.34
CA MET D 171 39.47 -0.43 7.82
C MET D 171 38.13 -0.59 8.54
N ALA D 172 38.11 -0.35 9.85
CA ALA D 172 36.87 -0.53 10.61
C ALA D 172 35.78 0.40 10.11
N VAL D 173 36.08 1.68 9.92
CA VAL D 173 35.08 2.61 9.42
C VAL D 173 34.79 2.33 7.95
N SER D 174 35.81 1.96 7.19
CA SER D 174 35.61 1.68 5.77
C SER D 174 34.64 0.53 5.55
N PHE D 175 34.73 -0.51 6.36
CA PHE D 175 33.81 -1.65 6.23
C PHE D 175 32.37 -1.22 6.40
N SER D 176 32.12 -0.23 7.26
CA SER D 176 30.76 0.26 7.42
C SER D 176 30.27 0.97 6.16
N GLN D 177 31.17 1.66 5.45
CA GLN D 177 30.77 2.35 4.24
C GLN D 177 30.26 1.39 3.18
N PHE D 178 31.06 0.35 2.87
CA PHE D 178 30.68 -0.57 1.81
C PHE D 178 29.49 -1.45 2.19
N ASN D 179 29.23 -1.62 3.48
CA ASN D 179 28.18 -2.50 3.94
C ASN D 179 26.80 -1.86 3.85
N ARG D 180 26.72 -0.54 3.70
CA ARG D 180 25.45 0.15 3.90
C ARG D 180 24.44 -0.21 2.82
N ARG D 181 24.88 -0.36 1.57
CA ARG D 181 23.93 -0.66 0.51
C ARG D 181 23.29 -2.03 0.69
N PHE D 182 24.08 -3.02 1.09
CA PHE D 182 23.56 -4.37 1.24
C PHE D 182 22.49 -4.43 2.32
N LEU D 183 22.73 -3.76 3.45
CA LEU D 183 21.79 -3.83 4.57
C LEU D 183 20.45 -3.20 4.21
N ASN D 184 20.46 -2.16 3.37
CA ASN D 184 19.21 -1.55 2.96
C ASN D 184 18.42 -2.44 2.01
N VAL D 185 19.11 -3.18 1.15
CA VAL D 185 18.40 -4.04 0.21
C VAL D 185 17.65 -5.15 0.94
N VAL D 186 18.32 -5.82 1.87
CA VAL D 186 17.69 -6.95 2.56
C VAL D 186 16.53 -6.46 3.43
N ARG D 187 16.64 -5.27 4.01
CA ARG D 187 15.59 -4.78 4.88
C ARG D 187 14.32 -4.46 4.10
N GLN D 188 14.46 -3.98 2.86
CA GLN D 188 13.28 -3.64 2.07
C GLN D 188 12.49 -4.87 1.68
N PHE D 189 13.19 -5.91 1.19
CA PHE D 189 12.50 -7.13 0.79
C PHE D 189 11.90 -7.85 1.99
N SER D 190 12.49 -7.68 3.17
CA SER D 190 11.97 -8.35 4.36
C SER D 190 10.63 -7.77 4.79
N ASP D 191 10.45 -6.46 4.65
CA ASP D 191 9.23 -5.81 5.13
C ASP D 191 8.08 -5.91 4.14
N ASN D 192 8.34 -6.27 2.89
CA ASN D 192 7.29 -6.35 1.87
C ASN D 192 7.09 -7.77 1.35
N ALA D 193 7.73 -8.76 1.97
CA ALA D 193 7.63 -10.16 1.56
C ALA D 193 8.13 -10.38 0.13
N GLY D 194 9.05 -9.53 -0.32
CA GLY D 194 9.71 -9.70 -1.60
C GLY D 194 9.26 -8.74 -2.68
N ILE D 195 8.10 -8.10 -2.53
CA ILE D 195 7.58 -7.23 -3.58
C ILE D 195 7.66 -5.77 -3.13
N THR D 196 8.76 -5.10 -3.46
CA THR D 196 8.88 -3.69 -3.15
C THR D 196 7.94 -2.87 -4.03
N PRO D 197 7.41 -1.76 -3.50
CA PRO D 197 6.42 -0.99 -4.28
C PRO D 197 7.03 -0.07 -5.32
N ALA D 198 8.24 0.43 -5.12
CA ALA D 198 8.84 1.32 -6.10
C ALA D 198 10.36 1.25 -5.98
N ILE D 199 11.04 1.65 -7.05
CA ILE D 199 12.49 1.66 -7.05
C ILE D 199 13.01 2.67 -6.03
N SER D 200 14.10 2.33 -5.38
CA SER D 200 14.74 3.20 -4.41
C SER D 200 16.19 3.40 -4.79
N LEU D 201 16.84 4.34 -4.12
CA LEU D 201 18.24 4.63 -4.44
C LEU D 201 19.19 3.51 -4.07
N ASP D 202 18.74 2.34 -3.62
CA ASP D 202 19.64 1.26 -3.26
C ASP D 202 19.54 0.05 -4.18
N LEU D 203 18.37 -0.26 -4.73
CA LEU D 203 18.28 -1.25 -5.78
C LEU D 203 19.00 -0.79 -7.04
N MET D 204 18.80 0.47 -7.43
CA MET D 204 19.35 0.97 -8.68
C MET D 204 19.75 2.43 -8.46
N THR D 205 21.04 2.65 -8.25
CA THR D 205 21.54 4.00 -8.06
C THR D 205 21.47 4.77 -9.39
N ASP D 206 21.65 6.09 -9.29
CA ASP D 206 21.49 6.94 -10.47
C ASP D 206 22.46 6.59 -11.59
N ALA D 207 23.74 6.34 -11.28
CA ALA D 207 24.68 5.95 -12.31
C ALA D 207 24.29 4.64 -12.99
N GLU D 208 23.55 3.78 -12.28
CA GLU D 208 23.07 2.53 -12.84
C GLU D 208 21.69 2.66 -13.47
N LEU D 209 21.08 3.84 -13.39
CA LEU D 209 19.81 4.07 -14.07
C LEU D 209 20.01 4.71 -15.44
N ALA D 210 21.01 5.60 -15.56
CA ALA D 210 21.33 6.16 -16.86
C ALA D 210 21.83 5.08 -17.81
N ARG D 211 22.61 4.13 -17.31
CA ARG D 211 23.11 3.07 -18.18
C ARG D 211 22.01 2.08 -18.53
N ALA D 212 20.99 1.98 -17.69
CA ALA D 212 19.88 1.07 -17.96
C ALA D 212 18.75 1.72 -18.73
N VAL D 213 18.84 3.03 -19.00
CA VAL D 213 17.83 3.71 -19.80
C VAL D 213 18.35 4.06 -21.19
N SER D 214 19.66 4.22 -21.35
CA SER D 214 20.26 4.50 -22.64
C SER D 214 20.71 3.24 -23.35
N ASN D 215 20.40 2.07 -22.81
CA ASN D 215 20.71 0.80 -23.45
C ASN D 215 19.47 0.12 -24.01
N MET D 216 18.28 0.63 -23.73
CA MET D 216 17.08 0.02 -24.27
C MET D 216 17.00 0.27 -25.77
N PRO D 217 16.43 -0.67 -26.51
CA PRO D 217 16.12 -0.38 -27.92
C PRO D 217 14.88 0.47 -28.00
N THR D 218 15.04 1.77 -28.26
CA THR D 218 13.93 2.70 -28.32
C THR D 218 14.29 3.83 -29.28
N SER D 219 13.33 4.72 -29.51
CA SER D 219 13.56 5.89 -30.32
C SER D 219 14.54 6.82 -29.64
N ALA D 220 14.92 7.90 -30.34
CA ALA D 220 15.79 8.91 -29.77
C ALA D 220 15.04 9.98 -29.01
N GLY D 221 13.71 9.98 -29.08
CA GLY D 221 12.92 10.90 -28.30
C GLY D 221 12.51 10.30 -26.97
N GLN D 222 12.18 9.01 -26.98
CA GLN D 222 11.83 8.34 -25.75
C GLN D 222 12.98 8.31 -24.76
N ILE D 223 14.20 8.10 -25.23
CA ILE D 223 15.36 8.11 -24.34
C ILE D 223 15.55 9.50 -23.73
N LYS D 224 15.41 10.55 -24.54
CA LYS D 224 15.63 11.89 -24.02
C LYS D 224 14.51 12.32 -23.09
N LEU D 225 13.31 11.77 -23.26
CA LEU D 225 12.22 12.08 -22.35
C LEU D 225 12.41 11.41 -20.99
N MET D 226 12.84 10.14 -21.00
CA MET D 226 12.94 9.41 -19.75
C MET D 226 14.16 9.85 -18.94
N LEU D 227 15.17 10.42 -19.59
CA LEU D 227 16.30 10.96 -18.85
C LEU D 227 15.96 12.24 -18.12
N GLU D 228 14.96 12.99 -18.60
CA GLU D 228 14.55 14.21 -17.93
C GLU D 228 13.49 13.98 -16.87
N ASN D 229 12.99 12.76 -16.74
CA ASN D 229 11.96 12.45 -15.75
C ASN D 229 12.35 11.23 -14.93
N ARG D 230 13.58 11.22 -14.42
CA ARG D 230 14.03 10.09 -13.60
C ARG D 230 13.14 9.90 -12.38
N ALA D 231 12.62 11.00 -11.84
CA ALA D 231 11.78 10.92 -10.65
C ALA D 231 10.55 10.07 -10.91
N MET D 232 9.90 10.27 -12.06
CA MET D 232 8.68 9.54 -12.34
C MET D 232 8.96 8.18 -12.96
N VAL D 233 10.16 7.99 -13.52
CA VAL D 233 10.56 6.65 -13.95
C VAL D 233 10.80 5.76 -12.75
N ARG D 234 11.51 6.29 -11.74
CA ARG D 234 11.72 5.56 -10.50
C ARG D 234 10.39 5.25 -9.82
N ARG D 235 9.45 6.17 -9.91
CA ARG D 235 8.23 6.08 -9.13
C ARG D 235 7.19 5.15 -9.75
N LYS D 236 7.45 4.63 -10.94
CA LYS D 236 6.49 3.76 -11.62
C LYS D 236 7.07 2.38 -11.95
N GLY D 237 8.09 1.97 -11.21
CA GLY D 237 8.67 0.65 -11.43
C GLY D 237 8.93 -0.08 -10.13
N PHE D 238 8.64 -1.38 -10.09
CA PHE D 238 8.82 -2.17 -8.90
C PHE D 238 9.89 -3.22 -9.11
N GLY D 239 10.40 -3.76 -8.01
CA GLY D 239 11.41 -4.80 -8.04
C GLY D 239 10.89 -6.09 -7.42
N ILE D 240 11.47 -7.21 -7.83
CA ILE D 240 11.07 -8.52 -7.32
C ILE D 240 12.34 -9.18 -6.79
N LEU D 241 12.18 -10.15 -5.88
CA LEU D 241 13.28 -10.89 -5.32
C LEU D 241 13.33 -12.29 -5.93
N ILE D 242 14.51 -12.69 -6.38
CA ILE D 242 14.69 -14.01 -6.98
C ILE D 242 15.14 -15.04 -5.94
N GLY D 243 16.12 -14.68 -5.12
CA GLY D 243 16.60 -15.61 -4.11
C GLY D 243 18.04 -15.35 -3.71
N VAL D 244 18.58 -16.20 -2.84
CA VAL D 244 19.94 -16.07 -2.35
C VAL D 244 20.71 -17.28 -2.84
N TYR D 245 21.40 -17.14 -3.97
CA TYR D 245 22.08 -18.28 -4.59
C TYR D 245 23.57 -18.24 -4.26
N GLY D 246 23.90 -18.92 -3.16
CA GLY D 246 25.27 -19.01 -2.72
C GLY D 246 25.66 -17.91 -1.76
N SER D 247 26.61 -17.08 -2.16
CA SER D 247 27.04 -15.92 -1.38
C SER D 247 26.68 -14.62 -2.09
N SER D 248 25.58 -14.63 -2.85
CA SER D 248 25.18 -13.48 -3.64
C SER D 248 23.67 -13.34 -3.58
N VAL D 249 23.19 -12.13 -3.84
CA VAL D 249 21.77 -11.82 -3.87
C VAL D 249 21.39 -11.46 -5.29
N ILE D 250 20.34 -12.07 -5.80
CA ILE D 250 19.86 -11.85 -7.16
C ILE D 250 18.43 -11.36 -7.09
N TYR D 251 18.16 -10.22 -7.73
CA TYR D 251 16.83 -9.66 -7.78
C TYR D 251 16.66 -8.93 -9.10
N MET D 252 15.40 -8.73 -9.49
CA MET D 252 15.08 -8.12 -10.77
C MET D 252 14.19 -6.91 -10.55
N VAL D 253 14.37 -5.91 -11.41
CA VAL D 253 13.62 -4.67 -11.34
C VAL D 253 12.95 -4.43 -12.69
N GLN D 254 11.68 -4.04 -12.66
CA GLN D 254 10.91 -3.82 -13.88
C GLN D 254 10.92 -2.33 -14.20
N LEU D 255 11.31 -2.00 -15.42
CA LEU D 255 11.33 -0.62 -15.87
C LEU D 255 10.21 -0.37 -16.88
N PRO D 256 9.61 0.81 -16.86
CA PRO D 256 8.51 1.09 -17.78
C PRO D 256 8.99 1.50 -19.18
N ILE D 257 8.13 1.22 -20.15
CA ILE D 257 8.37 1.58 -21.55
C ILE D 257 7.29 2.56 -21.97
N PHE D 258 7.71 3.74 -22.43
CA PHE D 258 6.78 4.79 -22.83
C PHE D 258 6.58 4.70 -24.33
N GLY D 259 5.46 4.10 -24.75
CA GLY D 259 5.23 3.87 -26.16
C GLY D 259 4.74 5.07 -26.93
N VAL D 260 4.12 6.03 -26.26
CA VAL D 260 3.65 7.26 -26.87
C VAL D 260 4.24 8.42 -26.09
N ILE D 261 4.79 9.41 -26.79
CA ILE D 261 5.56 10.45 -26.10
C ILE D 261 4.98 11.84 -26.35
N ASP D 262 4.25 12.02 -27.45
CA ASP D 262 3.65 13.32 -27.72
C ASP D 262 2.34 13.14 -28.45
N THR D 263 1.28 13.66 -27.85
CA THR D 263 -0.06 13.63 -28.43
C THR D 263 -0.99 14.48 -27.56
N PRO D 264 -1.95 15.18 -28.14
CA PRO D 264 -2.82 16.03 -27.34
C PRO D 264 -3.69 15.20 -26.40
N CYS D 265 -3.98 15.77 -25.23
CA CYS D 265 -4.87 15.17 -24.26
C CYS D 265 -5.63 16.27 -23.53
N TRP D 266 -6.79 15.93 -23.00
CA TRP D 266 -7.63 16.92 -22.34
C TRP D 266 -8.44 16.27 -21.23
N ILE D 267 -8.89 17.12 -20.30
CA ILE D 267 -9.69 16.72 -19.14
C ILE D 267 -11.09 17.28 -19.32
N VAL D 268 -12.10 16.48 -18.98
CA VAL D 268 -13.48 16.96 -18.96
C VAL D 268 -14.03 16.77 -17.56
N LYS D 269 -14.58 17.83 -16.99
CA LYS D 269 -15.26 17.79 -15.70
C LYS D 269 -16.62 18.47 -15.83
N ALA D 270 -17.64 17.86 -15.26
CA ALA D 270 -19.01 18.33 -15.37
C ALA D 270 -19.54 18.70 -13.99
N ALA D 271 -20.66 19.42 -13.99
CA ALA D 271 -21.36 19.79 -12.76
C ALA D 271 -22.84 19.72 -13.02
N PRO D 272 -23.65 19.38 -12.02
CA PRO D 272 -25.10 19.32 -12.23
C PRO D 272 -25.64 20.67 -12.67
N SER D 273 -26.57 20.64 -13.61
CA SER D 273 -27.15 21.84 -14.20
C SER D 273 -28.61 21.61 -14.46
N CYS D 274 -29.48 22.24 -13.66
CA CYS D 274 -30.91 22.07 -13.82
C CYS D 274 -31.56 23.25 -14.55
N SER D 275 -31.47 24.44 -13.99
CA SER D 275 -32.20 25.61 -14.50
C SER D 275 -33.68 25.26 -14.71
N GLU D 276 -34.23 24.46 -13.80
CA GLU D 276 -35.58 23.94 -13.91
C GLU D 276 -36.54 24.74 -13.04
N LYS D 277 -37.81 24.38 -13.12
CA LYS D 277 -38.84 24.92 -12.26
C LYS D 277 -39.06 23.99 -11.09
N LYS D 278 -39.92 24.41 -10.15
CA LYS D 278 -40.26 23.56 -9.03
C LYS D 278 -40.95 22.28 -9.49
N GLY D 279 -41.86 22.40 -10.46
CA GLY D 279 -42.41 21.22 -11.09
C GLY D 279 -41.40 20.56 -12.01
N ASN D 280 -41.43 19.23 -12.05
CA ASN D 280 -40.46 18.43 -12.78
C ASN D 280 -39.03 18.81 -12.37
N TYR D 281 -38.82 18.89 -11.06
CA TYR D 281 -37.53 19.32 -10.50
C TYR D 281 -36.47 18.23 -10.66
N ALA D 282 -36.14 17.96 -11.93
CA ALA D 282 -35.11 17.00 -12.28
C ALA D 282 -34.39 17.50 -13.53
N CYS D 283 -33.15 17.07 -13.70
CA CYS D 283 -32.35 17.54 -14.82
C CYS D 283 -31.22 16.54 -15.09
N LEU D 284 -30.26 16.97 -15.91
CA LEU D 284 -29.29 16.09 -16.53
C LEU D 284 -27.93 16.19 -15.85
N LEU D 285 -27.04 15.28 -16.23
CA LEU D 285 -25.69 15.25 -15.68
C LEU D 285 -24.78 14.51 -16.66
N ARG D 286 -23.60 15.06 -16.93
CA ARG D 286 -22.63 14.38 -17.77
C ARG D 286 -21.82 13.41 -16.94
N GLU D 287 -21.97 12.11 -17.22
CA GLU D 287 -21.19 11.07 -16.56
C GLU D 287 -19.97 10.68 -17.38
N ASP D 288 -19.55 11.54 -18.29
CA ASP D 288 -18.45 11.25 -19.21
C ASP D 288 -17.17 11.95 -18.76
N GLN D 289 -17.08 12.29 -17.48
CA GLN D 289 -15.91 12.98 -16.96
C GLN D 289 -14.71 12.05 -16.94
N GLY D 290 -13.53 12.65 -16.96
CA GLY D 290 -12.29 11.88 -16.91
C GLY D 290 -11.20 12.41 -17.82
N TRP D 291 -10.34 11.52 -18.30
CA TRP D 291 -9.24 11.87 -19.17
C TRP D 291 -9.49 11.38 -20.58
N TYR D 292 -8.81 12.01 -21.53
CA TYR D 292 -8.87 11.61 -22.93
C TYR D 292 -7.48 11.74 -23.53
N CYS D 293 -7.08 10.76 -24.34
CA CYS D 293 -5.76 10.76 -24.94
C CYS D 293 -5.80 10.00 -26.25
N GLN D 294 -5.04 10.47 -27.24
CA GLN D 294 -4.96 9.85 -28.54
C GLN D 294 -3.69 9.04 -28.66
N ASN D 295 -3.79 7.83 -29.20
CA ASN D 295 -2.59 7.04 -29.47
C ASN D 295 -2.43 6.67 -30.94
N ALA D 296 -3.46 6.12 -31.56
CA ALA D 296 -3.38 5.67 -32.95
C ALA D 296 -4.66 6.02 -33.70
N GLY D 297 -5.14 7.24 -33.52
CA GLY D 297 -6.40 7.62 -34.11
C GLY D 297 -7.60 7.02 -33.41
N SER D 298 -7.46 6.71 -32.12
CA SER D 298 -8.58 6.18 -31.34
C SER D 298 -8.33 6.57 -29.89
N THR D 299 -9.19 7.41 -29.33
CA THR D 299 -8.96 7.95 -28.00
C THR D 299 -9.10 6.87 -26.94
N VAL D 300 -8.33 7.02 -25.86
CA VAL D 300 -8.45 6.17 -24.69
C VAL D 300 -9.08 6.99 -23.56
N TYR D 301 -10.04 6.40 -22.86
CA TYR D 301 -10.84 7.11 -21.87
C TYR D 301 -10.54 6.56 -20.49
N TYR D 302 -10.22 7.46 -19.56
CA TYR D 302 -10.00 7.11 -18.17
C TYR D 302 -11.12 7.69 -17.33
N PRO D 303 -12.01 6.87 -16.77
CA PRO D 303 -13.21 7.42 -16.12
C PRO D 303 -12.94 8.34 -14.96
N ASN D 304 -11.88 8.12 -14.19
CA ASN D 304 -11.60 8.92 -13.01
C ASN D 304 -10.17 9.46 -13.03
N GLU D 305 -9.97 10.58 -12.33
CA GLU D 305 -8.71 11.31 -12.41
C GLU D 305 -7.57 10.59 -11.72
N LYS D 306 -7.87 9.70 -10.77
CA LYS D 306 -6.82 9.10 -9.96
C LYS D 306 -5.87 8.20 -10.75
N ASP D 307 -6.24 7.80 -11.96
CA ASP D 307 -5.43 6.87 -12.73
C ASP D 307 -4.25 7.52 -13.43
N CYS D 308 -4.15 8.84 -13.44
CA CYS D 308 -3.09 9.52 -14.17
C CYS D 308 -2.49 10.63 -13.33
N GLU D 309 -1.21 10.90 -13.56
CA GLU D 309 -0.44 11.89 -12.82
C GLU D 309 -0.26 13.15 -13.67
N THR D 310 0.53 14.09 -13.16
CA THR D 310 0.81 15.32 -13.87
C THR D 310 2.10 15.91 -13.35
N ARG D 311 2.94 16.37 -14.27
CA ARG D 311 4.22 16.99 -13.92
C ARG D 311 4.26 18.19 -14.87
N GLY D 312 3.43 19.15 -14.64
CA GLY D 312 3.35 20.32 -15.53
C GLY D 312 2.44 20.14 -16.74
N ASP D 313 3.03 19.90 -17.90
CA ASP D 313 2.25 19.61 -19.09
C ASP D 313 2.05 18.12 -19.32
N HIS D 314 3.03 17.30 -18.95
CA HIS D 314 2.97 15.87 -19.26
C HIS D 314 1.93 15.18 -18.38
N VAL D 315 1.40 14.07 -18.90
CA VAL D 315 0.41 13.26 -18.21
C VAL D 315 0.84 11.81 -18.31
N PHE D 316 1.09 11.17 -17.16
CA PHE D 316 1.67 9.82 -17.12
C PHE D 316 0.56 8.81 -16.88
N CYS D 317 -0.11 8.42 -17.96
CA CYS D 317 -1.23 7.49 -17.86
C CYS D 317 -0.73 6.07 -18.06
N ASP D 318 -1.65 5.10 -18.12
CA ASP D 318 -1.33 3.70 -18.37
C ASP D 318 -2.30 3.17 -19.41
N THR D 319 -1.82 2.25 -20.25
CA THR D 319 -2.61 1.74 -21.35
C THR D 319 -3.45 0.53 -20.99
N ALA D 320 -3.25 -0.05 -19.80
CA ALA D 320 -3.97 -1.25 -19.41
C ALA D 320 -5.25 -0.97 -18.65
N CYS D 321 -5.51 0.29 -18.28
CA CYS D 321 -6.70 0.65 -17.53
C CYS D 321 -7.58 1.65 -18.27
N GLY D 322 -7.47 1.72 -19.59
CA GLY D 322 -8.31 2.59 -20.39
C GLY D 322 -9.21 1.80 -21.33
N ILE D 323 -10.35 2.41 -21.67
CA ILE D 323 -11.32 1.80 -22.55
C ILE D 323 -11.32 2.54 -23.88
N ASN D 324 -11.36 1.78 -24.97
CA ASN D 324 -11.31 2.37 -26.31
C ASN D 324 -12.64 3.03 -26.64
N VAL D 325 -12.57 4.27 -27.13
CA VAL D 325 -13.74 5.06 -27.48
C VAL D 325 -13.56 5.60 -28.88
N ALA D 326 -14.64 5.63 -29.65
CA ALA D 326 -14.60 6.19 -30.99
C ALA D 326 -14.25 7.67 -30.93
N GLU D 327 -13.43 8.12 -31.89
CA GLU D 327 -12.91 9.48 -31.86
C GLU D 327 -13.98 10.54 -32.10
N GLN D 328 -15.18 10.16 -32.52
CA GLN D 328 -16.27 11.11 -32.68
C GLN D 328 -16.81 11.61 -31.35
N SER D 329 -16.40 11.01 -30.22
CA SER D 329 -16.91 11.39 -28.91
C SER D 329 -16.53 12.82 -28.53
N LYS D 330 -15.54 13.41 -29.20
CA LYS D 330 -15.17 14.80 -28.94
C LYS D 330 -16.27 15.77 -29.34
N GLU D 331 -17.26 15.32 -30.11
CA GLU D 331 -18.31 16.22 -30.59
C GLU D 331 -19.18 16.71 -29.45
N CYS D 332 -19.30 15.94 -28.37
CA CYS D 332 -20.16 16.34 -27.25
C CYS D 332 -19.73 17.67 -26.67
N ASN D 333 -18.41 17.87 -26.51
CA ASN D 333 -17.92 19.13 -25.98
C ASN D 333 -18.23 20.29 -26.91
N ILE D 334 -18.29 20.04 -28.22
CA ILE D 334 -18.60 21.11 -29.16
C ILE D 334 -20.05 21.56 -29.00
N ASN D 335 -20.96 20.59 -28.96
CA ASN D 335 -22.39 20.89 -28.86
C ASN D 335 -23.12 19.62 -28.46
N ILE D 336 -24.32 19.81 -27.91
CA ILE D 336 -25.21 18.68 -27.62
C ILE D 336 -26.31 18.55 -28.67
N SER D 337 -26.60 19.62 -29.43
CA SER D 337 -27.60 19.54 -30.48
C SER D 337 -27.24 18.54 -31.56
N THR D 338 -25.95 18.24 -31.73
CA THR D 338 -25.52 17.26 -32.72
C THR D 338 -25.97 15.87 -32.29
N THR D 339 -26.48 15.09 -33.25
CA THR D 339 -26.98 13.75 -32.99
C THR D 339 -26.11 12.66 -33.62
N ASN D 340 -24.94 13.03 -34.17
CA ASN D 340 -24.09 12.05 -34.81
C ASN D 340 -23.62 10.99 -33.83
N TYR D 341 -23.23 11.40 -32.63
CA TYR D 341 -22.83 10.39 -31.66
C TYR D 341 -23.81 10.34 -30.51
N PRO D 342 -24.16 9.15 -30.03
CA PRO D 342 -25.06 9.07 -28.87
C PRO D 342 -24.35 9.56 -27.62
N CYS D 343 -24.70 10.75 -27.16
CA CYS D 343 -23.93 11.40 -26.12
C CYS D 343 -24.46 11.01 -24.75
N LYS D 344 -23.55 10.57 -23.88
CA LYS D 344 -23.92 10.00 -22.59
C LYS D 344 -24.42 11.10 -21.66
N VAL D 345 -25.54 10.84 -21.00
CA VAL D 345 -26.09 11.78 -20.02
C VAL D 345 -26.99 11.00 -19.06
N SER D 346 -27.05 11.46 -17.82
CA SER D 346 -27.85 10.83 -16.79
C SER D 346 -28.69 11.88 -16.08
N THR D 347 -29.86 11.46 -15.60
CA THR D 347 -30.83 12.35 -14.97
C THR D 347 -30.97 12.01 -13.48
N GLY D 348 -31.79 12.80 -12.79
CA GLY D 348 -32.03 12.59 -11.38
C GLY D 348 -33.00 13.60 -10.78
N ARG D 349 -33.93 13.11 -9.96
CA ARG D 349 -34.97 13.94 -9.37
C ARG D 349 -34.53 14.65 -8.10
N HIS D 350 -33.30 14.44 -7.64
CA HIS D 350 -32.80 15.03 -6.39
C HIS D 350 -31.52 15.79 -6.67
N PRO D 351 -31.63 17.01 -7.21
CA PRO D 351 -30.42 17.80 -7.49
C PRO D 351 -29.77 18.32 -6.22
N ILE D 352 -28.51 17.96 -6.01
CA ILE D 352 -27.76 18.39 -4.83
C ILE D 352 -26.77 19.47 -5.23
N SER D 353 -26.31 20.23 -4.23
CA SER D 353 -25.29 21.24 -4.45
C SER D 353 -23.91 20.61 -4.35
N MET D 354 -23.02 20.97 -5.27
CA MET D 354 -21.72 20.34 -5.37
C MET D 354 -20.78 21.26 -6.12
N VAL D 355 -19.49 21.19 -5.78
CA VAL D 355 -18.47 22.05 -6.37
C VAL D 355 -17.36 21.17 -6.95
N ALA D 356 -17.00 21.44 -8.20
CA ALA D 356 -16.00 20.67 -8.92
C ALA D 356 -14.79 21.54 -9.16
N LEU D 357 -13.62 21.04 -8.79
CA LEU D 357 -12.37 21.79 -8.97
C LEU D 357 -11.80 21.50 -10.35
N SER D 358 -11.66 22.52 -11.14
CA SER D 358 -11.00 22.39 -12.42
C SER D 358 -9.50 22.56 -12.24
N PRO D 359 -8.68 21.94 -13.11
CA PRO D 359 -7.24 22.12 -12.97
C PRO D 359 -6.80 23.57 -13.10
N LEU D 360 -7.60 24.40 -13.74
CA LEU D 360 -7.30 25.82 -13.87
C LEU D 360 -8.37 26.69 -13.24
N GLY D 361 -9.64 26.39 -13.47
CA GLY D 361 -10.76 27.14 -12.91
C GLY D 361 -11.43 26.41 -11.76
N ALA D 362 -12.73 26.67 -11.60
CA ALA D 362 -13.51 26.03 -10.55
C ALA D 362 -14.97 26.05 -10.94
N LEU D 363 -15.70 25.01 -10.53
CA LEU D 363 -17.12 24.86 -10.82
C LEU D 363 -17.90 24.83 -9.50
N VAL D 364 -19.08 25.45 -9.51
CA VAL D 364 -19.93 25.53 -8.32
C VAL D 364 -21.38 25.25 -8.71
N ALA D 365 -22.05 24.45 -7.90
CA ALA D 365 -23.49 24.24 -8.01
C ALA D 365 -24.12 24.49 -6.65
N CYS D 366 -25.14 25.34 -6.62
CA CYS D 366 -25.72 25.82 -5.38
C CYS D 366 -27.21 26.04 -5.61
N TYR D 367 -28.03 25.10 -5.13
CA TYR D 367 -29.45 25.07 -5.48
C TYR D 367 -30.39 25.46 -4.35
N LYS D 368 -30.22 24.88 -3.16
CA LYS D 368 -31.23 25.02 -2.10
C LYS D 368 -31.11 26.34 -1.35
N GLY D 369 -30.44 27.33 -1.91
CA GLY D 369 -30.40 28.65 -1.33
C GLY D 369 -29.44 28.82 -0.18
N VAL D 370 -28.64 27.80 0.14
CA VAL D 370 -27.66 27.93 1.21
C VAL D 370 -26.63 28.99 0.81
N SER D 371 -26.09 29.67 1.82
CA SER D 371 -25.13 30.74 1.57
C SER D 371 -23.87 30.17 0.92
N CYS D 372 -23.72 30.42 -0.37
CA CYS D 372 -22.57 29.97 -1.15
C CYS D 372 -21.86 31.19 -1.72
N SER D 373 -20.77 31.58 -1.08
CA SER D 373 -20.08 32.83 -1.38
C SER D 373 -18.66 32.58 -1.85
N ILE D 374 -18.16 33.48 -2.68
CA ILE D 374 -16.78 33.44 -3.13
C ILE D 374 -15.89 34.12 -2.10
N GLY D 375 -14.72 33.55 -1.86
CA GLY D 375 -13.81 34.10 -0.87
C GLY D 375 -12.44 34.42 -1.41
N SER D 376 -11.65 35.15 -0.64
CA SER D 376 -10.29 35.49 -1.02
C SER D 376 -9.44 35.54 0.24
N ASN D 377 -8.18 35.96 0.07
CA ASN D 377 -7.26 36.05 1.21
C ASN D 377 -7.31 37.43 1.85
N ARG D 378 -7.05 38.47 1.06
CA ARG D 378 -7.09 39.83 1.60
C ARG D 378 -8.50 40.26 1.97
N VAL D 379 -9.49 39.82 1.21
CA VAL D 379 -10.89 40.11 1.50
C VAL D 379 -11.58 38.80 1.86
N GLY D 380 -12.25 38.79 3.02
CA GLY D 380 -12.89 37.59 3.51
C GLY D 380 -14.09 37.14 2.69
N ILE D 381 -14.99 38.06 2.38
CA ILE D 381 -16.18 37.76 1.58
C ILE D 381 -16.24 38.79 0.47
N ILE D 382 -16.29 38.31 -0.78
CA ILE D 382 -16.35 39.20 -1.93
C ILE D 382 -17.78 39.44 -2.40
N LYS D 383 -18.49 38.37 -2.75
CA LYS D 383 -19.82 38.51 -3.31
C LYS D 383 -20.59 37.20 -3.09
N GLN D 384 -21.91 37.30 -3.16
CA GLN D 384 -22.80 36.15 -3.08
C GLN D 384 -23.35 35.85 -4.47
N LEU D 385 -23.05 34.65 -4.97
CA LEU D 385 -23.49 34.25 -6.30
C LEU D 385 -24.94 33.79 -6.28
N ASN D 386 -25.54 33.75 -7.46
CA ASN D 386 -26.95 33.40 -7.63
C ASN D 386 -27.05 32.01 -8.25
N LYS D 387 -27.89 31.16 -7.66
CA LYS D 387 -28.11 29.79 -8.11
C LYS D 387 -26.77 29.07 -8.23
N GLY D 388 -26.46 28.51 -9.38
CA GLY D 388 -25.23 27.76 -9.53
C GLY D 388 -24.72 27.78 -10.96
N CYS D 389 -23.79 26.87 -11.23
CA CYS D 389 -23.14 26.77 -12.54
C CYS D 389 -22.52 28.09 -12.95
N SER D 390 -21.90 28.77 -11.99
CA SER D 390 -21.19 30.02 -12.24
C SER D 390 -19.69 29.74 -12.16
N TYR D 391 -19.08 29.55 -13.33
CA TYR D 391 -17.65 29.25 -13.38
C TYR D 391 -16.84 30.43 -12.85
N ILE D 392 -15.93 30.15 -11.93
CA ILE D 392 -15.10 31.16 -11.30
C ILE D 392 -13.65 30.78 -11.50
N THR D 393 -12.86 31.73 -12.01
CA THR D 393 -11.44 31.49 -12.24
C THR D 393 -10.64 31.78 -10.97
N ASN D 394 -9.49 31.13 -10.86
CA ASN D 394 -8.59 31.38 -9.73
C ASN D 394 -7.88 32.73 -9.85
N GLN D 395 -7.86 33.33 -11.04
CA GLN D 395 -7.30 34.67 -11.18
C GLN D 395 -8.14 35.69 -10.44
N ASP D 396 -9.45 35.49 -10.39
CA ASP D 396 -10.36 36.43 -9.74
C ASP D 396 -10.61 36.12 -8.28
N ALA D 397 -10.68 34.85 -7.91
CA ALA D 397 -11.02 34.45 -6.55
C ALA D 397 -9.97 33.48 -6.02
N ASP D 398 -9.95 33.34 -4.70
CA ASP D 398 -8.99 32.47 -4.02
C ASP D 398 -9.64 31.27 -3.33
N THR D 399 -10.85 31.45 -2.79
CA THR D 399 -11.56 30.37 -2.13
C THR D 399 -13.04 30.45 -2.45
N VAL D 400 -13.73 29.32 -2.28
CA VAL D 400 -15.18 29.24 -2.46
C VAL D 400 -15.76 28.60 -1.21
N THR D 401 -16.93 29.08 -0.77
CA THR D 401 -17.53 28.67 0.48
C THR D 401 -18.86 27.98 0.20
N ILE D 402 -19.04 26.78 0.76
CA ILE D 402 -20.29 26.05 0.71
C ILE D 402 -20.43 25.23 1.99
N ASP D 403 -21.55 25.38 2.67
CA ASP D 403 -21.83 24.69 3.93
C ASP D 403 -20.64 24.81 4.89
N ASN D 404 -20.26 26.07 5.14
CA ASN D 404 -19.09 26.46 5.93
C ASN D 404 -17.88 25.57 5.67
N THR D 405 -17.66 25.21 4.41
CA THR D 405 -16.51 24.41 4.00
C THR D 405 -15.83 25.14 2.85
N VAL D 406 -14.57 25.55 3.06
CA VAL D 406 -13.86 26.32 2.06
C VAL D 406 -13.07 25.38 1.14
N TYR D 407 -12.83 25.86 -0.08
CA TYR D 407 -12.04 25.11 -1.06
C TYR D 407 -10.99 26.05 -1.64
N GLN D 408 -9.75 25.60 -1.68
CA GLN D 408 -8.67 26.41 -2.21
C GLN D 408 -8.56 26.22 -3.72
N LEU D 409 -7.98 27.22 -4.38
CA LEU D 409 -7.84 27.23 -5.82
C LEU D 409 -6.36 27.30 -6.19
N SER D 410 -6.01 26.61 -7.27
CA SER D 410 -4.62 26.55 -7.71
C SER D 410 -4.17 27.89 -8.29
N LYS D 411 -2.86 28.07 -8.36
CA LYS D 411 -2.25 29.30 -8.85
C LYS D 411 -1.78 29.21 -10.29
N VAL D 412 -2.11 28.12 -11.00
CA VAL D 412 -1.67 27.97 -12.38
C VAL D 412 -2.37 29.00 -13.25
N GLU D 413 -1.60 29.65 -14.12
CA GLU D 413 -2.09 30.71 -14.99
C GLU D 413 -2.23 30.19 -16.40
N GLY D 414 -3.38 30.46 -17.02
CA GLY D 414 -3.62 30.04 -18.39
C GLY D 414 -4.83 30.74 -18.95
N GLU D 415 -5.01 30.60 -20.26
CA GLU D 415 -6.11 31.27 -20.95
C GLU D 415 -7.44 30.65 -20.56
N GLN D 416 -8.46 31.49 -20.43
CA GLN D 416 -9.81 31.06 -20.11
C GLN D 416 -10.77 31.51 -21.21
N HIS D 417 -11.67 30.60 -21.60
CA HIS D 417 -12.68 30.92 -22.59
C HIS D 417 -14.03 30.47 -22.07
N VAL D 418 -15.08 31.17 -22.51
CA VAL D 418 -16.46 30.83 -22.19
C VAL D 418 -17.24 30.71 -23.49
N ILE D 419 -18.07 29.68 -23.60
CA ILE D 419 -18.82 29.39 -24.80
C ILE D 419 -20.29 29.69 -24.53
N LYS D 420 -20.83 30.70 -25.21
CA LYS D 420 -22.21 31.07 -25.02
C LYS D 420 -23.15 30.01 -25.59
N GLY D 421 -24.22 29.73 -24.85
CA GLY D 421 -25.20 28.75 -25.29
C GLY D 421 -26.40 28.73 -24.37
N ARG D 422 -27.44 28.05 -24.84
CA ARG D 422 -28.68 27.94 -24.08
C ARG D 422 -28.68 26.67 -23.26
N PRO D 423 -28.72 26.76 -21.93
CA PRO D 423 -28.80 25.54 -21.11
C PRO D 423 -30.13 24.82 -21.32
N VAL D 424 -30.19 23.60 -20.79
CA VAL D 424 -31.38 22.76 -20.95
C VAL D 424 -32.51 23.35 -20.15
N SER D 425 -33.51 23.91 -20.84
CA SER D 425 -34.61 24.59 -20.16
C SER D 425 -35.42 23.61 -19.31
N SER D 426 -35.98 22.59 -19.95
CA SER D 426 -36.77 21.57 -19.25
C SER D 426 -36.24 20.19 -19.60
N SER D 427 -36.80 19.17 -18.93
CA SER D 427 -36.32 17.81 -19.12
C SER D 427 -36.58 17.34 -20.55
N PHE D 428 -35.51 16.94 -21.23
CA PHE D 428 -35.58 16.44 -22.60
C PHE D 428 -35.07 15.01 -22.64
N ASP D 429 -35.54 14.26 -23.64
CA ASP D 429 -35.07 12.89 -23.87
C ASP D 429 -34.72 12.67 -25.34
N PRO D 430 -33.77 13.44 -25.90
CA PRO D 430 -33.27 13.11 -27.23
C PRO D 430 -32.04 12.21 -27.20
N VAL D 431 -31.29 12.26 -26.10
CA VAL D 431 -29.97 11.65 -26.03
C VAL D 431 -29.81 10.82 -24.76
N LYS D 432 -30.82 10.85 -23.89
CA LYS D 432 -30.71 10.18 -22.59
C LYS D 432 -30.84 8.67 -22.78
N PHE D 433 -29.81 8.09 -23.42
CA PHE D 433 -29.72 6.65 -23.59
C PHE D 433 -29.20 5.97 -22.32
N PRO D 434 -28.10 6.43 -21.71
CA PRO D 434 -27.63 5.78 -20.49
C PRO D 434 -28.24 6.41 -19.24
N GLU D 435 -27.87 5.84 -18.09
CA GLU D 435 -28.32 6.34 -16.80
C GLU D 435 -27.38 5.88 -15.68
N GLN E 1 30.08 5.52 -37.39
CA GLN E 1 29.71 4.65 -36.28
C GLN E 1 29.26 3.28 -36.76
N ALA E 2 28.16 3.27 -37.52
CA ALA E 2 27.62 2.02 -38.04
C ALA E 2 26.87 2.30 -39.34
N VAL E 3 26.75 1.27 -40.17
CA VAL E 3 26.06 1.37 -41.44
C VAL E 3 25.66 -0.04 -41.86
N VAL E 4 24.63 -0.14 -42.68
CA VAL E 4 24.09 -1.41 -43.12
C VAL E 4 24.58 -1.69 -44.53
N THR E 5 25.07 -2.91 -44.75
CA THR E 5 25.64 -3.33 -46.03
C THR E 5 24.69 -4.28 -46.74
N GLN E 6 24.52 -4.05 -48.04
CA GLN E 6 23.61 -4.83 -48.87
C GLN E 6 24.28 -5.09 -50.21
N PRO E 7 24.10 -6.29 -50.77
CA PRO E 7 24.75 -6.59 -52.05
C PRO E 7 24.23 -5.69 -53.14
N PRO E 8 25.07 -5.38 -54.13
CA PRO E 8 24.62 -4.44 -55.19
C PRO E 8 23.48 -4.97 -56.04
N SER E 9 23.58 -6.20 -56.52
CA SER E 9 22.53 -6.75 -57.38
C SER E 9 22.52 -8.26 -57.27
N VAL E 10 21.34 -8.84 -57.46
CA VAL E 10 21.15 -10.29 -57.47
C VAL E 10 20.28 -10.65 -58.66
N SER E 11 20.75 -11.58 -59.49
CA SER E 11 20.05 -11.99 -60.69
C SER E 11 19.53 -13.41 -60.55
N GLY E 12 18.36 -13.66 -61.13
CA GLY E 12 17.75 -14.97 -61.07
C GLY E 12 16.93 -15.23 -62.32
N ALA E 13 16.32 -16.42 -62.35
CA ALA E 13 15.48 -16.85 -63.46
C ALA E 13 14.08 -17.10 -62.95
N PRO E 14 13.07 -17.04 -63.82
CA PRO E 14 11.69 -17.30 -63.38
C PRO E 14 11.54 -18.71 -62.84
N GLY E 15 10.77 -18.84 -61.76
CA GLY E 15 10.45 -20.13 -61.18
C GLY E 15 11.38 -20.62 -60.10
N GLN E 16 12.45 -19.90 -59.79
CA GLN E 16 13.37 -20.31 -58.74
C GLN E 16 13.20 -19.42 -57.50
N ARG E 17 14.05 -19.64 -56.51
CA ARG E 17 13.99 -18.98 -55.22
C ARG E 17 15.20 -18.06 -55.06
N VAL E 18 14.97 -16.86 -54.55
CA VAL E 18 15.98 -15.81 -54.46
C VAL E 18 16.12 -15.37 -53.02
N ILE E 19 17.37 -15.19 -52.58
CA ILE E 19 17.69 -14.76 -51.22
C ILE E 19 18.49 -13.48 -51.28
N ILE E 20 18.07 -12.48 -50.51
CA ILE E 20 18.78 -11.21 -50.38
C ILE E 20 19.15 -11.03 -48.92
N SER E 21 20.44 -10.82 -48.66
CA SER E 21 20.96 -10.73 -47.30
C SER E 21 21.23 -9.27 -46.93
N CYS E 22 20.78 -8.89 -45.74
CA CYS E 22 20.97 -7.53 -45.22
C CYS E 22 21.85 -7.65 -43.99
N THR E 23 23.11 -7.27 -44.12
CA THR E 23 24.10 -7.41 -43.05
C THR E 23 24.14 -6.14 -42.21
N GLY E 24 23.95 -6.30 -40.91
CA GLY E 24 23.96 -5.21 -39.96
C GLY E 24 25.30 -5.05 -39.28
N SER E 25 25.26 -4.54 -38.05
CA SER E 25 26.46 -4.34 -37.25
C SER E 25 26.09 -4.52 -35.79
N GLY E 26 27.03 -4.18 -34.90
CA GLY E 26 26.80 -4.34 -33.48
C GLY E 26 25.88 -3.33 -32.87
N SER E 27 25.72 -2.17 -33.50
CA SER E 27 24.87 -1.11 -32.98
C SER E 27 23.56 -0.94 -33.75
N ASN E 28 23.43 -1.58 -34.91
CA ASN E 28 22.20 -1.47 -35.70
C ASN E 28 21.25 -2.62 -35.36
N LEU E 29 21.71 -3.85 -35.59
CA LEU E 29 20.88 -5.03 -35.36
C LEU E 29 21.28 -5.80 -34.12
N GLY E 30 22.50 -5.63 -33.63
CA GLY E 30 22.93 -6.32 -32.42
C GLY E 30 22.22 -5.84 -31.18
N ALA E 31 21.74 -4.60 -31.17
CA ALA E 31 21.04 -4.05 -30.03
C ALA E 31 19.55 -4.36 -30.05
N ASP E 32 19.15 -5.41 -30.77
CA ASP E 32 17.76 -5.85 -30.85
C ASP E 32 16.86 -4.76 -31.45
N TYR E 33 17.16 -4.40 -32.69
CA TYR E 33 16.29 -3.54 -33.48
C TYR E 33 15.65 -4.35 -34.60
N GLY E 34 14.87 -3.66 -35.43
CA GLY E 34 14.13 -4.32 -36.48
C GLY E 34 14.75 -4.15 -37.85
N VAL E 35 14.36 -5.05 -38.76
CA VAL E 35 14.74 -4.97 -40.17
C VAL E 35 13.46 -5.00 -40.98
N HIS E 36 13.30 -4.01 -41.86
CA HIS E 36 12.11 -3.90 -42.68
C HIS E 36 12.51 -3.74 -44.14
N TRP E 37 11.65 -4.22 -45.03
CA TRP E 37 11.96 -4.31 -46.45
C TRP E 37 10.99 -3.47 -47.25
N TYR E 38 11.52 -2.64 -48.15
CA TYR E 38 10.73 -1.81 -49.05
C TYR E 38 11.04 -2.18 -50.49
N GLN E 39 10.01 -2.21 -51.32
CA GLN E 39 10.15 -2.45 -52.75
C GLN E 39 9.81 -1.16 -53.49
N GLN E 40 10.72 -0.73 -54.36
CA GLN E 40 10.53 0.48 -55.14
C GLN E 40 10.51 0.12 -56.62
N LEU E 41 9.34 0.24 -57.24
CA LEU E 41 9.24 0.04 -58.67
C LEU E 41 9.98 1.14 -59.40
N PRO E 42 10.38 0.91 -60.65
CA PRO E 42 11.25 1.88 -61.34
C PRO E 42 10.65 3.26 -61.50
N GLY E 43 9.35 3.44 -61.29
CA GLY E 43 8.74 4.73 -61.55
C GLY E 43 8.04 5.39 -60.38
N THR E 44 7.85 4.67 -59.28
CA THR E 44 7.05 5.22 -58.18
C THR E 44 7.78 5.18 -56.85
N ALA E 45 7.10 5.63 -55.79
CA ALA E 45 7.63 5.66 -54.44
C ALA E 45 7.60 4.28 -53.82
N PRO E 46 8.46 4.02 -52.84
CA PRO E 46 8.52 2.68 -52.25
C PRO E 46 7.25 2.33 -51.50
N LYS E 47 7.07 1.04 -51.27
CA LYS E 47 5.96 0.53 -50.48
C LYS E 47 6.47 -0.53 -49.53
N LEU E 48 5.75 -0.71 -48.43
CA LEU E 48 6.18 -1.61 -47.37
C LEU E 48 5.95 -3.06 -47.78
N LEU E 49 6.98 -3.90 -47.65
CA LEU E 49 6.89 -5.32 -47.93
C LEU E 49 6.89 -6.15 -46.66
N ILE E 50 7.92 -6.00 -45.82
CA ILE E 50 8.05 -6.77 -44.59
C ILE E 50 8.31 -5.81 -43.44
N TYR E 51 7.55 -5.97 -42.37
CA TYR E 51 7.73 -5.18 -41.15
C TYR E 51 7.71 -6.10 -39.95
N GLY E 52 8.42 -5.72 -38.90
CA GLY E 52 8.49 -6.57 -37.72
C GLY E 52 9.37 -7.78 -37.89
N ASP E 53 10.21 -7.78 -38.93
CA ASP E 53 11.24 -8.79 -39.22
C ASP E 53 10.65 -10.09 -39.76
N ARG E 54 9.33 -10.29 -39.63
CA ARG E 54 8.69 -11.44 -40.23
C ARG E 54 7.29 -11.20 -40.78
N ASN E 55 6.62 -10.11 -40.43
CA ASN E 55 5.21 -9.97 -40.73
C ASN E 55 4.99 -9.54 -42.18
N ARG E 56 3.74 -9.60 -42.61
CA ARG E 56 3.36 -9.25 -43.96
C ARG E 56 2.07 -8.44 -43.95
N PRO E 57 2.08 -7.21 -44.46
CA PRO E 57 0.85 -6.43 -44.53
C PRO E 57 -0.07 -6.95 -45.62
N SER E 58 -1.33 -6.50 -45.55
CA SER E 58 -2.32 -6.91 -46.54
C SER E 58 -1.89 -6.47 -47.94
N GLY E 59 -2.07 -7.36 -48.90
CA GLY E 59 -1.69 -7.11 -50.27
C GLY E 59 -0.42 -7.80 -50.72
N VAL E 60 0.40 -8.26 -49.77
CA VAL E 60 1.60 -9.02 -50.14
C VAL E 60 1.17 -10.39 -50.65
N PRO E 61 1.61 -10.81 -51.84
CA PRO E 61 1.11 -12.05 -52.46
C PRO E 61 1.73 -13.33 -51.88
N ASP E 62 1.84 -13.39 -50.56
CA ASP E 62 2.11 -14.63 -49.82
C ASP E 62 3.34 -15.40 -50.29
N ARG E 63 4.20 -14.76 -51.09
CA ARG E 63 5.41 -15.42 -51.57
C ARG E 63 6.69 -14.76 -51.11
N PHE E 64 6.60 -13.63 -50.41
CA PHE E 64 7.75 -12.98 -49.82
C PHE E 64 7.84 -13.34 -48.34
N SER E 65 9.06 -13.59 -47.87
CA SER E 65 9.26 -13.90 -46.47
C SER E 65 10.68 -13.54 -46.08
N GLY E 66 10.87 -13.27 -44.79
CA GLY E 66 12.17 -12.90 -44.28
C GLY E 66 12.28 -13.20 -42.79
N SER E 67 13.52 -13.18 -42.31
CA SER E 67 13.80 -13.47 -40.92
C SER E 67 15.08 -12.78 -40.50
N LYS E 68 15.23 -12.56 -39.20
CA LYS E 68 16.41 -11.93 -38.63
C LYS E 68 16.99 -12.80 -37.53
N SER E 69 18.31 -12.90 -37.50
CA SER E 69 19.01 -13.66 -36.47
C SER E 69 20.41 -13.08 -36.32
N GLY E 70 20.81 -12.83 -35.08
CA GLY E 70 22.11 -12.23 -34.85
C GLY E 70 22.15 -10.82 -35.43
N THR E 71 23.14 -10.56 -36.27
CA THR E 71 23.29 -9.27 -36.93
C THR E 71 23.10 -9.39 -38.43
N SER E 72 22.35 -10.40 -38.87
CA SER E 72 22.10 -10.60 -40.28
C SER E 72 20.64 -10.96 -40.49
N ALA E 73 20.08 -10.48 -41.60
CA ALA E 73 18.71 -10.78 -41.97
C ALA E 73 18.66 -11.08 -43.46
N SER E 74 17.66 -11.87 -43.85
CA SER E 74 17.55 -12.29 -45.24
C SER E 74 16.10 -12.16 -45.70
N LEU E 75 15.93 -11.98 -47.01
CA LEU E 75 14.63 -11.89 -47.64
C LEU E 75 14.50 -13.00 -48.66
N ALA E 76 13.38 -13.72 -48.63
CA ALA E 76 13.16 -14.90 -49.45
C ALA E 76 11.99 -14.67 -50.39
N ILE E 77 12.20 -14.95 -51.67
CA ILE E 77 11.17 -14.87 -52.69
C ILE E 77 11.01 -16.25 -53.30
N THR E 78 9.80 -16.79 -53.24
CA THR E 78 9.50 -18.10 -53.79
C THR E 78 8.63 -17.95 -55.03
N GLY E 79 9.03 -18.60 -56.11
CA GLY E 79 8.31 -18.48 -57.37
C GLY E 79 8.51 -17.15 -58.04
N LEU E 80 9.76 -16.87 -58.42
CA LEU E 80 10.08 -15.61 -59.08
C LEU E 80 9.38 -15.53 -60.43
N GLN E 81 8.88 -14.33 -60.75
CA GLN E 81 8.25 -14.10 -62.04
C GLN E 81 8.64 -12.74 -62.61
N ALA E 82 8.00 -12.34 -63.72
CA ALA E 82 8.51 -11.24 -64.53
C ALA E 82 8.37 -9.88 -63.85
N GLU E 83 7.20 -9.55 -63.33
CA GLU E 83 6.97 -8.18 -62.84
C GLU E 83 7.62 -7.89 -61.50
N ASP E 84 8.24 -8.88 -60.86
CA ASP E 84 9.00 -8.64 -59.63
C ASP E 84 10.40 -8.11 -59.98
N GLU E 85 10.40 -7.04 -60.77
CA GLU E 85 11.62 -6.42 -61.28
C GLU E 85 11.69 -5.00 -60.73
N ALA E 86 12.44 -4.82 -59.64
CA ALA E 86 12.51 -3.53 -58.97
C ALA E 86 13.72 -3.53 -58.04
N ASP E 87 13.86 -2.45 -57.27
CA ASP E 87 14.91 -2.32 -56.28
C ASP E 87 14.36 -2.65 -54.90
N TYR E 88 15.17 -3.31 -54.08
CA TYR E 88 14.78 -3.73 -52.75
C TYR E 88 15.73 -3.13 -51.72
N TYR E 89 15.15 -2.63 -50.62
CA TYR E 89 15.92 -1.97 -49.58
C TYR E 89 15.61 -2.60 -48.23
N CYS E 90 16.60 -2.59 -47.34
CA CYS E 90 16.43 -3.06 -45.97
C CYS E 90 16.72 -1.91 -45.02
N GLN E 91 15.86 -1.76 -44.01
CA GLN E 91 15.91 -0.65 -43.08
C GLN E 91 16.19 -1.16 -41.67
N SER E 92 16.63 -0.25 -40.82
CA SER E 92 16.84 -0.54 -39.40
C SER E 92 16.99 0.79 -38.67
N TYR E 93 17.35 0.71 -37.39
CA TYR E 93 17.56 1.88 -36.55
C TYR E 93 18.97 1.80 -35.97
N ASP E 94 19.55 2.95 -35.66
CA ASP E 94 20.91 3.01 -35.15
C ASP E 94 20.96 3.87 -33.89
N ARG E 95 21.87 3.52 -32.99
CA ARG E 95 21.97 4.24 -31.72
C ARG E 95 22.35 5.70 -31.93
N SER E 96 23.31 5.97 -32.82
CA SER E 96 23.81 7.32 -33.01
C SER E 96 23.43 7.94 -34.35
N LEU E 97 23.07 7.14 -35.36
CA LEU E 97 22.70 7.66 -36.67
C LEU E 97 21.20 7.72 -36.89
N ASN E 98 20.40 7.36 -35.88
CA ASN E 98 18.94 7.35 -35.99
C ASN E 98 18.55 6.41 -37.14
N TRP E 99 17.55 6.75 -37.94
CA TRP E 99 17.09 5.85 -38.99
C TRP E 99 18.16 5.68 -40.06
N VAL E 100 18.39 4.45 -40.48
CA VAL E 100 19.39 4.14 -41.50
C VAL E 100 18.75 3.26 -42.57
N PHE E 101 19.27 3.38 -43.79
CA PHE E 101 18.79 2.63 -44.93
C PHE E 101 19.92 1.84 -45.56
N GLY E 102 19.57 0.70 -46.14
CA GLY E 102 20.56 -0.13 -46.79
C GLY E 102 21.03 0.46 -48.10
N GLY E 103 22.07 -0.15 -48.66
CA GLY E 103 22.61 0.32 -49.92
C GLY E 103 21.62 0.19 -51.06
N GLY E 104 20.78 -0.84 -51.03
CA GLY E 104 19.80 -1.07 -52.06
C GLY E 104 20.29 -2.02 -53.12
N THR E 105 19.51 -3.07 -53.38
CA THR E 105 19.87 -4.08 -54.38
C THR E 105 18.87 -4.05 -55.52
N LYS E 106 19.33 -4.44 -56.70
CA LYS E 106 18.50 -4.52 -57.89
C LYS E 106 18.33 -5.98 -58.28
N LEU E 107 17.08 -6.42 -58.36
CA LEU E 107 16.76 -7.80 -58.73
C LEU E 107 16.56 -7.87 -60.24
N THR E 108 17.21 -8.83 -60.87
CA THR E 108 17.15 -9.02 -62.31
C THR E 108 16.54 -10.38 -62.61
N VAL E 109 15.56 -10.41 -63.51
CA VAL E 109 14.93 -11.64 -63.96
C VAL E 109 15.48 -11.99 -65.34
N LEU E 110 15.90 -13.24 -65.50
CA LEU E 110 16.53 -13.70 -66.74
C LEU E 110 15.53 -14.55 -67.51
N GLY E 111 14.72 -13.88 -68.33
CA GLY E 111 13.71 -14.56 -69.11
C GLY E 111 13.52 -14.04 -70.52
N GLN E 112 14.57 -13.49 -71.12
CA GLN E 112 14.45 -12.97 -72.47
C GLN E 112 15.77 -13.11 -73.20
N PRO E 113 15.76 -13.59 -74.46
CA PRO E 113 17.02 -13.80 -75.18
C PRO E 113 17.75 -12.50 -75.46
N LYS E 114 19.07 -12.59 -75.51
CA LYS E 114 19.91 -11.44 -75.83
C LYS E 114 19.66 -10.98 -77.25
N ALA E 115 19.60 -9.66 -77.44
CA ALA E 115 19.36 -9.04 -78.74
C ALA E 115 20.51 -8.11 -79.08
N ALA E 116 21.00 -8.21 -80.31
CA ALA E 116 22.08 -7.34 -80.74
C ALA E 116 21.56 -5.93 -80.98
N PRO E 117 22.35 -4.90 -80.69
CA PRO E 117 21.89 -3.53 -80.83
C PRO E 117 21.93 -3.05 -82.28
N SER E 118 21.24 -1.94 -82.53
CA SER E 118 21.24 -1.27 -83.82
C SER E 118 21.87 0.10 -83.66
N VAL E 119 22.80 0.43 -84.53
CA VAL E 119 23.56 1.68 -84.45
C VAL E 119 23.26 2.51 -85.69
N THR E 120 23.02 3.80 -85.48
CA THR E 120 22.82 4.75 -86.57
C THR E 120 23.71 5.97 -86.32
N LEU E 121 24.51 6.33 -87.31
CA LEU E 121 25.45 7.43 -87.21
C LEU E 121 24.99 8.57 -88.12
N PHE E 122 24.88 9.77 -87.57
CA PHE E 122 24.44 10.94 -88.31
C PHE E 122 25.60 11.89 -88.53
N PRO E 123 26.01 12.14 -89.76
CA PRO E 123 27.06 13.13 -90.03
C PRO E 123 26.62 14.52 -89.59
N PRO E 124 27.56 15.35 -89.14
CA PRO E 124 27.21 16.76 -88.85
C PRO E 124 26.65 17.44 -90.09
N SER E 125 25.64 18.27 -89.88
CA SER E 125 24.94 18.91 -90.98
C SER E 125 25.62 20.23 -91.35
N SER E 126 25.27 20.75 -92.53
CA SER E 126 25.86 21.99 -93.01
C SER E 126 25.52 23.16 -92.11
N GLU E 127 24.25 23.28 -91.72
CA GLU E 127 23.85 24.38 -90.85
C GLU E 127 24.52 24.28 -89.48
N GLU E 128 24.80 23.06 -89.02
CA GLU E 128 25.61 22.90 -87.81
C GLU E 128 27.00 23.47 -88.00
N LEU E 129 27.62 23.19 -89.14
CA LEU E 129 28.96 23.72 -89.43
C LEU E 129 28.95 25.24 -89.62
N GLN E 130 27.80 25.82 -89.92
CA GLN E 130 27.73 27.27 -90.10
C GLN E 130 28.08 28.01 -88.82
N ALA E 131 27.61 27.51 -87.67
CA ALA E 131 27.92 28.11 -86.38
C ALA E 131 29.21 27.55 -85.79
N ASN E 132 30.27 27.57 -86.60
CA ASN E 132 31.65 27.22 -86.24
C ASN E 132 31.75 26.05 -85.26
N LYS E 133 30.94 25.02 -85.48
CA LYS E 133 30.93 23.87 -84.58
C LYS E 133 30.47 22.64 -85.35
N ALA E 134 30.98 21.48 -84.96
CA ALA E 134 30.60 20.21 -85.57
C ALA E 134 30.25 19.21 -84.48
N THR E 135 29.10 18.57 -84.62
CA THR E 135 28.62 17.57 -83.68
C THR E 135 28.28 16.29 -84.42
N LEU E 136 28.81 15.17 -83.92
CA LEU E 136 28.55 13.85 -84.49
C LEU E 136 27.57 13.11 -83.60
N VAL E 137 26.49 12.63 -84.20
CA VAL E 137 25.39 11.99 -83.46
C VAL E 137 25.46 10.50 -83.72
N CYS E 138 25.55 9.72 -82.64
CA CYS E 138 25.57 8.26 -82.70
C CYS E 138 24.47 7.73 -81.81
N LEU E 139 23.66 6.82 -82.35
CA LEU E 139 22.49 6.29 -81.65
C LEU E 139 22.57 4.77 -81.59
N ILE E 140 22.34 4.23 -80.40
CA ILE E 140 22.34 2.78 -80.17
C ILE E 140 21.02 2.41 -79.51
N SER E 141 20.39 1.35 -79.99
CA SER E 141 19.08 0.96 -79.47
C SER E 141 18.88 -0.54 -79.66
N ASP E 142 17.85 -1.05 -78.98
CA ASP E 142 17.38 -2.43 -79.12
C ASP E 142 18.48 -3.43 -78.77
N PHE E 143 18.90 -3.41 -77.51
CA PHE E 143 19.81 -4.42 -76.97
C PHE E 143 19.32 -4.83 -75.59
N TYR E 144 19.25 -6.14 -75.35
CA TYR E 144 18.78 -6.67 -74.09
C TYR E 144 19.88 -6.64 -73.01
N PRO E 145 21.14 -7.00 -73.32
CA PRO E 145 22.20 -6.76 -72.33
C PRO E 145 22.52 -5.28 -72.22
N GLY E 146 22.11 -4.66 -71.11
CA GLY E 146 22.32 -3.24 -70.93
C GLY E 146 23.73 -2.87 -70.53
N ALA E 147 24.70 -3.28 -71.34
CA ALA E 147 26.11 -2.96 -71.09
C ALA E 147 26.80 -2.80 -72.45
N VAL E 148 26.88 -1.56 -72.91
CA VAL E 148 27.51 -1.23 -74.18
C VAL E 148 28.47 -0.07 -73.96
N THR E 149 29.63 -0.15 -74.62
CA THR E 149 30.64 0.89 -74.55
C THR E 149 30.91 1.41 -75.96
N VAL E 150 30.96 2.73 -76.11
CA VAL E 150 31.16 3.38 -77.40
C VAL E 150 32.52 4.03 -77.40
N ALA E 151 33.36 3.66 -78.37
CA ALA E 151 34.66 4.26 -78.57
C ALA E 151 34.69 4.99 -79.90
N TRP E 152 35.12 6.26 -79.88
CA TRP E 152 35.16 7.09 -81.08
C TRP E 152 36.59 7.06 -81.62
N LYS E 153 36.80 6.22 -82.63
CA LYS E 153 38.10 6.08 -83.28
C LYS E 153 38.07 6.79 -84.62
N ALA E 154 39.02 7.71 -84.82
CA ALA E 154 39.17 8.44 -86.08
C ALA E 154 40.36 7.86 -86.83
N ASP E 155 40.12 7.41 -88.06
CA ASP E 155 41.14 6.73 -88.86
C ASP E 155 41.74 5.57 -88.07
N SER E 156 43.01 5.69 -87.69
CA SER E 156 43.67 4.70 -86.86
C SER E 156 43.94 5.22 -85.45
N SER E 157 43.43 6.38 -85.11
CA SER E 157 43.69 7.01 -83.81
C SER E 157 42.40 7.12 -83.01
N PRO E 158 42.23 6.35 -81.93
CA PRO E 158 41.04 6.52 -81.08
C PRO E 158 41.03 7.85 -80.35
N VAL E 159 40.08 8.72 -80.69
CA VAL E 159 39.99 10.03 -80.09
C VAL E 159 39.10 9.94 -78.85
N ASN E 160 39.58 10.47 -77.73
CA ASN E 160 38.85 10.40 -76.48
C ASN E 160 38.62 11.80 -75.91
N ALA E 161 38.23 12.75 -76.77
CA ALA E 161 37.96 14.12 -76.37
C ALA E 161 36.53 14.45 -76.77
N GLY E 162 35.69 14.72 -75.78
CA GLY E 162 34.30 15.06 -76.03
C GLY E 162 33.33 13.91 -76.04
N VAL E 163 33.76 12.72 -75.60
CA VAL E 163 32.86 11.56 -75.57
C VAL E 163 31.79 11.79 -74.53
N GLU E 164 30.53 11.61 -74.93
CA GLU E 164 29.38 11.92 -74.08
C GLU E 164 28.36 10.78 -74.13
N THR E 165 28.84 9.55 -73.99
CA THR E 165 27.95 8.40 -73.99
C THR E 165 27.04 8.42 -72.77
N THR E 166 25.76 8.12 -73.00
CA THR E 166 24.77 8.12 -71.94
C THR E 166 24.66 6.73 -71.32
N LYS E 167 23.70 6.56 -70.42
CA LYS E 167 23.37 5.34 -69.70
C LYS E 167 22.18 4.65 -70.35
N PRO E 168 22.18 3.32 -70.44
CA PRO E 168 21.05 2.62 -71.05
C PRO E 168 19.75 2.91 -70.32
N SER E 169 18.68 3.07 -71.10
CA SER E 169 17.36 3.35 -70.57
C SER E 169 16.36 2.37 -71.14
N LYS E 170 15.45 1.89 -70.30
CA LYS E 170 14.49 0.88 -70.75
C LYS E 170 13.53 1.46 -71.77
N GLN E 171 13.33 0.71 -72.86
CA GLN E 171 12.43 1.10 -73.92
C GLN E 171 11.06 0.47 -73.67
N SER E 172 10.06 0.92 -74.45
CA SER E 172 8.71 0.40 -74.28
C SER E 172 8.65 -1.10 -74.53
N ASN E 173 9.36 -1.58 -75.54
CA ASN E 173 9.39 -3.00 -75.87
C ASN E 173 10.49 -3.75 -75.10
N ASN E 174 10.51 -3.51 -73.78
CA ASN E 174 11.44 -4.13 -72.83
C ASN E 174 12.86 -4.23 -73.37
N LYS E 175 13.33 -3.18 -74.03
CA LYS E 175 14.69 -3.11 -74.55
C LYS E 175 15.37 -1.86 -74.01
N TYR E 176 16.62 -1.64 -74.42
CA TYR E 176 17.38 -0.49 -73.96
C TYR E 176 17.99 0.24 -75.15
N ALA E 177 18.22 1.54 -74.96
CA ALA E 177 18.80 2.40 -75.97
C ALA E 177 19.76 3.37 -75.31
N ALA E 178 20.71 3.88 -76.09
CA ALA E 178 21.69 4.82 -75.58
C ALA E 178 22.20 5.67 -76.73
N SER E 179 22.81 6.80 -76.39
CA SER E 179 23.36 7.72 -77.38
C SER E 179 24.73 8.19 -76.92
N SER E 180 25.62 8.41 -77.89
CA SER E 180 26.96 8.91 -77.63
C SER E 180 27.21 10.12 -78.51
N TYR E 181 27.64 11.22 -77.91
CA TYR E 181 27.84 12.48 -78.60
C TYR E 181 29.30 12.90 -78.50
N LEU E 182 29.79 13.56 -79.55
CA LEU E 182 31.16 14.08 -79.57
C LEU E 182 31.18 15.32 -80.44
N SER E 183 31.65 16.43 -79.86
CA SER E 183 31.72 17.70 -80.56
C SER E 183 33.10 17.91 -81.16
N LEU E 184 33.14 18.62 -82.28
CA LEU E 184 34.38 18.89 -82.98
C LEU E 184 34.33 20.29 -83.60
N THR E 185 35.51 20.85 -83.83
CA THR E 185 35.62 22.09 -84.59
C THR E 185 35.45 21.78 -86.08
N PRO E 186 34.97 22.75 -86.87
CA PRO E 186 34.84 22.50 -88.32
C PRO E 186 36.13 22.08 -88.98
N GLU E 187 37.27 22.59 -88.53
CA GLU E 187 38.55 22.20 -89.12
C GLU E 187 38.83 20.73 -88.91
N GLN E 188 38.58 20.22 -87.70
CA GLN E 188 38.83 18.81 -87.42
C GLN E 188 37.86 17.90 -88.14
N TRP E 189 36.64 18.39 -88.42
CA TRP E 189 35.66 17.58 -89.13
C TRP E 189 36.15 17.19 -90.52
N LYS E 190 36.75 18.15 -91.23
CA LYS E 190 37.32 17.88 -92.55
C LYS E 190 38.78 17.47 -92.49
N SER E 191 39.43 17.56 -91.33
CA SER E 191 40.85 17.25 -91.24
C SER E 191 41.11 15.77 -91.53
N HIS E 192 40.30 14.88 -90.97
CA HIS E 192 40.48 13.45 -91.15
C HIS E 192 39.73 12.98 -92.39
N LYS E 193 40.07 11.78 -92.86
CA LYS E 193 39.44 11.21 -94.04
C LYS E 193 38.12 10.51 -93.71
N SER E 194 37.97 10.00 -92.50
CA SER E 194 36.75 9.32 -92.10
C SER E 194 36.58 9.42 -90.60
N TYR E 195 35.33 9.26 -90.15
CA TYR E 195 35.00 9.23 -88.73
C TYR E 195 34.08 8.04 -88.47
N SER E 196 34.26 7.42 -87.31
CA SER E 196 33.55 6.19 -87.00
C SER E 196 33.08 6.21 -85.55
N CYS E 197 32.02 5.44 -85.28
CA CYS E 197 31.47 5.30 -83.94
C CYS E 197 31.15 3.82 -83.72
N GLN E 198 32.01 3.13 -82.99
CA GLN E 198 31.82 1.72 -82.71
C GLN E 198 31.06 1.53 -81.40
N VAL E 199 30.48 0.34 -81.25
CA VAL E 199 29.78 -0.04 -80.02
C VAL E 199 30.12 -1.50 -79.72
N THR E 200 30.38 -1.78 -78.45
CA THR E 200 30.68 -3.14 -77.99
C THR E 200 29.47 -3.70 -77.26
N HIS E 201 29.09 -4.93 -77.62
CA HIS E 201 27.90 -5.58 -77.04
C HIS E 201 28.28 -7.00 -76.65
N GLU E 202 28.72 -7.16 -75.40
CA GLU E 202 29.12 -8.47 -74.86
C GLU E 202 30.15 -9.14 -75.74
N GLY E 203 31.13 -8.36 -76.20
CA GLY E 203 32.15 -8.87 -77.08
C GLY E 203 31.91 -8.54 -78.54
N SER E 204 30.65 -8.57 -78.95
CA SER E 204 30.30 -8.22 -80.32
C SER E 204 30.51 -6.73 -80.54
N THR E 205 31.20 -6.39 -81.63
CA THR E 205 31.51 -5.01 -81.97
C THR E 205 30.82 -4.65 -83.28
N VAL E 206 30.04 -3.58 -83.25
CA VAL E 206 29.37 -3.06 -84.43
C VAL E 206 29.81 -1.62 -84.63
N GLU E 207 30.27 -1.31 -85.83
CA GLU E 207 30.85 -0.01 -86.13
C GLU E 207 30.32 0.53 -87.45
N LYS E 208 30.10 1.84 -87.48
CA LYS E 208 29.69 2.55 -88.68
C LYS E 208 30.67 3.68 -88.95
N THR E 209 30.92 3.95 -90.23
CA THR E 209 31.92 4.91 -90.65
C THR E 209 31.29 6.00 -91.51
N VAL E 210 31.70 7.24 -91.29
CA VAL E 210 31.23 8.38 -92.06
C VAL E 210 32.45 9.16 -92.55
N ALA E 211 32.27 9.89 -93.64
CA ALA E 211 33.32 10.68 -94.25
C ALA E 211 32.87 12.13 -94.38
N PRO E 212 33.83 13.07 -94.37
CA PRO E 212 33.45 14.49 -94.50
C PRO E 212 32.68 14.80 -95.77
N ALA E 213 33.03 14.15 -96.89
CA ALA E 213 32.33 14.36 -98.15
C ALA E 213 31.56 13.12 -98.58
N GLU E 214 32.24 11.97 -98.73
CA GLU E 214 31.61 10.70 -99.10
C GLU E 214 30.78 10.87 -100.37
N CYS E 215 31.35 11.56 -101.36
CA CYS E 215 30.69 11.82 -102.62
C CYS E 215 31.46 11.14 -103.75
N SER E 216 30.74 10.39 -104.58
CA SER E 216 31.35 9.70 -105.71
C SER E 216 30.34 9.51 -106.85
N GLN F 1 -7.32 5.08 -47.90
CA GLN F 1 -7.80 6.43 -48.09
C GLN F 1 -6.72 7.44 -47.70
N VAL F 2 -5.69 6.95 -46.99
CA VAL F 2 -4.58 7.82 -46.63
C VAL F 2 -3.92 8.35 -47.89
N GLN F 3 -3.59 9.64 -47.89
CA GLN F 3 -3.06 10.29 -49.07
C GLN F 3 -2.16 11.44 -48.65
N LEU F 4 -0.95 11.49 -49.21
CA LEU F 4 -0.01 12.57 -48.97
C LEU F 4 0.36 13.22 -50.29
N VAL F 5 0.48 14.54 -50.28
CA VAL F 5 0.80 15.32 -51.47
C VAL F 5 1.94 16.26 -51.14
N GLU F 6 2.96 16.30 -52.00
CA GLU F 6 4.10 17.19 -51.85
C GLU F 6 3.98 18.35 -52.83
N SER F 7 4.59 19.48 -52.47
CA SER F 7 4.59 20.63 -53.36
C SER F 7 5.77 21.53 -52.99
N GLY F 8 6.16 22.38 -53.93
CA GLY F 8 7.22 23.34 -53.73
C GLY F 8 8.52 23.03 -54.43
N GLY F 9 8.58 21.99 -55.24
CA GLY F 9 9.81 21.67 -55.94
C GLY F 9 10.15 22.69 -57.01
N GLY F 10 11.42 22.72 -57.37
CA GLY F 10 11.88 23.65 -58.39
C GLY F 10 13.37 23.59 -58.54
N VAL F 11 13.91 24.56 -59.28
CA VAL F 11 15.34 24.68 -59.54
C VAL F 11 15.84 25.95 -58.88
N VAL F 12 16.92 25.83 -58.11
CA VAL F 12 17.48 26.95 -57.37
C VAL F 12 19.00 26.93 -57.52
N LYS F 13 19.59 28.11 -57.67
CA LYS F 13 21.03 28.23 -57.73
C LYS F 13 21.65 27.93 -56.36
N PRO F 14 22.89 27.47 -56.32
CA PRO F 14 23.52 27.15 -55.03
C PRO F 14 23.60 28.37 -54.14
N GLY F 15 23.49 28.13 -52.83
CA GLY F 15 23.54 29.21 -51.86
C GLY F 15 22.23 29.97 -51.72
N GLY F 16 21.11 29.29 -51.87
CA GLY F 16 19.80 29.91 -51.76
C GLY F 16 18.98 29.26 -50.66
N SER F 17 17.66 29.34 -50.82
CA SER F 17 16.73 28.78 -49.85
C SER F 17 15.45 28.37 -50.56
N LEU F 18 14.71 27.48 -49.92
CA LEU F 18 13.46 26.96 -50.49
C LEU F 18 12.65 26.33 -49.37
N ARG F 19 11.33 26.31 -49.55
CA ARG F 19 10.40 25.79 -48.54
C ARG F 19 9.52 24.72 -49.19
N VAL F 20 9.88 23.46 -48.97
CA VAL F 20 9.06 22.34 -49.44
C VAL F 20 7.90 22.14 -48.47
N SER F 21 6.81 21.57 -48.97
CA SER F 21 5.62 21.35 -48.16
C SER F 21 5.07 19.94 -48.40
N CYS F 22 4.19 19.52 -47.50
CA CYS F 22 3.53 18.22 -47.59
C CYS F 22 2.20 18.34 -46.88
N VAL F 23 1.11 18.12 -47.62
CA VAL F 23 -0.25 18.27 -47.10
C VAL F 23 -0.89 16.90 -47.02
N VAL F 24 -1.37 16.55 -45.83
CA VAL F 24 -1.89 15.22 -45.58
C VAL F 24 -3.41 15.27 -45.54
N SER F 25 -4.05 14.11 -45.56
CA SER F 25 -5.50 14.00 -45.48
C SER F 25 -5.87 12.54 -45.28
N GLY F 26 -6.94 12.31 -44.53
CA GLY F 26 -7.48 10.98 -44.35
C GLY F 26 -7.18 10.31 -43.03
N PHE F 27 -6.50 10.99 -42.11
CA PHE F 27 -6.24 10.42 -40.79
C PHE F 27 -5.97 11.56 -39.82
N THR F 28 -6.03 11.24 -38.54
CA THR F 28 -5.77 12.22 -37.49
C THR F 28 -4.30 12.62 -37.55
N PHE F 29 -4.03 13.80 -38.07
CA PHE F 29 -2.65 14.21 -38.32
C PHE F 29 -1.88 14.45 -37.04
N SER F 30 -2.54 14.92 -35.99
CA SER F 30 -1.86 15.36 -34.77
C SER F 30 -1.58 14.20 -33.82
N SER F 31 -1.53 12.97 -34.33
CA SER F 31 -1.21 11.83 -33.50
C SER F 31 -0.04 11.01 -34.04
N TYR F 32 0.58 11.40 -35.14
CA TYR F 32 1.64 10.64 -35.77
C TYR F 32 2.89 11.48 -35.93
N ARG F 33 4.04 10.88 -35.64
CA ARG F 33 5.32 11.47 -36.02
C ARG F 33 5.47 11.41 -37.54
N MET F 34 6.11 12.43 -38.10
CA MET F 34 6.28 12.51 -39.55
C MET F 34 7.75 12.69 -39.90
N HIS F 35 8.13 12.20 -41.06
CA HIS F 35 9.52 12.15 -41.49
C HIS F 35 9.70 12.84 -42.84
N TRP F 36 10.97 13.05 -43.19
CA TRP F 36 11.36 13.55 -44.51
C TRP F 36 12.47 12.66 -45.04
N VAL F 37 12.21 11.97 -46.14
CA VAL F 37 13.17 11.05 -46.75
C VAL F 37 13.46 11.51 -48.16
N ARG F 38 14.75 11.52 -48.52
CA ARG F 38 15.19 11.94 -49.83
C ARG F 38 15.90 10.80 -50.54
N GLN F 39 15.96 10.90 -51.87
CA GLN F 39 16.65 9.91 -52.69
C GLN F 39 17.31 10.62 -53.85
N ALA F 40 18.63 10.53 -53.93
CA ALA F 40 19.34 11.11 -55.06
C ALA F 40 18.96 10.37 -56.34
N PRO F 41 19.03 11.04 -57.50
CA PRO F 41 18.63 10.38 -58.75
C PRO F 41 19.49 9.17 -59.06
N GLY F 42 18.89 7.98 -59.03
CA GLY F 42 19.62 6.76 -59.29
C GLY F 42 20.41 6.23 -58.12
N LYS F 43 20.18 6.72 -56.91
CA LYS F 43 20.89 6.29 -55.71
C LYS F 43 19.90 5.72 -54.71
N GLY F 44 20.43 5.33 -53.54
CA GLY F 44 19.60 4.75 -52.50
C GLY F 44 18.93 5.79 -51.63
N LEU F 45 17.98 5.31 -50.83
CA LEU F 45 17.22 6.18 -49.94
C LEU F 45 18.11 6.66 -48.80
N GLU F 46 17.68 7.75 -48.17
CA GLU F 46 18.41 8.32 -47.05
C GLU F 46 17.47 9.18 -46.21
N TRP F 47 17.55 9.02 -44.89
CA TRP F 47 16.72 9.79 -43.98
C TRP F 47 17.32 11.17 -43.76
N VAL F 48 16.45 12.17 -43.61
CA VAL F 48 16.85 13.56 -43.56
C VAL F 48 16.45 14.23 -42.26
N SER F 49 15.19 14.07 -41.85
CA SER F 49 14.70 14.76 -40.67
C SER F 49 13.59 13.94 -40.02
N SER F 50 13.05 14.47 -38.92
CA SER F 50 11.99 13.82 -38.16
C SER F 50 11.46 14.82 -37.13
N ILE F 51 10.18 14.66 -36.78
CA ILE F 51 9.56 15.54 -35.80
C ILE F 51 8.39 14.81 -35.14
N THR F 52 8.25 14.97 -33.83
CA THR F 52 7.20 14.29 -33.09
C THR F 52 5.85 14.95 -33.40
N ALA F 53 4.81 14.51 -32.68
CA ALA F 53 3.46 14.95 -32.97
C ALA F 53 3.11 16.29 -32.34
N SER F 54 4.03 16.91 -31.61
CA SER F 54 3.74 18.22 -31.02
C SER F 54 4.94 19.16 -31.12
N SER F 55 5.88 18.90 -32.02
CA SER F 55 7.04 19.76 -32.25
C SER F 55 7.85 19.95 -30.96
N SER F 56 8.06 18.85 -30.25
CA SER F 56 8.82 18.86 -29.01
C SER F 56 10.23 18.31 -29.18
N TYR F 57 10.38 17.14 -29.80
CA TYR F 57 11.68 16.54 -30.04
C TYR F 57 11.92 16.47 -31.54
N ILE F 58 13.03 17.05 -31.99
CA ILE F 58 13.36 17.14 -33.41
C ILE F 58 14.73 16.53 -33.63
N ASN F 59 14.83 15.63 -34.60
CA ASN F 59 16.09 14.97 -34.93
C ASN F 59 16.45 15.27 -36.37
N TYR F 60 17.72 15.60 -36.59
CA TYR F 60 18.25 15.92 -37.91
C TYR F 60 19.35 14.94 -38.28
N ALA F 61 19.44 14.64 -39.57
CA ALA F 61 20.57 13.86 -40.07
C ALA F 61 21.86 14.65 -39.90
N GLU F 62 22.95 13.92 -39.66
CA GLU F 62 24.22 14.58 -39.42
C GLU F 62 24.67 15.40 -40.62
N SER F 63 24.44 14.86 -41.83
CA SER F 63 24.93 15.51 -43.03
C SER F 63 24.27 16.87 -43.30
N VAL F 64 23.10 17.13 -42.71
CA VAL F 64 22.37 18.36 -43.03
C VAL F 64 22.08 19.14 -41.75
N LYS F 65 22.78 18.82 -40.66
CA LYS F 65 22.54 19.51 -39.40
C LYS F 65 22.92 20.97 -39.51
N GLY F 66 22.09 21.83 -38.92
CA GLY F 66 22.37 23.25 -38.87
C GLY F 66 22.04 24.01 -40.14
N ARG F 67 21.49 23.36 -41.16
CA ARG F 67 21.17 24.03 -42.40
C ARG F 67 19.71 23.93 -42.81
N PHE F 68 18.97 22.94 -42.31
CA PHE F 68 17.57 22.75 -42.63
C PHE F 68 16.72 23.15 -41.44
N THR F 69 15.39 23.12 -41.63
CA THR F 69 14.46 23.45 -40.57
C THR F 69 13.13 22.77 -40.85
N ILE F 70 12.72 21.89 -39.96
CA ILE F 70 11.46 21.17 -40.10
C ILE F 70 10.43 21.81 -39.18
N SER F 71 9.19 21.88 -39.64
CA SER F 71 8.14 22.55 -38.88
C SER F 71 6.82 21.87 -39.14
N ARG F 72 5.86 22.11 -38.24
CA ARG F 72 4.54 21.51 -38.32
C ARG F 72 3.48 22.56 -38.05
N ASP F 73 2.26 22.27 -38.48
CA ASP F 73 1.11 23.10 -38.16
C ASP F 73 -0.11 22.18 -38.13
N ASN F 74 -0.49 21.73 -36.93
CA ASN F 74 -1.56 20.76 -36.80
C ASN F 74 -2.90 21.29 -37.28
N ALA F 75 -3.07 22.61 -37.31
CA ALA F 75 -4.35 23.18 -37.70
C ALA F 75 -4.60 23.01 -39.20
N LYS F 76 -3.57 23.24 -40.02
CA LYS F 76 -3.73 23.18 -41.46
C LYS F 76 -3.38 21.83 -42.06
N ASN F 77 -3.00 20.85 -41.23
CA ASN F 77 -2.66 19.51 -41.69
C ASN F 77 -1.55 19.55 -42.73
N SER F 78 -0.40 20.07 -42.31
CA SER F 78 0.74 20.17 -43.20
C SER F 78 2.01 20.32 -42.38
N LEU F 79 3.14 19.94 -42.99
CA LEU F 79 4.45 20.15 -42.42
C LEU F 79 5.39 20.71 -43.48
N TYR F 80 6.39 21.44 -43.03
CA TYR F 80 7.27 22.19 -43.93
C TYR F 80 8.72 21.81 -43.68
N LEU F 81 9.57 22.09 -44.66
CA LEU F 81 11.01 21.84 -44.56
C LEU F 81 11.74 23.01 -45.20
N GLN F 82 12.14 23.99 -44.39
CA GLN F 82 12.90 25.13 -44.88
C GLN F 82 14.37 24.75 -45.00
N MET F 83 14.96 25.05 -46.15
CA MET F 83 16.37 24.74 -46.41
C MET F 83 17.17 26.02 -46.56
N ASN F 84 18.45 25.94 -46.20
CA ASN F 84 19.35 27.08 -46.29
C ASN F 84 20.72 26.60 -46.73
N SER F 85 21.43 27.46 -47.46
CA SER F 85 22.79 27.19 -47.93
C SER F 85 22.84 25.88 -48.72
N LEU F 86 21.98 25.77 -49.72
CA LEU F 86 21.92 24.56 -50.52
C LEU F 86 23.21 24.35 -51.29
N ARG F 87 23.58 23.09 -51.46
CA ARG F 87 24.81 22.72 -52.15
C ARG F 87 24.49 21.83 -53.35
N ALA F 88 25.51 21.62 -54.18
CA ALA F 88 25.32 20.87 -55.42
C ALA F 88 24.92 19.42 -55.14
N GLU F 89 25.56 18.80 -54.15
CA GLU F 89 25.30 17.40 -53.83
C GLU F 89 23.99 17.19 -53.08
N ASP F 90 23.16 18.22 -52.96
CA ASP F 90 21.92 18.13 -52.22
C ASP F 90 20.70 17.91 -53.11
N THR F 91 20.87 17.86 -54.42
CA THR F 91 19.73 17.62 -55.30
C THR F 91 19.26 16.18 -55.18
N ALA F 92 17.95 15.99 -55.06
CA ALA F 92 17.36 14.67 -54.90
C ALA F 92 15.85 14.82 -55.04
N VAL F 93 15.12 13.72 -54.80
CA VAL F 93 13.67 13.72 -54.73
C VAL F 93 13.29 13.53 -53.27
N TYR F 94 12.40 14.39 -52.77
CA TYR F 94 12.09 14.45 -51.35
C TYR F 94 10.72 13.83 -51.08
N TYR F 95 10.66 12.95 -50.09
CA TYR F 95 9.43 12.28 -49.70
C TYR F 95 9.06 12.66 -48.28
N CYS F 96 7.76 12.72 -48.01
CA CYS F 96 7.24 12.85 -46.66
C CYS F 96 6.48 11.57 -46.32
N ALA F 97 6.87 10.93 -45.23
CA ALA F 97 6.35 9.61 -44.88
C ALA F 97 5.89 9.58 -43.43
N ARG F 98 4.72 8.98 -43.19
CA ARG F 98 4.22 8.83 -41.84
C ARG F 98 5.04 7.78 -41.10
N ASP F 99 5.01 7.84 -39.78
CA ASP F 99 5.77 6.94 -38.92
C ASP F 99 4.86 5.87 -38.35
N GLU F 100 5.37 4.66 -38.26
CA GLU F 100 4.69 3.54 -37.63
C GLU F 100 5.66 2.86 -36.67
N ASN F 101 5.15 2.41 -35.52
CA ASN F 101 5.99 1.70 -34.58
C ASN F 101 5.13 0.80 -33.71
N THR F 102 5.74 -0.28 -33.22
CA THR F 102 5.07 -1.17 -32.29
C THR F 102 5.28 -0.77 -30.84
N GLY F 103 6.12 0.22 -30.58
CA GLY F 103 6.29 0.71 -29.23
C GLY F 103 7.71 0.67 -28.71
N ILE F 104 8.46 -0.38 -29.02
CA ILE F 104 9.79 -0.52 -28.44
C ILE F 104 10.89 -0.62 -29.51
N SER F 105 10.86 -1.65 -30.34
CA SER F 105 12.02 -1.92 -31.20
C SER F 105 11.63 -2.19 -32.65
N HIS F 106 10.64 -1.48 -33.18
CA HIS F 106 10.31 -1.53 -34.59
C HIS F 106 9.90 -0.14 -35.05
N TYR F 107 10.48 0.31 -36.16
CA TYR F 107 10.16 1.64 -36.68
C TYR F 107 10.24 1.59 -38.20
N TRP F 108 9.18 2.04 -38.87
CA TRP F 108 9.12 1.98 -40.31
C TRP F 108 8.16 3.04 -40.81
N PHE F 109 8.24 3.32 -42.12
CA PHE F 109 7.44 4.35 -42.76
C PHE F 109 6.41 3.65 -43.65
N ASP F 110 5.19 3.50 -43.15
CA ASP F 110 4.21 2.79 -43.98
C ASP F 110 3.63 3.67 -45.10
N PRO F 111 2.97 4.80 -44.81
CA PRO F 111 2.35 5.56 -45.92
C PRO F 111 3.29 6.54 -46.63
N TRP F 112 4.07 6.04 -47.57
CA TRP F 112 4.93 6.92 -48.35
C TRP F 112 4.11 7.81 -49.28
N GLY F 113 4.57 9.03 -49.49
CA GLY F 113 3.92 9.98 -50.36
C GLY F 113 4.30 9.76 -51.81
N GLN F 114 4.08 10.81 -52.61
CA GLN F 114 4.41 10.74 -54.03
C GLN F 114 5.80 11.28 -54.31
N GLY F 115 6.10 12.49 -53.87
CA GLY F 115 7.44 13.02 -54.00
C GLY F 115 7.55 14.30 -54.79
N THR F 116 8.57 15.10 -54.48
CA THR F 116 8.88 16.32 -55.20
C THR F 116 10.36 16.36 -55.51
N LEU F 117 10.73 17.05 -56.57
CA LEU F 117 12.10 17.07 -57.07
C LEU F 117 12.70 18.46 -56.87
N VAL F 118 13.97 18.49 -56.46
CA VAL F 118 14.70 19.71 -56.21
C VAL F 118 16.03 19.63 -56.94
N THR F 119 16.28 20.57 -57.85
CA THR F 119 17.53 20.60 -58.60
C THR F 119 18.37 21.80 -58.15
N VAL F 120 19.64 21.55 -57.85
CA VAL F 120 20.58 22.60 -57.47
C VAL F 120 21.72 22.57 -58.46
N SER F 121 21.83 23.63 -59.27
CA SER F 121 22.91 23.74 -60.24
C SER F 121 23.28 25.21 -60.41
N SER F 122 24.54 25.46 -60.74
CA SER F 122 25.04 26.81 -60.91
C SER F 122 24.70 27.41 -62.28
N ALA F 123 24.30 26.58 -63.23
CA ALA F 123 23.99 27.07 -64.56
C ALA F 123 22.68 27.87 -64.56
N SER F 124 22.46 28.59 -65.65
CA SER F 124 21.25 29.38 -65.84
C SER F 124 20.43 28.82 -66.98
N THR F 125 19.15 29.22 -67.02
CA THR F 125 18.26 28.78 -68.08
C THR F 125 18.71 29.31 -69.44
N LYS F 126 18.47 28.52 -70.48
CA LYS F 126 18.86 28.90 -71.83
C LYS F 126 18.01 28.14 -72.82
N GLY F 127 17.53 28.83 -73.85
CA GLY F 127 16.74 28.23 -74.88
C GLY F 127 17.52 27.21 -75.68
N PRO F 128 16.83 26.16 -76.13
CA PRO F 128 17.52 25.10 -76.88
C PRO F 128 17.97 25.57 -78.24
N SER F 129 19.03 24.93 -78.74
CA SER F 129 19.54 25.17 -80.07
C SER F 129 19.27 23.95 -80.93
N VAL F 130 18.62 24.15 -82.07
CA VAL F 130 18.13 23.06 -82.91
C VAL F 130 18.95 23.00 -84.19
N PHE F 131 19.44 21.81 -84.52
CA PHE F 131 20.14 21.56 -85.77
C PHE F 131 19.63 20.26 -86.38
N PRO F 132 18.89 20.32 -87.48
CA PRO F 132 18.33 19.10 -88.07
C PRO F 132 19.41 18.20 -88.64
N LEU F 133 19.10 16.91 -88.68
CA LEU F 133 20.01 15.88 -89.19
C LEU F 133 19.43 15.38 -90.52
N ALA F 134 19.98 15.89 -91.62
CA ALA F 134 19.49 15.51 -92.94
C ALA F 134 19.84 14.07 -93.26
N PRO F 135 18.96 13.36 -93.97
CA PRO F 135 19.31 12.01 -94.43
C PRO F 135 20.49 12.05 -95.39
N SER F 136 21.32 11.02 -95.35
CA SER F 136 22.51 10.93 -96.17
C SER F 136 22.73 9.48 -96.59
N SER F 137 23.86 9.24 -97.24
CA SER F 137 24.21 7.89 -97.65
C SER F 137 24.46 7.00 -96.43
N LYS F 138 24.15 5.71 -96.58
CA LYS F 138 24.32 4.68 -95.56
C LYS F 138 23.29 4.87 -94.45
N SER F 139 22.54 5.96 -94.49
CA SER F 139 21.44 6.21 -93.57
C SER F 139 20.08 6.17 -94.25
N THR F 140 20.02 5.70 -95.49
CA THR F 140 18.78 5.61 -96.24
C THR F 140 18.80 4.30 -97.02
N SER F 141 17.88 4.18 -97.98
CA SER F 141 17.72 2.97 -98.81
C SER F 141 17.45 1.80 -97.86
N GLY F 142 17.92 0.59 -98.18
CA GLY F 142 17.66 -0.56 -97.34
C GLY F 142 16.18 -0.85 -97.18
N GLY F 143 15.68 -0.70 -95.95
CA GLY F 143 14.26 -0.83 -95.70
C GLY F 143 13.57 0.48 -95.44
N THR F 144 14.22 1.36 -94.67
CA THR F 144 13.66 2.65 -94.33
C THR F 144 14.77 3.70 -94.36
N ALA F 145 14.38 4.95 -94.22
CA ALA F 145 15.29 6.08 -94.11
C ALA F 145 15.13 6.75 -92.76
N ALA F 146 16.24 7.08 -92.13
CA ALA F 146 16.26 7.66 -90.79
C ALA F 146 16.58 9.14 -90.88
N LEU F 147 15.76 9.96 -90.22
CA LEU F 147 15.98 11.41 -90.19
C LEU F 147 15.42 11.96 -88.89
N GLY F 148 15.95 13.11 -88.49
CA GLY F 148 15.52 13.72 -87.25
C GLY F 148 16.19 15.07 -87.07
N CYS F 149 15.87 15.71 -85.94
CA CYS F 149 16.43 17.00 -85.59
C CYS F 149 17.05 16.92 -84.20
N LEU F 150 18.15 17.64 -84.03
CA LEU F 150 18.91 17.63 -82.78
C LEU F 150 18.57 18.87 -81.97
N VAL F 151 18.26 18.67 -80.69
CA VAL F 151 17.94 19.75 -79.75
C VAL F 151 19.08 19.83 -78.74
N LYS F 152 19.65 21.02 -78.58
CA LYS F 152 20.86 21.21 -77.81
C LYS F 152 20.72 22.40 -76.86
N ASP F 153 21.30 22.27 -75.67
CA ASP F 153 21.49 23.37 -74.73
C ASP F 153 20.16 23.96 -74.24
N TYR F 154 19.39 23.14 -73.54
CA TYR F 154 18.23 23.59 -72.78
C TYR F 154 18.39 23.13 -71.34
N PHE F 155 18.28 24.06 -70.40
CA PHE F 155 18.65 23.71 -69.02
C PHE F 155 17.63 22.83 -68.30
N PRO F 156 16.40 23.32 -68.00
CA PRO F 156 15.59 22.62 -66.99
C PRO F 156 14.69 21.52 -67.53
N GLU F 157 15.19 20.69 -68.44
CA GLU F 157 14.49 19.54 -69.00
C GLU F 157 13.04 19.73 -69.43
N PRO F 158 12.66 20.81 -70.14
CA PRO F 158 11.41 20.74 -70.90
C PRO F 158 11.68 20.36 -72.35
N VAL F 159 10.99 19.33 -72.84
CA VAL F 159 11.21 18.91 -74.22
C VAL F 159 9.92 18.30 -74.79
N THR F 160 9.49 18.80 -75.94
CA THR F 160 8.30 18.31 -76.62
C THR F 160 8.58 18.34 -78.12
N VAL F 161 8.95 17.20 -78.68
CA VAL F 161 9.25 17.12 -80.10
C VAL F 161 8.14 16.35 -80.81
N SER F 162 7.14 17.08 -81.30
CA SER F 162 6.06 16.51 -82.09
C SER F 162 6.20 17.01 -83.52
N TRP F 163 6.27 16.09 -84.47
CA TRP F 163 6.60 16.47 -85.84
C TRP F 163 5.39 17.05 -86.57
N ASN F 164 4.36 16.23 -86.78
CA ASN F 164 3.17 16.69 -87.49
C ASN F 164 2.09 17.14 -86.50
N SER F 165 2.48 18.07 -85.64
CA SER F 165 1.60 18.61 -84.60
C SER F 165 0.99 17.49 -83.76
N GLY F 166 1.78 16.48 -83.44
CA GLY F 166 1.32 15.33 -82.69
C GLY F 166 0.65 14.26 -83.51
N ALA F 167 0.62 14.38 -84.83
CA ALA F 167 0.00 13.37 -85.68
C ALA F 167 1.00 12.36 -86.24
N LEU F 168 2.29 12.68 -86.26
CA LEU F 168 3.33 11.77 -86.73
C LEU F 168 3.79 10.93 -85.53
N THR F 169 3.10 9.81 -85.32
CA THR F 169 3.39 8.90 -84.21
C THR F 169 3.41 7.47 -84.74
N SER F 170 4.22 7.25 -85.77
CA SER F 170 4.38 5.94 -86.38
C SER F 170 5.80 5.40 -86.22
N GLY F 171 6.80 6.12 -86.71
CA GLY F 171 8.17 5.68 -86.61
C GLY F 171 9.09 6.68 -85.93
N VAL F 172 8.59 7.35 -84.91
CA VAL F 172 9.33 8.37 -84.18
C VAL F 172 9.68 7.85 -82.79
N HIS F 173 10.94 8.06 -82.40
CA HIS F 173 11.39 7.70 -81.06
C HIS F 173 12.26 8.84 -80.52
N THR F 174 12.14 9.08 -79.22
CA THR F 174 12.88 10.14 -78.55
C THR F 174 13.87 9.52 -77.56
N PHE F 175 15.14 9.95 -77.64
CA PHE F 175 16.19 9.46 -76.78
C PHE F 175 16.35 10.35 -75.55
N PRO F 176 16.80 9.80 -74.43
CA PRO F 176 17.02 10.61 -73.23
C PRO F 176 18.13 11.64 -73.44
N ALA F 177 18.02 12.73 -72.69
CA ALA F 177 18.97 13.83 -72.81
C ALA F 177 20.34 13.44 -72.27
N VAL F 178 21.32 14.30 -72.52
CA VAL F 178 22.70 14.08 -72.11
C VAL F 178 23.19 15.32 -71.38
N LEU F 179 24.00 15.12 -70.35
CA LEU F 179 24.56 16.20 -69.56
C LEU F 179 25.97 16.53 -70.07
N GLN F 180 26.20 17.81 -70.39
CA GLN F 180 27.51 18.26 -70.80
C GLN F 180 28.40 18.53 -69.59
N SER F 181 29.65 18.91 -69.85
CA SER F 181 30.57 19.22 -68.76
C SER F 181 30.06 20.39 -67.93
N SER F 182 29.57 21.44 -68.58
CA SER F 182 28.93 22.55 -67.91
C SER F 182 27.47 22.19 -67.68
N GLY F 183 26.66 23.18 -67.29
CA GLY F 183 25.24 22.90 -67.12
C GLY F 183 24.49 23.06 -68.42
N LEU F 184 24.30 21.95 -69.12
CA LEU F 184 23.61 21.93 -70.41
C LEU F 184 22.96 20.57 -70.59
N TYR F 185 21.99 20.51 -71.49
CA TYR F 185 21.25 19.28 -71.76
C TYR F 185 20.83 19.25 -73.22
N SER F 186 21.00 18.09 -73.85
CA SER F 186 20.76 17.96 -75.27
C SER F 186 20.26 16.56 -75.57
N LEU F 187 19.47 16.43 -76.64
CA LEU F 187 18.98 15.13 -77.08
C LEU F 187 18.71 15.19 -78.57
N SER F 188 18.60 14.02 -79.18
CA SER F 188 18.24 13.89 -80.58
C SER F 188 17.09 12.89 -80.71
N SER F 189 16.11 13.26 -81.53
CA SER F 189 14.98 12.39 -81.84
C SER F 189 14.92 12.20 -83.34
N VAL F 190 14.80 10.94 -83.77
CA VAL F 190 14.84 10.61 -85.19
C VAL F 190 13.56 9.85 -85.56
N VAL F 191 13.23 9.94 -86.85
CA VAL F 191 12.03 9.31 -87.40
C VAL F 191 12.45 8.36 -88.51
N THR F 192 11.97 7.12 -88.44
CA THR F 192 12.24 6.13 -89.47
C THR F 192 11.09 6.12 -90.47
N VAL F 193 11.40 6.44 -91.72
CA VAL F 193 10.39 6.49 -92.78
C VAL F 193 10.91 5.72 -93.99
N PRO F 194 10.03 5.17 -94.82
CA PRO F 194 10.49 4.43 -96.01
C PRO F 194 11.29 5.34 -96.94
N SER F 195 12.33 4.76 -97.54
CA SER F 195 13.17 5.52 -98.47
C SER F 195 12.48 5.74 -99.80
N SER F 196 11.45 4.96 -100.13
CA SER F 196 10.72 5.17 -101.37
C SER F 196 10.00 6.51 -101.37
N SER F 197 9.41 6.88 -100.23
CA SER F 197 8.64 8.12 -100.10
C SER F 197 9.34 9.02 -99.09
N LEU F 198 10.26 9.84 -99.58
CA LEU F 198 10.95 10.82 -98.75
C LEU F 198 10.90 12.18 -99.44
N GLY F 199 10.79 13.24 -98.65
CA GLY F 199 10.71 14.58 -99.20
C GLY F 199 10.17 15.60 -98.22
N THR F 200 9.19 16.39 -98.65
CA THR F 200 8.59 17.43 -97.83
C THR F 200 7.19 17.03 -97.33
N GLN F 201 6.93 15.73 -97.23
CA GLN F 201 5.64 15.23 -96.76
C GLN F 201 5.53 15.40 -95.25
N THR F 202 5.36 16.66 -94.84
CA THR F 202 5.22 17.04 -93.43
C THR F 202 6.38 16.52 -92.59
N TYR F 203 7.60 16.65 -93.11
CA TYR F 203 8.81 16.28 -92.38
C TYR F 203 9.42 17.51 -91.73
N ILE F 204 8.77 17.96 -90.66
CA ILE F 204 9.24 19.09 -89.87
C ILE F 204 8.93 18.80 -88.40
N CYS F 205 9.84 19.18 -87.52
CA CYS F 205 9.71 18.89 -86.10
C CYS F 205 9.52 20.17 -85.30
N ASN F 206 8.58 20.13 -84.36
CA ASN F 206 8.25 21.28 -83.52
C ASN F 206 9.04 21.20 -82.22
N VAL F 207 9.68 22.30 -81.84
CA VAL F 207 10.47 22.38 -80.62
C VAL F 207 9.86 23.45 -79.72
N ASN F 208 9.60 23.08 -78.47
CA ASN F 208 9.02 24.00 -77.50
C ASN F 208 9.82 23.96 -76.21
N HIS F 209 10.03 25.13 -75.62
CA HIS F 209 10.75 25.28 -74.37
C HIS F 209 9.87 26.05 -73.40
N LYS F 210 9.72 25.54 -72.19
CA LYS F 210 8.73 26.09 -71.26
C LYS F 210 9.18 27.39 -70.59
N PRO F 211 10.32 27.45 -69.90
CA PRO F 211 10.66 28.69 -69.19
C PRO F 211 10.84 29.88 -70.13
N SER F 212 11.74 29.78 -71.08
CA SER F 212 11.82 30.70 -72.21
C SER F 212 11.20 30.00 -73.42
N ASN F 213 10.34 30.71 -74.14
CA ASN F 213 9.53 30.08 -75.18
C ASN F 213 10.42 29.37 -76.19
N THR F 214 11.23 30.13 -76.93
CA THR F 214 12.17 29.58 -77.91
C THR F 214 11.45 28.62 -78.86
N LYS F 215 10.29 29.03 -79.34
CA LYS F 215 9.52 28.21 -80.26
C LYS F 215 10.10 28.31 -81.66
N VAL F 216 10.71 27.23 -82.13
CA VAL F 216 11.36 27.19 -83.43
C VAL F 216 10.91 25.95 -84.18
N ASP F 217 10.60 26.14 -85.46
CA ASP F 217 10.19 25.06 -86.35
C ASP F 217 11.20 24.98 -87.49
N LYS F 218 11.86 23.84 -87.62
CA LYS F 218 12.94 23.67 -88.59
C LYS F 218 12.63 22.49 -89.50
N LYS F 219 12.61 22.75 -90.80
CA LYS F 219 12.29 21.75 -91.80
C LYS F 219 13.53 20.90 -92.11
N VAL F 220 13.33 19.58 -92.19
CA VAL F 220 14.39 18.65 -92.54
C VAL F 220 14.23 18.27 -94.01
N GLU F 221 15.35 18.28 -94.73
CA GLU F 221 15.36 17.95 -96.15
C GLU F 221 16.55 17.05 -96.43
N PRO F 222 16.42 16.14 -97.40
CA PRO F 222 17.54 15.24 -97.72
C PRO F 222 18.53 15.86 -98.69
N LYS F 223 19.81 15.74 -98.40
CA LYS F 223 20.88 16.26 -99.25
C LYS F 223 21.77 15.13 -99.72
N SER F 224 22.46 15.37 -100.83
CA SER F 224 23.36 14.38 -101.39
C SER F 224 24.51 14.08 -100.43
N CYS F 225 24.95 12.83 -100.42
CA CYS F 225 26.04 12.38 -99.55
C CYS F 225 25.71 12.61 -98.08
#